data_2DNE
#
_entry.id   2DNE
#
_entity_poly.entity_id   1
_entity_poly.type   'polypeptide(L)'
_entity_poly.pdbx_seq_one_letter_code
;GSSGSSGQKVPLPSLSPTMQAGTIARWEKKEGDKINEGDLIAEVETDKATVGFESLEECYMAKILVAEGTRDVPIGAIIC
ITVGKPEDIEAFKNYTLDSSAASGPSSG
;
_entity_poly.pdbx_strand_id   A
#
# COMPACT_ATOMS: atom_id res chain seq x y z
N GLY A 1 -21.39 5.58 -12.82
CA GLY A 1 -20.55 6.76 -12.90
C GLY A 1 -19.43 6.56 -13.92
N SER A 2 -18.45 5.75 -13.53
CA SER A 2 -17.32 5.47 -14.41
C SER A 2 -16.47 4.35 -13.82
N SER A 3 -16.57 3.18 -14.41
CA SER A 3 -15.82 2.03 -13.96
C SER A 3 -14.53 1.89 -14.78
N GLY A 4 -13.47 2.47 -14.25
CA GLY A 4 -12.18 2.41 -14.91
C GLY A 4 -11.21 1.50 -14.16
N SER A 5 -10.49 2.09 -13.21
CA SER A 5 -9.53 1.35 -12.42
C SER A 5 -10.19 0.86 -11.13
N SER A 6 -9.88 -0.38 -10.77
CA SER A 6 -10.43 -0.97 -9.56
C SER A 6 -9.31 -1.53 -8.70
N GLY A 7 -8.81 -0.68 -7.81
CA GLY A 7 -7.73 -1.08 -6.92
C GLY A 7 -8.10 -0.81 -5.45
N GLN A 8 -7.12 -0.98 -4.59
CA GLN A 8 -7.33 -0.77 -3.17
C GLN A 8 -6.12 -0.06 -2.56
N LYS A 9 -6.39 1.07 -1.92
CA LYS A 9 -5.34 1.85 -1.29
C LYS A 9 -5.05 1.28 0.10
N VAL A 10 -3.78 1.23 0.44
CA VAL A 10 -3.35 0.71 1.73
C VAL A 10 -2.80 1.86 2.57
N PRO A 11 -3.68 2.39 3.46
CA PRO A 11 -3.29 3.49 4.34
C PRO A 11 -2.39 3.00 5.47
N LEU A 12 -1.20 3.58 5.54
CA LEU A 12 -0.24 3.21 6.57
C LEU A 12 -0.98 2.99 7.90
N PRO A 13 -1.22 1.69 8.21
CA PRO A 13 -1.92 1.33 9.43
C PRO A 13 -1.00 1.48 10.64
N SER A 14 -1.52 2.14 11.66
CA SER A 14 -0.77 2.36 12.88
C SER A 14 -0.47 1.03 13.56
N LEU A 15 0.80 0.64 13.47
CA LEU A 15 1.23 -0.62 14.07
C LEU A 15 1.72 -0.36 15.50
N SER A 16 1.24 0.74 16.07
CA SER A 16 1.62 1.12 17.41
C SER A 16 0.51 1.96 18.05
N PRO A 17 0.68 2.23 19.37
CA PRO A 17 -0.29 3.02 20.11
C PRO A 17 -0.17 4.50 19.76
N THR A 18 0.97 5.07 20.11
CA THR A 18 1.23 6.47 19.84
C THR A 18 1.96 6.64 18.50
N MET A 19 1.61 5.77 17.57
CA MET A 19 2.23 5.81 16.25
C MET A 19 1.71 7.01 15.44
N GLN A 20 2.61 7.94 15.20
CA GLN A 20 2.27 9.13 14.45
C GLN A 20 2.85 9.06 13.03
N ALA A 21 3.92 8.29 12.92
CA ALA A 21 4.57 8.12 11.62
C ALA A 21 5.55 6.94 11.71
N GLY A 22 5.70 6.26 10.58
CA GLY A 22 6.59 5.12 10.52
C GLY A 22 7.53 5.22 9.31
N THR A 23 8.30 4.17 9.11
CA THR A 23 9.24 4.13 7.99
C THR A 23 9.19 2.76 7.31
N ILE A 24 9.02 2.81 5.99
CA ILE A 24 8.95 1.59 5.20
C ILE A 24 10.31 0.90 5.23
N ALA A 25 10.44 -0.02 6.19
CA ALA A 25 11.69 -0.76 6.34
C ALA A 25 12.04 -1.42 5.00
N ARG A 26 11.17 -2.33 4.59
CA ARG A 26 11.37 -3.04 3.34
C ARG A 26 10.05 -3.59 2.81
N TRP A 27 9.99 -3.76 1.50
CA TRP A 27 8.80 -4.27 0.86
C TRP A 27 8.99 -5.76 0.59
N GLU A 28 8.75 -6.55 1.63
CA GLU A 28 8.90 -7.99 1.52
C GLU A 28 8.40 -8.48 0.16
N LYS A 29 7.40 -7.77 -0.35
CA LYS A 29 6.83 -8.12 -1.64
C LYS A 29 7.12 -7.00 -2.64
N LYS A 30 7.01 -7.35 -3.92
CA LYS A 30 7.25 -6.39 -4.98
C LYS A 30 6.00 -6.27 -5.86
N GLU A 31 6.11 -5.42 -6.87
CA GLU A 31 4.99 -5.21 -7.78
C GLU A 31 4.80 -6.44 -8.66
N GLY A 32 3.55 -6.89 -8.72
CA GLY A 32 3.21 -8.06 -9.51
C GLY A 32 3.37 -9.35 -8.69
N ASP A 33 3.96 -9.19 -7.52
CA ASP A 33 4.17 -10.32 -6.63
C ASP A 33 2.85 -10.71 -5.97
N LYS A 34 2.56 -12.00 -6.00
CA LYS A 34 1.33 -12.50 -5.41
C LYS A 34 1.44 -12.44 -3.88
N ILE A 35 0.38 -11.95 -3.27
CA ILE A 35 0.34 -11.83 -1.82
C ILE A 35 -0.79 -12.69 -1.26
N ASN A 36 -0.51 -13.33 -0.14
CA ASN A 36 -1.51 -14.17 0.50
C ASN A 36 -1.71 -13.71 1.95
N GLU A 37 -2.95 -13.83 2.40
CA GLU A 37 -3.29 -13.42 3.75
C GLU A 37 -2.23 -13.90 4.74
N GLY A 38 -1.67 -12.96 5.47
CA GLY A 38 -0.64 -13.27 6.45
C GLY A 38 0.75 -12.93 5.91
N ASP A 39 0.95 -13.27 4.64
CA ASP A 39 2.23 -13.01 3.99
C ASP A 39 2.66 -11.57 4.29
N LEU A 40 3.92 -11.43 4.68
CA LEU A 40 4.47 -10.12 5.00
C LEU A 40 4.45 -9.25 3.73
N ILE A 41 3.85 -8.08 3.87
CA ILE A 41 3.77 -7.15 2.76
C ILE A 41 4.95 -6.18 2.81
N ALA A 42 5.30 -5.80 4.04
CA ALA A 42 6.40 -4.88 4.25
C ALA A 42 6.63 -4.68 5.75
N GLU A 43 7.77 -4.09 6.08
CA GLU A 43 8.11 -3.84 7.47
C GLU A 43 8.09 -2.34 7.76
N VAL A 44 7.65 -2.01 8.97
CA VAL A 44 7.56 -0.62 9.38
C VAL A 44 8.41 -0.42 10.64
N GLU A 45 9.17 0.67 10.64
CA GLU A 45 10.02 0.99 11.78
C GLU A 45 9.31 1.98 12.70
N THR A 46 9.07 1.52 13.92
CA THR A 46 8.40 2.36 14.91
C THR A 46 9.28 2.49 16.16
N ASP A 47 9.04 3.58 16.89
CA ASP A 47 9.79 3.83 18.11
C ASP A 47 9.97 2.52 18.88
N LYS A 48 9.00 1.63 18.71
CA LYS A 48 9.03 0.35 19.38
C LYS A 48 10.08 -0.54 18.71
N ALA A 49 9.94 -0.68 17.40
CA ALA A 49 10.86 -1.50 16.63
C ALA A 49 10.28 -1.72 15.22
N THR A 50 10.98 -2.55 14.47
CA THR A 50 10.55 -2.85 13.11
C THR A 50 9.42 -3.88 13.12
N VAL A 51 8.23 -3.41 12.80
CA VAL A 51 7.06 -4.27 12.78
C VAL A 51 6.88 -4.84 11.37
N GLY A 52 6.04 -5.86 11.29
CA GLY A 52 5.78 -6.51 10.01
C GLY A 52 4.29 -6.42 9.65
N PHE A 53 4.04 -5.86 8.48
CA PHE A 53 2.67 -5.71 8.00
C PHE A 53 2.24 -6.93 7.19
N GLU A 54 1.26 -7.64 7.72
CA GLU A 54 0.74 -8.83 7.06
C GLU A 54 -0.44 -8.46 6.16
N SER A 55 -0.65 -9.28 5.14
CA SER A 55 -1.75 -9.06 4.21
C SER A 55 -3.08 -9.36 4.88
N LEU A 56 -4.14 -8.79 4.32
CA LEU A 56 -5.47 -8.99 4.87
C LEU A 56 -6.16 -10.12 4.08
N GLU A 57 -5.62 -10.40 2.91
CA GLU A 57 -6.18 -11.45 2.07
C GLU A 57 -5.30 -11.64 0.83
N GLU A 58 -5.76 -12.54 -0.04
CA GLU A 58 -5.04 -12.82 -1.27
C GLU A 58 -5.20 -11.67 -2.26
N CYS A 59 -4.13 -11.41 -3.00
CA CYS A 59 -4.13 -10.35 -3.98
C CYS A 59 -2.71 -10.14 -4.48
N TYR A 60 -2.54 -9.11 -5.30
CA TYR A 60 -1.23 -8.80 -5.85
C TYR A 60 -0.89 -7.32 -5.65
N MET A 61 0.41 -7.05 -5.54
CA MET A 61 0.88 -5.70 -5.35
C MET A 61 0.51 -4.81 -6.54
N ALA A 62 -0.43 -3.90 -6.30
CA ALA A 62 -0.87 -2.99 -7.34
C ALA A 62 0.22 -1.94 -7.60
N LYS A 63 0.43 -1.10 -6.60
CA LYS A 63 1.44 -0.06 -6.70
C LYS A 63 2.03 0.21 -5.32
N ILE A 64 3.31 0.56 -5.32
CA ILE A 64 4.01 0.84 -4.08
C ILE A 64 4.33 2.33 -4.01
N LEU A 65 3.31 3.12 -3.72
CA LEU A 65 3.46 4.56 -3.63
C LEU A 65 4.72 4.88 -2.81
N VAL A 66 4.72 4.41 -1.57
CA VAL A 66 5.84 4.63 -0.68
C VAL A 66 6.81 3.44 -0.77
N ALA A 67 8.04 3.75 -1.15
CA ALA A 67 9.06 2.72 -1.27
C ALA A 67 9.66 2.42 0.10
N GLU A 68 10.69 1.59 0.09
CA GLU A 68 11.36 1.23 1.33
C GLU A 68 12.45 2.24 1.67
N GLY A 69 12.42 2.70 2.90
CA GLY A 69 13.41 3.68 3.36
C GLY A 69 12.75 5.04 3.61
N THR A 70 11.62 5.25 2.94
CA THR A 70 10.90 6.50 3.09
C THR A 70 10.60 6.77 4.55
N ARG A 71 11.38 7.68 5.13
CA ARG A 71 11.20 8.05 6.52
C ARG A 71 10.27 9.25 6.65
N ASP A 72 9.56 9.29 7.76
CA ASP A 72 8.62 10.38 8.01
C ASP A 72 7.27 10.05 7.36
N VAL A 73 6.93 8.77 7.39
CA VAL A 73 5.68 8.30 6.82
C VAL A 73 4.58 8.42 7.87
N PRO A 74 3.59 9.30 7.57
CA PRO A 74 2.46 9.51 8.48
C PRO A 74 1.50 8.34 8.42
N ILE A 75 0.62 8.30 9.42
CA ILE A 75 -0.38 7.23 9.49
C ILE A 75 -1.54 7.56 8.55
N GLY A 76 -1.92 6.57 7.77
CA GLY A 76 -3.01 6.73 6.82
C GLY A 76 -2.48 7.01 5.42
N ALA A 77 -1.23 7.45 5.36
CA ALA A 77 -0.60 7.75 4.09
C ALA A 77 -0.43 6.46 3.29
N ILE A 78 -1.23 6.35 2.23
CA ILE A 78 -1.17 5.18 1.38
C ILE A 78 0.28 4.76 1.18
N ILE A 79 0.56 3.51 1.54
CA ILE A 79 1.90 2.97 1.40
C ILE A 79 2.01 2.20 0.09
N CYS A 80 0.88 1.61 -0.31
CA CYS A 80 0.84 0.84 -1.55
C CYS A 80 -0.62 0.61 -1.92
N ILE A 81 -0.81 -0.04 -3.06
CA ILE A 81 -2.16 -0.33 -3.54
C ILE A 81 -2.25 -1.81 -3.90
N THR A 82 -3.47 -2.33 -3.83
CA THR A 82 -3.71 -3.72 -4.15
C THR A 82 -4.88 -3.86 -5.13
N VAL A 83 -4.84 -4.92 -5.91
CA VAL A 83 -5.88 -5.18 -6.89
C VAL A 83 -6.42 -6.60 -6.71
N GLY A 84 -7.27 -7.00 -7.63
CA GLY A 84 -7.86 -8.33 -7.59
C GLY A 84 -7.27 -9.22 -8.68
N LYS A 85 -6.51 -8.60 -9.57
CA LYS A 85 -5.88 -9.32 -10.67
C LYS A 85 -4.61 -8.59 -11.10
N PRO A 86 -3.68 -9.36 -11.69
CA PRO A 86 -2.42 -8.80 -12.15
C PRO A 86 -2.61 -7.99 -13.44
N GLU A 87 -3.64 -8.37 -14.19
CA GLU A 87 -3.95 -7.69 -15.43
C GLU A 87 -4.24 -6.21 -15.17
N ASP A 88 -4.50 -5.91 -13.91
CA ASP A 88 -4.80 -4.54 -13.52
C ASP A 88 -3.51 -3.85 -13.05
N ILE A 89 -2.65 -4.65 -12.43
CA ILE A 89 -1.38 -4.15 -11.92
C ILE A 89 -0.75 -3.24 -12.98
N GLU A 90 -0.57 -3.80 -14.17
CA GLU A 90 0.03 -3.06 -15.26
C GLU A 90 -0.57 -1.66 -15.34
N ALA A 91 -1.90 -1.61 -15.35
CA ALA A 91 -2.59 -0.33 -15.42
C ALA A 91 -2.20 0.53 -14.22
N PHE A 92 -1.98 -0.14 -13.10
CA PHE A 92 -1.59 0.55 -11.88
C PHE A 92 -0.08 0.80 -11.84
N LYS A 93 0.60 0.19 -12.79
CA LYS A 93 2.05 0.33 -12.88
C LYS A 93 2.40 1.81 -13.06
N ASN A 94 1.50 2.53 -13.72
CA ASN A 94 1.70 3.94 -13.96
C ASN A 94 0.57 4.73 -13.29
N TYR A 95 0.63 4.76 -11.97
CA TYR A 95 -0.37 5.48 -11.19
C TYR A 95 0.26 6.62 -10.39
N THR A 96 -0.49 7.71 -10.27
CA THR A 96 0.00 8.87 -9.54
C THR A 96 -1.17 9.58 -8.84
N LEU A 97 -0.93 9.98 -7.61
CA LEU A 97 -1.95 10.66 -6.82
C LEU A 97 -2.02 12.13 -7.28
N ASP A 98 -3.08 12.42 -8.01
CA ASP A 98 -3.28 13.78 -8.51
C ASP A 98 -1.99 14.26 -9.19
N SER A 99 -1.96 14.12 -10.50
CA SER A 99 -0.81 14.54 -11.28
C SER A 99 -0.59 16.04 -11.11
N SER A 100 0.27 16.38 -10.16
CA SER A 100 0.58 17.78 -9.89
C SER A 100 1.64 17.88 -8.80
N ALA A 101 2.83 18.28 -9.21
CA ALA A 101 3.94 18.41 -8.28
C ALA A 101 5.15 19.00 -9.01
N ALA A 102 6.06 19.56 -8.23
CA ALA A 102 7.27 20.16 -8.78
C ALA A 102 8.47 19.34 -8.35
N SER A 103 8.70 19.32 -7.05
CA SER A 103 9.82 18.59 -6.49
C SER A 103 9.60 18.35 -4.99
N GLY A 104 9.02 17.20 -4.68
CA GLY A 104 8.76 16.84 -3.30
C GLY A 104 7.25 16.82 -3.02
N PRO A 105 6.90 16.90 -1.71
CA PRO A 105 5.51 16.89 -1.30
C PRO A 105 4.84 18.24 -1.60
N SER A 106 3.82 18.19 -2.44
CA SER A 106 3.09 19.38 -2.82
C SER A 106 1.63 19.27 -2.36
N SER A 107 0.97 18.23 -2.84
CA SER A 107 -0.42 18.00 -2.49
C SER A 107 -1.23 19.30 -2.68
N GLY A 108 -1.81 19.41 -3.86
CA GLY A 108 -2.61 20.58 -4.19
C GLY A 108 -3.95 20.55 -3.45
N GLY A 1 -20.78 2.84 -11.09
CA GLY A 1 -20.97 2.02 -9.91
C GLY A 1 -20.41 0.61 -10.12
N SER A 2 -19.39 0.29 -9.35
CA SER A 2 -18.76 -1.01 -9.44
C SER A 2 -18.65 -1.43 -10.90
N SER A 3 -17.63 -0.92 -11.57
CA SER A 3 -17.40 -1.24 -12.97
C SER A 3 -15.91 -1.35 -13.25
N GLY A 4 -15.39 -2.56 -13.08
CA GLY A 4 -13.97 -2.80 -13.31
C GLY A 4 -13.29 -3.33 -12.05
N SER A 5 -12.18 -4.03 -12.25
CA SER A 5 -11.43 -4.59 -11.14
C SER A 5 -11.05 -3.48 -10.16
N SER A 6 -10.45 -2.43 -10.71
CA SER A 6 -10.02 -1.31 -9.89
C SER A 6 -8.88 -1.74 -8.96
N GLY A 7 -8.53 -0.83 -8.06
CA GLY A 7 -7.46 -1.10 -7.11
C GLY A 7 -7.91 -0.81 -5.68
N GLN A 8 -6.98 -0.94 -4.75
CA GLN A 8 -7.27 -0.69 -3.35
C GLN A 8 -6.08 -0.02 -2.67
N LYS A 9 -6.34 1.15 -2.11
CA LYS A 9 -5.30 1.91 -1.42
C LYS A 9 -5.09 1.32 -0.03
N VAL A 10 -3.82 1.20 0.33
CA VAL A 10 -3.46 0.65 1.63
C VAL A 10 -2.85 1.76 2.50
N PRO A 11 -3.71 2.34 3.37
CA PRO A 11 -3.27 3.41 4.25
C PRO A 11 -2.42 2.86 5.40
N LEU A 12 -1.28 3.49 5.61
CA LEU A 12 -0.38 3.07 6.67
C LEU A 12 -1.17 2.85 7.95
N PRO A 13 -1.38 1.55 8.28
CA PRO A 13 -2.12 1.18 9.47
C PRO A 13 -1.28 1.38 10.72
N SER A 14 -1.95 1.79 11.79
CA SER A 14 -1.27 2.02 13.06
C SER A 14 -0.69 0.71 13.59
N LEU A 15 0.63 0.63 13.57
CA LEU A 15 1.32 -0.55 14.05
C LEU A 15 1.77 -0.33 15.49
N SER A 16 1.23 0.72 16.09
CA SER A 16 1.56 1.06 17.47
C SER A 16 0.42 1.86 18.10
N PRO A 17 0.53 2.04 19.44
CA PRO A 17 -0.47 2.79 20.18
C PRO A 17 -0.34 4.29 19.93
N THR A 18 0.79 4.83 20.37
CA THR A 18 1.05 6.25 20.20
C THR A 18 1.81 6.50 18.89
N MET A 19 1.51 5.66 17.90
CA MET A 19 2.17 5.78 16.61
C MET A 19 1.73 7.06 15.89
N GLN A 20 2.71 7.79 15.39
CA GLN A 20 2.44 9.03 14.68
C GLN A 20 2.95 8.94 13.25
N ALA A 21 4.07 8.24 13.09
CA ALA A 21 4.67 8.08 11.78
C ALA A 21 5.67 6.92 11.82
N GLY A 22 5.79 6.23 10.70
CA GLY A 22 6.70 5.10 10.60
C GLY A 22 7.58 5.22 9.35
N THR A 23 8.35 4.18 9.12
CA THR A 23 9.25 4.15 7.97
C THR A 23 9.19 2.80 7.27
N ILE A 24 9.17 2.84 5.94
CA ILE A 24 9.12 1.63 5.15
C ILE A 24 10.46 0.93 5.19
N ALA A 25 10.64 0.09 6.20
CA ALA A 25 11.88 -0.65 6.38
C ALA A 25 12.24 -1.33 5.06
N ARG A 26 11.39 -2.28 4.67
CA ARG A 26 11.60 -3.02 3.44
C ARG A 26 10.27 -3.48 2.85
N TRP A 27 10.27 -3.67 1.55
CA TRP A 27 9.07 -4.10 0.86
C TRP A 27 9.19 -5.60 0.60
N GLU A 28 8.89 -6.38 1.62
CA GLU A 28 8.96 -7.82 1.52
C GLU A 28 8.48 -8.29 0.14
N LYS A 29 7.47 -7.59 -0.36
CA LYS A 29 6.91 -7.91 -1.66
C LYS A 29 7.26 -6.80 -2.65
N LYS A 30 6.96 -7.06 -3.91
CA LYS A 30 7.24 -6.10 -4.96
C LYS A 30 6.03 -5.99 -5.88
N GLU A 31 6.14 -5.09 -6.86
CA GLU A 31 5.06 -4.89 -7.82
C GLU A 31 4.89 -6.12 -8.70
N GLY A 32 3.65 -6.56 -8.83
CA GLY A 32 3.34 -7.73 -9.65
C GLY A 32 3.71 -9.01 -8.91
N ASP A 33 3.52 -8.99 -7.60
CA ASP A 33 3.83 -10.14 -6.78
C ASP A 33 2.53 -10.69 -6.18
N LYS A 34 2.58 -11.95 -5.79
CA LYS A 34 1.42 -12.61 -5.21
C LYS A 34 1.51 -12.52 -3.69
N ILE A 35 0.38 -12.17 -3.08
CA ILE A 35 0.31 -12.05 -1.63
C ILE A 35 -0.80 -12.95 -1.10
N ASN A 36 -0.46 -13.71 -0.08
CA ASN A 36 -1.41 -14.63 0.54
C ASN A 36 -1.72 -14.16 1.96
N GLU A 37 -3.00 -14.14 2.28
CA GLU A 37 -3.44 -13.72 3.59
C GLU A 37 -2.47 -14.23 4.67
N GLY A 38 -1.91 -13.29 5.40
CA GLY A 38 -0.97 -13.62 6.45
C GLY A 38 0.46 -13.27 6.05
N ASP A 39 0.73 -13.41 4.75
CA ASP A 39 2.05 -13.11 4.23
C ASP A 39 2.48 -11.71 4.70
N LEU A 40 3.78 -11.48 4.63
CA LEU A 40 4.32 -10.19 5.03
C LEU A 40 4.41 -9.27 3.82
N ILE A 41 3.61 -8.21 3.86
CA ILE A 41 3.59 -7.25 2.77
C ILE A 41 4.86 -6.40 2.82
N ALA A 42 5.12 -5.86 4.02
CA ALA A 42 6.29 -5.03 4.22
C ALA A 42 6.48 -4.78 5.71
N GLU A 43 7.63 -4.21 6.05
CA GLU A 43 7.94 -3.92 7.44
C GLU A 43 7.88 -2.40 7.68
N VAL A 44 7.71 -2.05 8.94
CA VAL A 44 7.64 -0.65 9.32
C VAL A 44 8.47 -0.42 10.60
N GLU A 45 9.26 0.64 10.57
CA GLU A 45 10.10 0.98 11.70
C GLU A 45 9.42 2.02 12.57
N THR A 46 9.23 1.65 13.84
CA THR A 46 8.59 2.54 14.80
C THR A 46 9.49 2.75 16.01
N ASP A 47 9.11 3.72 16.83
CA ASP A 47 9.86 4.02 18.03
C ASP A 47 10.09 2.74 18.82
N LYS A 48 9.22 1.78 18.60
CA LYS A 48 9.31 0.50 19.28
C LYS A 48 10.36 -0.37 18.59
N ALA A 49 10.11 -0.64 17.31
CA ALA A 49 11.02 -1.45 16.52
C ALA A 49 10.40 -1.71 15.15
N THR A 50 11.09 -2.53 14.37
CA THR A 50 10.63 -2.86 13.04
C THR A 50 9.49 -3.88 13.10
N VAL A 51 8.33 -3.46 12.64
CA VAL A 51 7.16 -4.32 12.65
C VAL A 51 6.98 -4.94 11.26
N GLY A 52 6.14 -5.96 11.21
CA GLY A 52 5.87 -6.64 9.95
C GLY A 52 4.40 -6.55 9.57
N PHE A 53 4.13 -5.86 8.48
CA PHE A 53 2.76 -5.69 8.01
C PHE A 53 2.32 -6.89 7.16
N GLU A 54 1.33 -7.60 7.69
CA GLU A 54 0.81 -8.77 7.01
C GLU A 54 -0.41 -8.39 6.15
N SER A 55 -0.74 -9.27 5.23
CA SER A 55 -1.88 -9.04 4.35
C SER A 55 -3.17 -9.43 5.06
N LEU A 56 -4.26 -8.79 4.64
CA LEU A 56 -5.56 -9.06 5.23
C LEU A 56 -6.36 -9.96 4.28
N GLU A 57 -6.01 -9.88 3.01
CA GLU A 57 -6.68 -10.69 2.00
C GLU A 57 -5.69 -11.13 0.91
N GLU A 58 -6.18 -11.98 0.03
CA GLU A 58 -5.34 -12.49 -1.05
C GLU A 58 -5.45 -11.57 -2.27
N CYS A 59 -4.30 -11.08 -2.71
CA CYS A 59 -4.25 -10.19 -3.86
C CYS A 59 -2.79 -9.99 -4.25
N TYR A 60 -2.58 -9.07 -5.18
CA TYR A 60 -1.23 -8.78 -5.65
C TYR A 60 -0.90 -7.30 -5.48
N MET A 61 0.38 -7.00 -5.52
CA MET A 61 0.85 -5.63 -5.37
C MET A 61 0.49 -4.79 -6.59
N ALA A 62 -0.31 -3.76 -6.36
CA ALA A 62 -0.73 -2.88 -7.43
C ALA A 62 0.34 -1.82 -7.67
N LYS A 63 0.56 -1.01 -6.65
CA LYS A 63 1.55 0.05 -6.73
C LYS A 63 2.14 0.30 -5.34
N ILE A 64 3.40 0.70 -5.34
CA ILE A 64 4.09 0.98 -4.08
C ILE A 64 4.40 2.47 -3.99
N LEU A 65 3.37 3.25 -3.69
CA LEU A 65 3.52 4.69 -3.57
C LEU A 65 4.77 5.00 -2.76
N VAL A 66 4.78 4.52 -1.53
CA VAL A 66 5.93 4.74 -0.65
C VAL A 66 6.88 3.54 -0.75
N ALA A 67 8.12 3.85 -1.13
CA ALA A 67 9.13 2.82 -1.28
C ALA A 67 9.75 2.54 0.10
N GLU A 68 10.74 1.65 0.09
CA GLU A 68 11.42 1.29 1.32
C GLU A 68 12.52 2.30 1.63
N GLY A 69 12.50 2.78 2.87
CA GLY A 69 13.50 3.76 3.31
C GLY A 69 12.84 5.11 3.59
N THR A 70 11.73 5.35 2.91
CA THR A 70 11.00 6.60 3.07
C THR A 70 10.68 6.84 4.54
N ARG A 71 11.47 7.73 5.13
CA ARG A 71 11.28 8.07 6.54
C ARG A 71 10.30 9.24 6.68
N ASP A 72 9.59 9.25 7.79
CA ASP A 72 8.62 10.30 8.06
C ASP A 72 7.30 9.96 7.37
N VAL A 73 6.94 8.68 7.43
CA VAL A 73 5.71 8.22 6.82
C VAL A 73 4.55 8.40 7.80
N PRO A 74 3.62 9.31 7.41
CA PRO A 74 2.46 9.59 8.24
C PRO A 74 1.45 8.45 8.17
N ILE A 75 0.63 8.38 9.21
CA ILE A 75 -0.39 7.33 9.28
C ILE A 75 -1.54 7.68 8.33
N GLY A 76 -1.99 6.67 7.61
CA GLY A 76 -3.08 6.85 6.66
C GLY A 76 -2.54 7.13 5.26
N ALA A 77 -1.26 7.48 5.20
CA ALA A 77 -0.61 7.77 3.93
C ALA A 77 -0.44 6.48 3.15
N ILE A 78 -1.24 6.35 2.10
CA ILE A 78 -1.18 5.16 1.26
C ILE A 78 0.29 4.75 1.06
N ILE A 79 0.57 3.51 1.43
CA ILE A 79 1.91 2.98 1.30
C ILE A 79 2.03 2.19 -0.01
N CYS A 80 0.90 1.62 -0.41
CA CYS A 80 0.86 0.84 -1.64
C CYS A 80 -0.61 0.62 -2.02
N ILE A 81 -0.81 -0.02 -3.16
CA ILE A 81 -2.14 -0.30 -3.64
C ILE A 81 -2.24 -1.79 -4.03
N THR A 82 -3.46 -2.30 -3.99
CA THR A 82 -3.70 -3.69 -4.33
C THR A 82 -4.81 -3.80 -5.36
N VAL A 83 -4.84 -4.94 -6.03
CA VAL A 83 -5.85 -5.18 -7.05
C VAL A 83 -6.44 -6.59 -6.86
N GLY A 84 -7.22 -7.01 -7.84
CA GLY A 84 -7.84 -8.32 -7.78
C GLY A 84 -7.20 -9.28 -8.78
N LYS A 85 -6.50 -8.69 -9.75
CA LYS A 85 -5.82 -9.49 -10.77
C LYS A 85 -4.49 -8.81 -11.13
N PRO A 86 -3.57 -9.64 -11.68
CA PRO A 86 -2.26 -9.14 -12.08
C PRO A 86 -2.36 -8.32 -13.36
N GLU A 87 -3.50 -8.42 -14.02
CA GLU A 87 -3.72 -7.69 -15.26
C GLU A 87 -4.00 -6.22 -14.96
N ASP A 88 -4.57 -5.98 -13.78
CA ASP A 88 -4.90 -4.63 -13.37
C ASP A 88 -3.65 -3.96 -12.79
N ILE A 89 -2.62 -4.78 -12.60
CA ILE A 89 -1.36 -4.28 -12.05
C ILE A 89 -0.69 -3.38 -13.09
N GLU A 90 -0.51 -3.94 -14.28
CA GLU A 90 0.12 -3.20 -15.37
C GLU A 90 -0.58 -1.87 -15.58
N ALA A 91 -1.88 -1.87 -15.35
CA ALA A 91 -2.68 -0.66 -15.51
C ALA A 91 -2.34 0.32 -14.39
N PHE A 92 -2.00 -0.24 -13.24
CA PHE A 92 -1.64 0.57 -12.09
C PHE A 92 -0.13 0.82 -12.03
N LYS A 93 0.58 0.16 -12.92
CA LYS A 93 2.03 0.30 -12.98
C LYS A 93 2.39 1.78 -13.09
N ASN A 94 1.41 2.56 -13.55
CA ASN A 94 1.61 3.99 -13.71
C ASN A 94 0.51 4.74 -12.95
N TYR A 95 0.46 4.50 -11.65
CA TYR A 95 -0.53 5.15 -10.81
C TYR A 95 0.08 6.31 -10.03
N THR A 96 -0.74 7.32 -9.79
CA THR A 96 -0.30 8.50 -9.06
C THR A 96 -1.37 8.94 -8.06
N LEU A 97 -0.97 9.83 -7.16
CA LEU A 97 -1.88 10.35 -6.16
C LEU A 97 -2.56 11.62 -6.69
N ASP A 98 -3.87 11.56 -6.74
CA ASP A 98 -4.65 12.70 -7.23
C ASP A 98 -5.55 13.21 -6.11
N SER A 99 -5.45 14.50 -5.85
CA SER A 99 -6.24 15.14 -4.81
C SER A 99 -7.73 15.04 -5.16
N SER A 100 -8.08 15.66 -6.27
CA SER A 100 -9.46 15.65 -6.72
C SER A 100 -9.92 14.21 -7.02
N ALA A 101 -10.71 13.68 -6.11
CA ALA A 101 -11.21 12.31 -6.27
C ALA A 101 -11.63 12.10 -7.72
N ALA A 102 -11.04 11.07 -8.33
CA ALA A 102 -11.36 10.75 -9.71
C ALA A 102 -12.85 10.48 -9.84
N SER A 103 -13.31 9.48 -9.11
CA SER A 103 -14.73 9.11 -9.13
C SER A 103 -15.04 8.18 -7.96
N GLY A 104 -14.33 7.05 -7.94
CA GLY A 104 -14.53 6.08 -6.88
C GLY A 104 -15.96 5.55 -6.88
N PRO A 105 -16.16 4.39 -6.20
CA PRO A 105 -17.47 3.77 -6.11
C PRO A 105 -18.37 4.53 -5.14
N SER A 106 -19.66 4.47 -5.42
CA SER A 106 -20.64 5.14 -4.57
C SER A 106 -21.72 4.15 -4.14
N SER A 107 -21.41 3.40 -3.09
CA SER A 107 -22.34 2.42 -2.56
C SER A 107 -23.29 3.08 -1.57
N GLY A 108 -22.69 3.67 -0.53
CA GLY A 108 -23.47 4.33 0.50
C GLY A 108 -22.67 5.46 1.15
N GLY A 1 -17.43 8.88 -5.66
CA GLY A 1 -16.64 8.42 -6.79
C GLY A 1 -15.33 7.77 -6.32
N SER A 2 -15.13 6.54 -6.76
CA SER A 2 -13.94 5.80 -6.39
C SER A 2 -12.81 6.10 -7.38
N SER A 3 -11.59 5.94 -6.90
CA SER A 3 -10.42 6.19 -7.74
C SER A 3 -9.92 4.88 -8.35
N GLY A 4 -9.04 5.02 -9.33
CA GLY A 4 -8.48 3.87 -10.01
C GLY A 4 -9.58 3.08 -10.74
N SER A 5 -9.14 2.03 -11.41
CA SER A 5 -10.07 1.19 -12.16
C SER A 5 -10.66 0.13 -11.24
N SER A 6 -9.78 -0.56 -10.54
CA SER A 6 -10.20 -1.61 -9.61
C SER A 6 -9.04 -2.01 -8.71
N GLY A 7 -8.66 -1.10 -7.83
CA GLY A 7 -7.56 -1.35 -6.91
C GLY A 7 -8.00 -1.09 -5.47
N GLN A 8 -7.04 -1.25 -4.56
CA GLN A 8 -7.31 -1.03 -3.15
C GLN A 8 -6.13 -0.30 -2.49
N LYS A 9 -6.45 0.84 -1.89
CA LYS A 9 -5.43 1.64 -1.22
C LYS A 9 -5.15 1.05 0.16
N VAL A 10 -3.88 1.02 0.51
CA VAL A 10 -3.47 0.48 1.80
C VAL A 10 -2.91 1.61 2.66
N PRO A 11 -3.79 2.18 3.52
CA PRO A 11 -3.39 3.26 4.40
C PRO A 11 -2.54 2.75 5.56
N LEU A 12 -1.38 3.37 5.72
CA LEU A 12 -0.48 2.99 6.79
C LEU A 12 -1.27 2.76 8.08
N PRO A 13 -1.49 1.46 8.40
CA PRO A 13 -2.24 1.10 9.59
C PRO A 13 -1.39 1.29 10.84
N SER A 14 -2.04 1.77 11.89
CA SER A 14 -1.36 2.01 13.16
C SER A 14 -0.83 0.69 13.72
N LEU A 15 0.48 0.54 13.66
CA LEU A 15 1.12 -0.67 14.16
C LEU A 15 1.54 -0.44 15.61
N SER A 16 1.14 0.69 16.15
CA SER A 16 1.47 1.03 17.52
C SER A 16 0.37 1.91 18.12
N PRO A 17 0.41 2.03 19.47
CA PRO A 17 -0.58 2.83 20.19
C PRO A 17 -0.29 4.32 20.01
N THR A 18 0.93 4.71 20.35
CA THR A 18 1.33 6.10 20.24
C THR A 18 2.09 6.33 18.94
N MET A 19 1.64 5.63 17.90
CA MET A 19 2.28 5.75 16.59
C MET A 19 1.84 7.03 15.89
N GLN A 20 2.82 7.72 15.33
CA GLN A 20 2.55 8.96 14.62
C GLN A 20 3.03 8.86 13.17
N ALA A 21 4.15 8.18 12.99
CA ALA A 21 4.72 8.01 11.66
C ALA A 21 5.72 6.85 11.70
N GLY A 22 5.82 6.18 10.55
CA GLY A 22 6.74 5.05 10.43
C GLY A 22 7.61 5.18 9.19
N THR A 23 8.37 4.14 8.92
CA THR A 23 9.27 4.13 7.78
C THR A 23 9.24 2.76 7.10
N ILE A 24 9.21 2.79 5.77
CA ILE A 24 9.18 1.57 5.00
C ILE A 24 10.55 0.91 5.05
N ALA A 25 10.71 0.03 6.02
CA ALA A 25 11.97 -0.69 6.20
C ALA A 25 12.30 -1.44 4.91
N ARG A 26 11.45 -2.39 4.57
CA ARG A 26 11.64 -3.19 3.37
C ARG A 26 10.30 -3.60 2.78
N TRP A 27 10.29 -3.76 1.47
CA TRP A 27 9.07 -4.14 0.76
C TRP A 27 9.09 -5.66 0.59
N GLU A 28 8.81 -6.35 1.68
CA GLU A 28 8.80 -7.81 1.65
C GLU A 28 8.17 -8.32 0.35
N LYS A 29 7.25 -7.52 -0.17
CA LYS A 29 6.57 -7.86 -1.41
C LYS A 29 6.73 -6.72 -2.42
N LYS A 30 7.19 -7.08 -3.61
CA LYS A 30 7.40 -6.11 -4.66
C LYS A 30 6.17 -6.09 -5.57
N GLU A 31 6.26 -5.27 -6.61
CA GLU A 31 5.17 -5.15 -7.56
C GLU A 31 5.03 -6.43 -8.39
N GLY A 32 3.79 -6.85 -8.56
CA GLY A 32 3.51 -8.06 -9.32
C GLY A 32 3.72 -9.31 -8.46
N ASP A 33 3.96 -9.08 -7.18
CA ASP A 33 4.18 -10.17 -6.25
C ASP A 33 2.85 -10.55 -5.60
N LYS A 34 2.52 -11.83 -5.69
CA LYS A 34 1.29 -12.33 -5.11
C LYS A 34 1.37 -12.25 -3.58
N ILE A 35 0.28 -11.80 -2.99
CA ILE A 35 0.21 -11.68 -1.54
C ILE A 35 -0.96 -12.51 -1.01
N ASN A 36 -0.64 -13.37 -0.05
CA ASN A 36 -1.65 -14.22 0.55
C ASN A 36 -1.97 -13.73 1.96
N GLU A 37 -3.26 -13.75 2.28
CA GLU A 37 -3.71 -13.29 3.59
C GLU A 37 -2.75 -13.78 4.67
N GLY A 38 -2.17 -12.82 5.37
CA GLY A 38 -1.23 -13.13 6.45
C GLY A 38 0.21 -12.85 6.01
N ASP A 39 0.52 -13.28 4.80
CA ASP A 39 1.86 -13.09 4.26
C ASP A 39 2.32 -11.66 4.54
N LEU A 40 3.59 -11.53 4.88
CA LEU A 40 4.15 -10.23 5.18
C LEU A 40 4.19 -9.39 3.90
N ILE A 41 3.69 -8.18 4.02
CA ILE A 41 3.65 -7.27 2.90
C ILE A 41 4.90 -6.37 2.92
N ALA A 42 5.20 -5.86 4.11
CA ALA A 42 6.35 -5.00 4.29
C ALA A 42 6.58 -4.77 5.78
N GLU A 43 7.76 -4.22 6.09
CA GLU A 43 8.12 -3.95 7.47
C GLU A 43 8.21 -2.45 7.70
N VAL A 44 7.65 -2.02 8.83
CA VAL A 44 7.66 -0.61 9.19
C VAL A 44 8.45 -0.42 10.48
N GLU A 45 9.32 0.58 10.46
CA GLU A 45 10.14 0.87 11.61
C GLU A 45 9.46 1.91 12.50
N THR A 46 9.19 1.50 13.73
CA THR A 46 8.54 2.37 14.68
C THR A 46 9.45 2.64 15.88
N ASP A 47 9.03 3.58 16.71
CA ASP A 47 9.80 3.95 17.89
C ASP A 47 9.98 2.71 18.77
N LYS A 48 9.15 1.71 18.51
CA LYS A 48 9.22 0.47 19.27
C LYS A 48 10.24 -0.47 18.63
N ALA A 49 10.11 -0.62 17.32
CA ALA A 49 11.01 -1.48 16.57
C ALA A 49 10.44 -1.74 15.17
N THR A 50 11.12 -2.60 14.43
CA THR A 50 10.69 -2.92 13.08
C THR A 50 9.51 -3.89 13.12
N VAL A 51 8.35 -3.38 12.74
CA VAL A 51 7.14 -4.18 12.73
C VAL A 51 6.97 -4.82 11.35
N GLY A 52 6.12 -5.84 11.29
CA GLY A 52 5.86 -6.53 10.05
C GLY A 52 4.38 -6.44 9.67
N PHE A 53 4.13 -5.77 8.56
CA PHE A 53 2.77 -5.59 8.07
C PHE A 53 2.33 -6.81 7.24
N GLU A 54 1.25 -7.44 7.70
CA GLU A 54 0.71 -8.60 7.02
C GLU A 54 -0.43 -8.19 6.10
N SER A 55 -0.85 -9.13 5.26
CA SER A 55 -1.93 -8.88 4.33
C SER A 55 -3.27 -9.19 4.99
N LEU A 56 -4.30 -8.53 4.49
CA LEU A 56 -5.64 -8.72 5.03
C LEU A 56 -6.40 -9.73 4.16
N GLU A 57 -5.97 -9.81 2.91
CA GLU A 57 -6.60 -10.74 1.97
C GLU A 57 -5.63 -11.05 0.82
N GLU A 58 -6.02 -12.03 0.01
CA GLU A 58 -5.20 -12.44 -1.11
C GLU A 58 -5.32 -11.42 -2.25
N CYS A 59 -4.19 -11.22 -2.93
CA CYS A 59 -4.15 -10.28 -4.03
C CYS A 59 -2.69 -10.05 -4.42
N TYR A 60 -2.48 -9.12 -5.33
CA TYR A 60 -1.14 -8.80 -5.80
C TYR A 60 -0.85 -7.31 -5.63
N MET A 61 0.43 -7.01 -5.44
CA MET A 61 0.86 -5.63 -5.28
C MET A 61 0.53 -4.80 -6.51
N ALA A 62 -0.41 -3.88 -6.34
CA ALA A 62 -0.83 -3.03 -7.44
C ALA A 62 0.23 -1.95 -7.66
N LYS A 63 0.39 -1.09 -6.67
CA LYS A 63 1.36 -0.02 -6.75
C LYS A 63 1.97 0.22 -5.36
N ILE A 64 3.21 0.68 -5.36
CA ILE A 64 3.91 0.96 -4.12
C ILE A 64 4.25 2.45 -4.05
N LEU A 65 3.24 3.23 -3.69
CA LEU A 65 3.41 4.67 -3.58
C LEU A 65 4.69 4.96 -2.78
N VAL A 66 4.74 4.43 -1.58
CA VAL A 66 5.89 4.63 -0.71
C VAL A 66 6.95 3.57 -1.03
N ALA A 67 8.11 4.04 -1.44
CA ALA A 67 9.21 3.14 -1.78
C ALA A 67 9.86 2.63 -0.48
N GLU A 68 11.07 2.11 -0.64
CA GLU A 68 11.81 1.60 0.50
C GLU A 68 12.72 2.68 1.07
N GLY A 69 12.76 2.73 2.40
CA GLY A 69 13.59 3.71 3.08
C GLY A 69 12.80 4.98 3.40
N THR A 70 11.83 5.26 2.55
CA THR A 70 10.99 6.43 2.73
C THR A 70 10.73 6.68 4.22
N ARG A 71 11.42 7.68 4.75
CA ARG A 71 11.27 8.02 6.16
C ARG A 71 10.24 9.15 6.31
N ASP A 72 9.63 9.17 7.49
CA ASP A 72 8.62 10.18 7.79
C ASP A 72 7.31 9.80 7.11
N VAL A 73 6.89 8.56 7.33
CA VAL A 73 5.66 8.07 6.76
C VAL A 73 4.52 8.27 7.75
N PRO A 74 3.57 9.17 7.35
CA PRO A 74 2.43 9.47 8.19
C PRO A 74 1.41 8.33 8.16
N ILE A 75 0.61 8.26 9.22
CA ILE A 75 -0.41 7.23 9.32
C ILE A 75 -1.55 7.54 8.36
N GLY A 76 -2.06 6.49 7.74
CA GLY A 76 -3.16 6.64 6.80
C GLY A 76 -2.63 6.95 5.39
N ALA A 77 -1.34 7.23 5.33
CA ALA A 77 -0.69 7.55 4.07
C ALA A 77 -0.53 6.27 3.25
N ILE A 78 -1.33 6.15 2.21
CA ILE A 78 -1.28 4.98 1.35
C ILE A 78 0.18 4.59 1.12
N ILE A 79 0.50 3.37 1.53
CA ILE A 79 1.85 2.86 1.37
C ILE A 79 1.97 2.11 0.04
N CYS A 80 0.85 1.51 -0.35
CA CYS A 80 0.81 0.76 -1.60
C CYS A 80 -0.66 0.47 -1.93
N ILE A 81 -0.85 -0.12 -3.11
CA ILE A 81 -2.20 -0.44 -3.56
C ILE A 81 -2.25 -1.91 -3.97
N THR A 82 -3.46 -2.46 -3.93
CA THR A 82 -3.66 -3.86 -4.30
C THR A 82 -4.78 -3.98 -5.33
N VAL A 83 -4.76 -5.10 -6.04
CA VAL A 83 -5.78 -5.35 -7.05
C VAL A 83 -6.26 -6.80 -6.93
N GLY A 84 -7.13 -7.18 -7.86
CA GLY A 84 -7.68 -8.52 -7.85
C GLY A 84 -7.00 -9.39 -8.92
N LYS A 85 -6.21 -8.73 -9.77
CA LYS A 85 -5.51 -9.42 -10.82
C LYS A 85 -4.21 -8.67 -11.13
N PRO A 86 -3.24 -9.42 -11.73
CA PRO A 86 -1.96 -8.83 -12.09
C PRO A 86 -2.09 -7.95 -13.33
N GLU A 87 -2.93 -8.39 -14.25
CA GLU A 87 -3.15 -7.66 -15.48
C GLU A 87 -3.60 -6.22 -15.17
N ASP A 88 -4.15 -6.05 -13.98
CA ASP A 88 -4.63 -4.76 -13.54
C ASP A 88 -3.45 -3.96 -12.96
N ILE A 89 -2.52 -4.69 -12.37
CA ILE A 89 -1.35 -4.07 -11.77
C ILE A 89 -0.68 -3.16 -12.80
N GLU A 90 -0.40 -3.74 -13.97
CA GLU A 90 0.24 -3.00 -15.03
C GLU A 90 -0.40 -1.62 -15.18
N ALA A 91 -1.73 -1.61 -15.19
CA ALA A 91 -2.47 -0.38 -15.33
C ALA A 91 -2.12 0.55 -14.16
N PHE A 92 -1.95 -0.06 -12.99
CA PHE A 92 -1.62 0.70 -11.80
C PHE A 92 -0.13 1.02 -11.75
N LYS A 93 0.60 0.41 -12.67
CA LYS A 93 2.04 0.62 -12.74
C LYS A 93 2.32 2.08 -13.09
N ASN A 94 1.27 2.76 -13.52
CA ASN A 94 1.39 4.16 -13.89
C ASN A 94 0.26 4.96 -13.25
N TYR A 95 0.14 4.80 -11.94
CA TYR A 95 -0.90 5.50 -11.19
C TYR A 95 -0.32 6.70 -10.44
N THR A 96 -1.21 7.63 -10.11
CA THR A 96 -0.80 8.82 -9.39
C THR A 96 -1.94 9.36 -8.54
N LEU A 97 -1.59 10.00 -7.45
CA LEU A 97 -2.58 10.57 -6.54
C LEU A 97 -2.91 11.99 -6.99
N ASP A 98 -4.11 12.14 -7.55
CA ASP A 98 -4.57 13.43 -8.02
C ASP A 98 -6.02 13.32 -8.50
N SER A 99 -6.90 14.01 -7.79
CA SER A 99 -8.31 13.99 -8.13
C SER A 99 -9.06 15.02 -7.29
N SER A 100 -10.21 15.44 -7.80
CA SER A 100 -11.03 16.42 -7.12
C SER A 100 -12.43 15.87 -6.91
N ALA A 101 -12.58 15.11 -5.83
CA ALA A 101 -13.87 14.52 -5.51
C ALA A 101 -14.08 14.56 -3.99
N ALA A 102 -15.34 14.59 -3.60
CA ALA A 102 -15.68 14.63 -2.18
C ALA A 102 -16.01 13.23 -1.70
N SER A 103 -15.04 12.64 -1.01
CA SER A 103 -15.21 11.29 -0.48
C SER A 103 -15.21 11.33 1.05
N GLY A 104 -16.40 11.48 1.61
CA GLY A 104 -16.54 11.53 3.05
C GLY A 104 -15.98 10.27 3.71
N PRO A 105 -16.41 10.03 4.97
CA PRO A 105 -15.95 8.86 5.71
C PRO A 105 -16.63 7.59 5.20
N SER A 106 -15.93 6.48 5.36
CA SER A 106 -16.44 5.20 4.91
C SER A 106 -16.81 5.26 3.43
N SER A 107 -15.85 4.90 2.60
CA SER A 107 -16.06 4.90 1.17
C SER A 107 -16.70 3.59 0.72
N GLY A 108 -17.24 3.61 -0.49
CA GLY A 108 -17.89 2.43 -1.05
C GLY A 108 -17.76 2.39 -2.56
N GLY A 1 -19.20 6.91 -12.67
CA GLY A 1 -17.80 6.93 -12.32
C GLY A 1 -17.08 5.69 -12.85
N SER A 2 -16.77 5.73 -14.13
CA SER A 2 -16.08 4.62 -14.77
C SER A 2 -14.70 4.43 -14.15
N SER A 3 -14.66 3.56 -13.14
CA SER A 3 -13.42 3.28 -12.44
C SER A 3 -12.40 2.68 -13.42
N GLY A 4 -12.81 1.59 -14.05
CA GLY A 4 -11.95 0.91 -15.01
C GLY A 4 -11.06 -0.12 -14.30
N SER A 5 -9.82 0.29 -14.04
CA SER A 5 -8.87 -0.59 -13.39
C SER A 5 -9.39 -0.98 -12.00
N SER A 6 -9.63 0.04 -11.18
CA SER A 6 -10.14 -0.19 -9.84
C SER A 6 -9.08 -0.93 -9.01
N GLY A 7 -8.71 -0.30 -7.90
CA GLY A 7 -7.72 -0.89 -7.01
C GLY A 7 -8.09 -0.66 -5.54
N GLN A 8 -7.12 -0.88 -4.68
CA GLN A 8 -7.33 -0.70 -3.25
C GLN A 8 -6.11 -0.04 -2.61
N LYS A 9 -6.33 1.12 -2.00
CA LYS A 9 -5.27 1.85 -1.35
C LYS A 9 -5.01 1.24 0.02
N VAL A 10 -3.74 1.20 0.38
CA VAL A 10 -3.33 0.65 1.66
C VAL A 10 -2.76 1.77 2.54
N PRO A 11 -3.65 2.34 3.39
CA PRO A 11 -3.25 3.42 4.28
C PRO A 11 -2.41 2.89 5.45
N LEU A 12 -1.28 3.53 5.67
CA LEU A 12 -0.38 3.14 6.74
C LEU A 12 -1.20 2.88 8.01
N PRO A 13 -1.39 1.57 8.33
CA PRO A 13 -2.15 1.19 9.50
C PRO A 13 -1.33 1.41 10.78
N SER A 14 -2.02 1.89 11.81
CA SER A 14 -1.36 2.14 13.07
C SER A 14 -0.83 0.83 13.67
N LEU A 15 0.48 0.69 13.62
CA LEU A 15 1.13 -0.51 14.13
C LEU A 15 1.52 -0.28 15.60
N SER A 16 1.04 0.84 16.13
CA SER A 16 1.33 1.18 17.52
C SER A 16 0.21 2.05 18.09
N PRO A 17 0.21 2.18 19.44
CA PRO A 17 -0.80 2.97 20.12
C PRO A 17 -0.55 4.47 19.94
N THR A 18 0.64 4.89 20.36
CA THR A 18 1.01 6.29 20.25
C THR A 18 1.81 6.52 18.96
N MET A 19 1.46 5.76 17.94
CA MET A 19 2.13 5.87 16.65
C MET A 19 1.71 7.15 15.93
N GLN A 20 2.70 7.84 15.39
CA GLN A 20 2.46 9.08 14.67
C GLN A 20 2.96 8.97 13.23
N ALA A 21 4.08 8.27 13.08
CA ALA A 21 4.68 8.09 11.77
C ALA A 21 5.67 6.93 11.82
N GLY A 22 5.78 6.24 10.70
CA GLY A 22 6.68 5.10 10.60
C GLY A 22 7.60 5.22 9.37
N THR A 23 8.35 4.17 9.14
CA THR A 23 9.26 4.14 8.00
C THR A 23 9.24 2.76 7.33
N ILE A 24 9.08 2.79 6.02
CA ILE A 24 9.04 1.55 5.25
C ILE A 24 10.42 0.87 5.32
N ALA A 25 10.55 -0.01 6.30
CA ALA A 25 11.79 -0.74 6.48
C ALA A 25 12.19 -1.42 5.17
N ARG A 26 11.33 -2.33 4.74
CA ARG A 26 11.58 -3.05 3.50
C ARG A 26 10.25 -3.51 2.87
N TRP A 27 10.28 -3.68 1.56
CA TRP A 27 9.10 -4.11 0.84
C TRP A 27 9.22 -5.62 0.60
N GLU A 28 8.78 -6.38 1.59
CA GLU A 28 8.84 -7.83 1.49
C GLU A 28 8.26 -8.30 0.16
N LYS A 29 7.37 -7.48 -0.39
CA LYS A 29 6.75 -7.79 -1.67
C LYS A 29 7.07 -6.69 -2.67
N LYS A 30 6.88 -7.02 -3.94
CA LYS A 30 7.16 -6.07 -5.01
C LYS A 30 5.93 -5.99 -5.93
N GLU A 31 6.07 -5.19 -6.98
CA GLU A 31 4.99 -5.01 -7.94
C GLU A 31 4.84 -6.27 -8.80
N GLY A 32 3.64 -6.81 -8.79
CA GLY A 32 3.34 -8.00 -9.57
C GLY A 32 3.48 -9.26 -8.70
N ASP A 33 3.88 -9.05 -7.46
CA ASP A 33 4.06 -10.15 -6.54
C ASP A 33 2.72 -10.50 -5.89
N LYS A 34 2.45 -11.80 -5.83
CA LYS A 34 1.21 -12.28 -5.24
C LYS A 34 1.30 -12.15 -3.72
N ILE A 35 0.21 -11.66 -3.14
CA ILE A 35 0.15 -11.49 -1.70
C ILE A 35 -0.93 -12.42 -1.12
N ASN A 36 -0.48 -13.33 -0.27
CA ASN A 36 -1.39 -14.28 0.35
C ASN A 36 -1.62 -13.87 1.81
N GLU A 37 -2.90 -13.91 2.20
CA GLU A 37 -3.28 -13.55 3.55
C GLU A 37 -2.26 -14.11 4.56
N GLY A 38 -1.68 -13.19 5.32
CA GLY A 38 -0.70 -13.58 6.32
C GLY A 38 0.72 -13.22 5.87
N ASP A 39 0.94 -13.38 4.57
CA ASP A 39 2.24 -13.08 3.99
C ASP A 39 2.60 -11.62 4.27
N LEU A 40 3.84 -11.41 4.68
CA LEU A 40 4.31 -10.08 4.98
C LEU A 40 4.26 -9.22 3.72
N ILE A 41 3.93 -7.95 3.91
CA ILE A 41 3.84 -7.02 2.79
C ILE A 41 5.03 -6.05 2.85
N ALA A 42 5.31 -5.59 4.06
CA ALA A 42 6.41 -4.65 4.26
C ALA A 42 6.60 -4.42 5.75
N GLU A 43 7.84 -4.11 6.12
CA GLU A 43 8.16 -3.86 7.51
C GLU A 43 8.16 -2.36 7.80
N VAL A 44 7.67 -2.02 8.98
CA VAL A 44 7.59 -0.62 9.38
C VAL A 44 8.46 -0.41 10.63
N GLU A 45 9.25 0.65 10.60
CA GLU A 45 10.12 0.97 11.72
C GLU A 45 9.45 1.98 12.64
N THR A 46 9.29 1.58 13.90
CA THR A 46 8.67 2.44 14.89
C THR A 46 9.57 2.58 16.13
N ASP A 47 9.23 3.54 16.96
CA ASP A 47 9.99 3.78 18.17
C ASP A 47 10.11 2.49 18.96
N LYS A 48 9.20 1.57 18.68
CA LYS A 48 9.20 0.27 19.35
C LYS A 48 10.24 -0.64 18.69
N ALA A 49 10.12 -0.75 17.37
CA ALA A 49 11.03 -1.59 16.62
C ALA A 49 10.48 -1.78 15.20
N THR A 50 11.18 -2.62 14.44
CA THR A 50 10.77 -2.90 13.07
C THR A 50 9.62 -3.91 13.06
N VAL A 51 8.44 -3.41 12.74
CA VAL A 51 7.26 -4.26 12.69
C VAL A 51 7.09 -4.81 11.26
N GLY A 52 6.25 -5.82 11.15
CA GLY A 52 6.00 -6.45 9.87
C GLY A 52 4.50 -6.41 9.53
N PHE A 53 4.19 -5.77 8.42
CA PHE A 53 2.82 -5.65 7.97
C PHE A 53 2.42 -6.85 7.12
N GLU A 54 1.45 -7.60 7.64
CA GLU A 54 0.97 -8.79 6.93
C GLU A 54 -0.25 -8.43 6.07
N SER A 55 -0.58 -9.35 5.17
CA SER A 55 -1.71 -9.14 4.27
C SER A 55 -3.02 -9.42 5.02
N LEU A 56 -4.08 -8.82 4.51
CA LEU A 56 -5.39 -9.00 5.12
C LEU A 56 -6.22 -9.96 4.25
N GLU A 57 -5.71 -10.22 3.05
CA GLU A 57 -6.38 -11.10 2.13
C GLU A 57 -5.52 -11.35 0.89
N GLU A 58 -5.96 -12.28 0.06
CA GLU A 58 -5.24 -12.61 -1.15
C GLU A 58 -5.40 -11.49 -2.18
N CYS A 59 -4.30 -11.21 -2.87
CA CYS A 59 -4.29 -10.17 -3.89
C CYS A 59 -2.88 -10.05 -4.45
N TYR A 60 -2.69 -9.02 -5.27
CA TYR A 60 -1.39 -8.79 -5.88
C TYR A 60 -0.96 -7.33 -5.71
N MET A 61 0.34 -7.13 -5.63
CA MET A 61 0.90 -5.79 -5.46
C MET A 61 0.53 -4.91 -6.65
N ALA A 62 -0.35 -3.95 -6.38
CA ALA A 62 -0.79 -3.03 -7.42
C ALA A 62 0.31 -1.99 -7.66
N LYS A 63 0.53 -1.15 -6.66
CA LYS A 63 1.54 -0.11 -6.75
C LYS A 63 2.10 0.17 -5.36
N ILE A 64 3.37 0.56 -5.33
CA ILE A 64 4.03 0.87 -4.07
C ILE A 64 4.35 2.35 -4.03
N LEU A 65 3.34 3.15 -3.75
CA LEU A 65 3.49 4.58 -3.67
C LEU A 65 4.74 4.91 -2.84
N VAL A 66 4.72 4.45 -1.60
CA VAL A 66 5.84 4.69 -0.70
C VAL A 66 6.82 3.51 -0.80
N ALA A 67 8.02 3.82 -1.24
CA ALA A 67 9.05 2.81 -1.37
C ALA A 67 9.66 2.50 0.00
N GLU A 68 10.66 1.64 -0.01
CA GLU A 68 11.32 1.25 1.22
C GLU A 68 12.41 2.27 1.59
N GLY A 69 12.44 2.62 2.86
CA GLY A 69 13.42 3.58 3.34
C GLY A 69 12.80 4.95 3.56
N THR A 70 11.65 5.14 2.92
CA THR A 70 10.94 6.41 3.03
C THR A 70 10.65 6.72 4.50
N ARG A 71 11.44 7.64 5.04
CA ARG A 71 11.27 8.03 6.43
C ARG A 71 10.28 9.19 6.54
N ASP A 72 9.58 9.22 7.66
CA ASP A 72 8.60 10.27 7.90
C ASP A 72 7.29 9.90 7.21
N VAL A 73 6.90 8.65 7.40
CA VAL A 73 5.66 8.15 6.80
C VAL A 73 4.51 8.37 7.78
N PRO A 74 3.58 9.27 7.37
CA PRO A 74 2.43 9.59 8.21
C PRO A 74 1.40 8.45 8.17
N ILE A 75 0.60 8.39 9.22
CA ILE A 75 -0.43 7.36 9.31
C ILE A 75 -1.56 7.68 8.35
N GLY A 76 -2.05 6.65 7.68
CA GLY A 76 -3.14 6.81 6.73
C GLY A 76 -2.59 7.07 5.32
N ALA A 77 -1.31 7.41 5.28
CA ALA A 77 -0.65 7.69 4.01
C ALA A 77 -0.50 6.38 3.22
N ILE A 78 -1.22 6.30 2.11
CA ILE A 78 -1.17 5.12 1.26
C ILE A 78 0.28 4.71 1.07
N ILE A 79 0.56 3.46 1.43
CA ILE A 79 1.90 2.93 1.30
C ILE A 79 2.00 2.13 0.00
N CYS A 80 0.88 1.57 -0.41
CA CYS A 80 0.82 0.80 -1.63
C CYS A 80 -0.64 0.56 -2.00
N ILE A 81 -0.85 -0.04 -3.17
CA ILE A 81 -2.19 -0.32 -3.64
C ILE A 81 -2.30 -1.82 -3.96
N THR A 82 -3.53 -2.32 -3.87
CA THR A 82 -3.79 -3.71 -4.15
C THR A 82 -4.92 -3.86 -5.16
N VAL A 83 -4.88 -4.94 -5.91
CA VAL A 83 -5.89 -5.20 -6.92
C VAL A 83 -6.41 -6.63 -6.75
N GLY A 84 -7.36 -6.99 -7.61
CA GLY A 84 -7.95 -8.32 -7.56
C GLY A 84 -7.31 -9.23 -8.61
N LYS A 85 -6.58 -8.62 -9.52
CA LYS A 85 -5.93 -9.37 -10.59
C LYS A 85 -4.67 -8.62 -11.02
N PRO A 86 -3.73 -9.39 -11.62
CA PRO A 86 -2.47 -8.81 -12.09
C PRO A 86 -2.68 -8.01 -13.37
N GLU A 87 -3.69 -8.42 -14.13
CA GLU A 87 -4.00 -7.76 -15.39
C GLU A 87 -4.22 -6.26 -15.15
N ASP A 88 -4.58 -5.93 -13.92
CA ASP A 88 -4.82 -4.55 -13.54
C ASP A 88 -3.51 -3.92 -13.09
N ILE A 89 -2.70 -4.72 -12.42
CA ILE A 89 -1.41 -4.24 -11.93
C ILE A 89 -0.72 -3.43 -13.03
N GLU A 90 -0.64 -4.04 -14.20
CA GLU A 90 0.00 -3.38 -15.34
C GLU A 90 -0.55 -1.97 -15.51
N ALA A 91 -1.87 -1.85 -15.36
CA ALA A 91 -2.52 -0.56 -15.49
C ALA A 91 -2.09 0.35 -14.34
N PHE A 92 -1.90 -0.27 -13.19
CA PHE A 92 -1.49 0.47 -12.01
C PHE A 92 0.03 0.67 -11.98
N LYS A 93 0.69 0.00 -12.90
CA LYS A 93 2.14 0.09 -13.00
C LYS A 93 2.55 1.56 -13.08
N ASN A 94 1.64 2.37 -13.60
CA ASN A 94 1.89 3.79 -13.73
C ASN A 94 0.72 4.57 -13.12
N TYR A 95 0.73 4.65 -11.79
CA TYR A 95 -0.32 5.35 -11.09
C TYR A 95 0.26 6.50 -10.25
N THR A 96 -0.42 7.64 -10.32
CA THR A 96 0.02 8.82 -9.57
C THR A 96 -1.19 9.50 -8.92
N LEU A 97 -0.90 10.19 -7.83
CA LEU A 97 -1.95 10.90 -7.10
C LEU A 97 -2.13 12.29 -7.71
N ASP A 98 -2.88 12.31 -8.81
CA ASP A 98 -3.15 13.56 -9.50
C ASP A 98 -3.85 14.53 -8.55
N SER A 99 -3.22 15.67 -8.34
CA SER A 99 -3.77 16.68 -7.45
C SER A 99 -5.28 16.81 -7.68
N SER A 100 -6.03 16.30 -6.70
CA SER A 100 -7.48 16.36 -6.78
C SER A 100 -7.97 15.53 -7.98
N ALA A 101 -8.48 14.35 -7.66
CA ALA A 101 -8.99 13.46 -8.70
C ALA A 101 -10.38 12.98 -8.32
N ALA A 102 -11.08 12.44 -9.30
CA ALA A 102 -12.42 11.93 -9.07
C ALA A 102 -12.49 10.47 -9.53
N SER A 103 -11.85 9.61 -8.75
CA SER A 103 -11.85 8.19 -9.05
C SER A 103 -12.11 7.37 -7.79
N GLY A 104 -13.38 7.02 -7.62
CA GLY A 104 -13.78 6.24 -6.45
C GLY A 104 -13.48 4.76 -6.65
N PRO A 105 -12.82 4.15 -5.62
CA PRO A 105 -12.47 2.75 -5.68
C PRO A 105 -13.70 1.87 -5.44
N SER A 106 -14.46 2.22 -4.43
CA SER A 106 -15.66 1.48 -4.08
C SER A 106 -16.51 1.26 -5.33
N SER A 107 -16.56 0.02 -5.78
CA SER A 107 -17.33 -0.33 -6.96
C SER A 107 -18.78 0.08 -6.77
N GLY A 108 -19.40 0.48 -7.87
CA GLY A 108 -20.80 0.91 -7.85
C GLY A 108 -21.10 1.72 -6.58
N GLY A 1 -18.35 8.21 -10.10
CA GLY A 1 -18.89 8.66 -11.37
C GLY A 1 -18.68 7.61 -12.46
N SER A 2 -17.50 7.67 -13.08
CA SER A 2 -17.17 6.74 -14.13
C SER A 2 -16.10 5.75 -13.64
N SER A 3 -16.31 4.49 -13.98
CA SER A 3 -15.38 3.45 -13.59
C SER A 3 -14.06 3.59 -14.35
N GLY A 4 -12.97 3.63 -13.60
CA GLY A 4 -11.66 3.77 -14.21
C GLY A 4 -10.77 2.56 -13.87
N SER A 5 -10.43 2.46 -12.60
CA SER A 5 -9.59 1.35 -12.14
C SER A 5 -10.26 0.65 -10.96
N SER A 6 -9.83 -0.59 -10.73
CA SER A 6 -10.38 -1.38 -9.64
C SER A 6 -9.25 -1.88 -8.74
N GLY A 7 -8.78 -0.99 -7.88
CA GLY A 7 -7.71 -1.33 -6.96
C GLY A 7 -8.09 -1.02 -5.52
N GLN A 8 -7.11 -1.13 -4.64
CA GLN A 8 -7.33 -0.86 -3.23
C GLN A 8 -6.11 -0.17 -2.62
N LYS A 9 -6.35 1.03 -2.07
CA LYS A 9 -5.28 1.80 -1.46
C LYS A 9 -5.00 1.24 -0.07
N VAL A 10 -3.71 1.20 0.27
CA VAL A 10 -3.29 0.69 1.56
C VAL A 10 -2.74 1.85 2.40
N PRO A 11 -3.62 2.39 3.28
CA PRO A 11 -3.23 3.49 4.15
C PRO A 11 -2.33 3.01 5.29
N LEU A 12 -1.17 3.62 5.39
CA LEU A 12 -0.22 3.26 6.43
C LEU A 12 -0.97 3.02 7.74
N PRO A 13 -1.19 1.70 8.04
CA PRO A 13 -1.89 1.32 9.25
C PRO A 13 -1.00 1.49 10.48
N SER A 14 -1.56 2.11 11.50
CA SER A 14 -0.84 2.35 12.73
C SER A 14 -0.52 1.01 13.41
N LEU A 15 0.75 0.64 13.35
CA LEU A 15 1.21 -0.61 13.95
C LEU A 15 1.66 -0.35 15.38
N SER A 16 1.15 0.74 15.94
CA SER A 16 1.50 1.12 17.30
C SER A 16 0.38 1.97 17.91
N PRO A 17 0.52 2.23 19.24
CA PRO A 17 -0.47 3.02 19.95
C PRO A 17 -0.33 4.50 19.62
N THR A 18 0.81 5.06 20.02
CA THR A 18 1.08 6.47 19.77
C THR A 18 1.83 6.64 18.43
N MET A 19 1.49 5.77 17.49
CA MET A 19 2.11 5.81 16.18
C MET A 19 1.60 7.00 15.36
N GLN A 20 2.50 7.95 15.12
CA GLN A 20 2.15 9.14 14.36
C GLN A 20 2.74 9.05 12.95
N ALA A 21 3.81 8.28 12.83
CA ALA A 21 4.48 8.11 11.55
C ALA A 21 5.45 6.94 11.65
N GLY A 22 5.60 6.25 10.53
CA GLY A 22 6.49 5.10 10.46
C GLY A 22 7.43 5.20 9.26
N THR A 23 8.25 4.18 9.11
CA THR A 23 9.21 4.13 8.01
C THR A 23 9.19 2.75 7.34
N ILE A 24 8.97 2.76 6.04
CA ILE A 24 8.93 1.52 5.27
C ILE A 24 10.31 0.86 5.33
N ALA A 25 10.42 -0.11 6.24
CA ALA A 25 11.68 -0.83 6.40
C ALA A 25 12.06 -1.49 5.08
N ARG A 26 11.19 -2.39 4.63
CA ARG A 26 11.41 -3.10 3.38
C ARG A 26 10.11 -3.69 2.86
N TRP A 27 10.05 -3.84 1.55
CA TRP A 27 8.86 -4.38 0.91
C TRP A 27 9.10 -5.88 0.69
N GLU A 28 8.67 -6.68 1.66
CA GLU A 28 8.83 -8.12 1.58
C GLU A 28 8.32 -8.63 0.24
N LYS A 29 7.43 -7.84 -0.36
CA LYS A 29 6.85 -8.21 -1.64
C LYS A 29 7.20 -7.15 -2.68
N LYS A 30 6.94 -7.48 -3.94
CA LYS A 30 7.23 -6.56 -5.02
C LYS A 30 5.95 -6.34 -5.84
N GLU A 31 6.11 -5.60 -6.93
CA GLU A 31 4.98 -5.32 -7.81
C GLU A 31 4.69 -6.52 -8.70
N GLY A 32 3.43 -6.92 -8.69
CA GLY A 32 3.00 -8.05 -9.50
C GLY A 32 3.27 -9.38 -8.77
N ASP A 33 3.41 -9.27 -7.46
CA ASP A 33 3.67 -10.45 -6.64
C ASP A 33 2.40 -10.83 -5.89
N LYS A 34 2.11 -12.12 -5.88
CA LYS A 34 0.93 -12.63 -5.20
C LYS A 34 1.10 -12.44 -3.69
N ILE A 35 0.01 -12.01 -3.06
CA ILE A 35 0.02 -11.78 -1.62
C ILE A 35 -1.04 -12.67 -0.97
N ASN A 36 -0.57 -13.55 -0.09
CA ASN A 36 -1.45 -14.46 0.62
C ASN A 36 -1.60 -13.99 2.07
N GLU A 37 -2.83 -14.09 2.56
CA GLU A 37 -3.12 -13.69 3.92
C GLU A 37 -2.06 -14.25 4.88
N GLY A 38 -1.40 -13.32 5.56
CA GLY A 38 -0.36 -13.70 6.51
C GLY A 38 1.04 -13.33 5.98
N ASP A 39 1.18 -13.46 4.66
CA ASP A 39 2.45 -13.14 4.02
C ASP A 39 2.87 -11.73 4.42
N LEU A 40 4.18 -11.53 4.49
CA LEU A 40 4.72 -10.23 4.86
C LEU A 40 4.61 -9.29 3.66
N ILE A 41 3.97 -8.15 3.90
CA ILE A 41 3.78 -7.16 2.86
C ILE A 41 4.95 -6.16 2.90
N ALA A 42 5.28 -5.74 4.12
CA ALA A 42 6.36 -4.79 4.30
C ALA A 42 6.57 -4.56 5.81
N GLU A 43 7.78 -4.13 6.14
CA GLU A 43 8.12 -3.87 7.53
C GLU A 43 8.11 -2.36 7.80
N VAL A 44 7.60 -2.01 8.97
CA VAL A 44 7.52 -0.62 9.36
C VAL A 44 8.38 -0.39 10.61
N GLU A 45 9.14 0.69 10.58
CA GLU A 45 10.01 1.04 11.69
C GLU A 45 9.34 2.09 12.58
N THR A 46 9.05 1.69 13.80
CA THR A 46 8.42 2.59 14.76
C THR A 46 9.32 2.81 15.96
N ASP A 47 8.97 3.81 16.76
CA ASP A 47 9.74 4.13 17.95
C ASP A 47 9.93 2.87 18.79
N LYS A 48 9.03 1.92 18.59
CA LYS A 48 9.09 0.67 19.32
C LYS A 48 10.13 -0.24 18.68
N ALA A 49 9.99 -0.43 17.37
CA ALA A 49 10.91 -1.28 16.63
C ALA A 49 10.35 -1.54 15.24
N THR A 50 11.05 -2.39 14.49
CA THR A 50 10.64 -2.73 13.15
C THR A 50 9.53 -3.78 13.19
N VAL A 51 8.33 -3.35 12.79
CA VAL A 51 7.18 -4.24 12.78
C VAL A 51 7.05 -4.88 11.39
N GLY A 52 6.23 -5.92 11.32
CA GLY A 52 6.02 -6.61 10.07
C GLY A 52 4.53 -6.61 9.69
N PHE A 53 4.24 -5.95 8.58
CA PHE A 53 2.87 -5.86 8.10
C PHE A 53 2.48 -7.13 7.34
N GLU A 54 1.62 -7.92 7.96
CA GLU A 54 1.16 -9.16 7.35
C GLU A 54 -0.13 -8.92 6.57
N SER A 55 -0.24 -9.63 5.46
CA SER A 55 -1.42 -9.50 4.60
C SER A 55 -2.65 -10.04 5.32
N LEU A 56 -3.74 -9.29 5.21
CA LEU A 56 -4.98 -9.68 5.85
C LEU A 56 -6.01 -10.06 4.77
N GLU A 57 -5.49 -10.36 3.59
CA GLU A 57 -6.32 -10.74 2.47
C GLU A 57 -5.49 -11.37 1.36
N GLU A 58 -6.16 -11.68 0.26
CA GLU A 58 -5.50 -12.28 -0.88
C GLU A 58 -5.63 -11.39 -2.11
N CYS A 59 -4.52 -10.78 -2.50
CA CYS A 59 -4.51 -9.91 -3.66
C CYS A 59 -3.07 -9.84 -4.19
N TYR A 60 -2.88 -8.98 -5.18
CA TYR A 60 -1.57 -8.81 -5.78
C TYR A 60 -1.06 -7.37 -5.61
N MET A 61 0.25 -7.25 -5.55
CA MET A 61 0.87 -5.95 -5.38
C MET A 61 0.56 -5.04 -6.57
N ALA A 62 -0.42 -4.17 -6.38
CA ALA A 62 -0.82 -3.24 -7.42
C ALA A 62 0.30 -2.23 -7.66
N LYS A 63 0.49 -1.37 -6.68
CA LYS A 63 1.53 -0.35 -6.77
C LYS A 63 2.08 -0.07 -5.38
N ILE A 64 3.35 0.34 -5.35
CA ILE A 64 4.01 0.65 -4.09
C ILE A 64 4.36 2.14 -4.06
N LEU A 65 3.35 2.95 -3.80
CA LEU A 65 3.53 4.39 -3.74
C LEU A 65 4.76 4.70 -2.90
N VAL A 66 4.71 4.25 -1.65
CA VAL A 66 5.81 4.48 -0.72
C VAL A 66 6.78 3.31 -0.80
N ALA A 67 8.01 3.63 -1.21
CA ALA A 67 9.04 2.62 -1.33
C ALA A 67 9.62 2.31 0.05
N GLU A 68 10.69 1.53 0.05
CA GLU A 68 11.34 1.14 1.29
C GLU A 68 12.43 2.17 1.65
N GLY A 69 12.38 2.61 2.89
CA GLY A 69 13.36 3.59 3.37
C GLY A 69 12.69 4.95 3.60
N THR A 70 11.55 5.13 2.95
CA THR A 70 10.81 6.38 3.07
C THR A 70 10.53 6.70 4.54
N ARG A 71 11.30 7.64 5.07
CA ARG A 71 11.16 8.04 6.45
C ARG A 71 10.21 9.24 6.56
N ASP A 72 9.49 9.28 7.67
CA ASP A 72 8.55 10.37 7.90
C ASP A 72 7.21 10.02 7.25
N VAL A 73 6.86 8.75 7.33
CA VAL A 73 5.61 8.27 6.75
C VAL A 73 4.50 8.40 7.79
N PRO A 74 3.51 9.28 7.49
CA PRO A 74 2.40 9.50 8.38
C PRO A 74 1.40 8.34 8.32
N ILE A 75 0.54 8.28 9.32
CA ILE A 75 -0.46 7.22 9.38
C ILE A 75 -1.62 7.56 8.44
N GLY A 76 -1.98 6.59 7.63
CA GLY A 76 -3.06 6.76 6.68
C GLY A 76 -2.51 7.02 5.27
N ALA A 77 -1.27 7.45 5.23
CA ALA A 77 -0.61 7.75 3.96
C ALA A 77 -0.43 6.45 3.17
N ILE A 78 -1.21 6.33 2.11
CA ILE A 78 -1.15 5.16 1.26
C ILE A 78 0.31 4.72 1.11
N ILE A 79 0.55 3.45 1.36
CA ILE A 79 1.89 2.89 1.26
C ILE A 79 2.00 2.07 -0.02
N CYS A 80 0.86 1.53 -0.44
CA CYS A 80 0.81 0.71 -1.64
C CYS A 80 -0.66 0.47 -2.00
N ILE A 81 -0.86 -0.14 -3.15
CA ILE A 81 -2.21 -0.43 -3.62
C ILE A 81 -2.31 -1.93 -3.94
N THR A 82 -3.55 -2.43 -3.91
CA THR A 82 -3.80 -3.82 -4.18
C THR A 82 -4.90 -3.97 -5.24
N VAL A 83 -4.81 -5.06 -5.99
CA VAL A 83 -5.79 -5.32 -7.03
C VAL A 83 -6.25 -6.78 -6.94
N GLY A 84 -7.02 -7.19 -7.93
CA GLY A 84 -7.52 -8.56 -7.97
C GLY A 84 -6.95 -9.31 -9.17
N LYS A 85 -6.33 -8.56 -10.06
CA LYS A 85 -5.74 -9.15 -11.26
C LYS A 85 -4.48 -8.37 -11.63
N PRO A 86 -3.56 -9.07 -12.34
CA PRO A 86 -2.31 -8.46 -12.77
C PRO A 86 -2.54 -7.51 -13.93
N GLU A 87 -3.70 -7.64 -14.55
CA GLU A 87 -4.06 -6.80 -15.68
C GLU A 87 -4.22 -5.35 -15.23
N ASP A 88 -4.51 -5.19 -13.95
CA ASP A 88 -4.70 -3.86 -13.38
C ASP A 88 -3.36 -3.36 -12.83
N ILE A 89 -2.49 -4.31 -12.51
CA ILE A 89 -1.18 -3.99 -11.98
C ILE A 89 -0.43 -3.10 -12.98
N GLU A 90 -0.55 -3.47 -14.25
CA GLU A 90 0.11 -2.72 -15.31
C GLU A 90 -0.51 -1.34 -15.44
N ALA A 91 -1.81 -1.27 -15.20
CA ALA A 91 -2.54 -0.01 -15.29
C ALA A 91 -2.20 0.86 -14.08
N PHE A 92 -1.92 0.19 -12.97
CA PHE A 92 -1.58 0.89 -11.74
C PHE A 92 -0.09 1.18 -11.69
N LYS A 93 0.68 0.36 -12.38
CA LYS A 93 2.12 0.51 -12.41
C LYS A 93 2.46 2.01 -12.51
N ASN A 94 1.65 2.71 -13.28
CA ASN A 94 1.85 4.13 -13.47
C ASN A 94 0.68 4.91 -12.84
N TYR A 95 0.63 4.87 -11.52
CA TYR A 95 -0.43 5.55 -10.80
C TYR A 95 0.13 6.69 -9.96
N THR A 96 -0.71 7.70 -9.75
CA THR A 96 -0.31 8.86 -8.97
C THR A 96 -1.52 9.48 -8.28
N LEU A 97 -1.37 9.74 -6.99
CA LEU A 97 -2.44 10.34 -6.22
C LEU A 97 -2.60 11.81 -6.61
N ASP A 98 -2.99 12.01 -7.86
CA ASP A 98 -3.18 13.36 -8.38
C ASP A 98 -4.65 13.56 -8.75
N SER A 99 -5.33 14.33 -7.90
CA SER A 99 -6.74 14.60 -8.12
C SER A 99 -6.98 14.98 -9.59
N SER A 100 -7.63 14.08 -10.30
CA SER A 100 -7.92 14.30 -11.70
C SER A 100 -9.41 14.07 -11.97
N ALA A 101 -9.88 14.66 -13.06
CA ALA A 101 -11.28 14.53 -13.44
C ALA A 101 -12.16 15.14 -12.35
N ALA A 102 -13.29 15.67 -12.79
CA ALA A 102 -14.23 16.29 -11.86
C ALA A 102 -13.47 17.23 -10.93
N SER A 103 -12.87 18.25 -11.52
CA SER A 103 -12.10 19.22 -10.76
C SER A 103 -12.95 19.75 -9.61
N GLY A 104 -12.77 19.13 -8.45
CA GLY A 104 -13.50 19.53 -7.26
C GLY A 104 -14.03 18.31 -6.50
N PRO A 105 -14.89 18.59 -5.48
CA PRO A 105 -15.46 17.52 -4.68
C PRO A 105 -16.56 16.78 -5.44
N SER A 106 -16.49 15.46 -5.38
CA SER A 106 -17.46 14.62 -6.05
C SER A 106 -18.02 13.59 -5.09
N SER A 107 -17.82 13.84 -3.80
CA SER A 107 -18.30 12.94 -2.78
C SER A 107 -17.99 11.49 -3.16
N GLY A 108 -16.72 11.14 -3.04
CA GLY A 108 -16.28 9.80 -3.38
C GLY A 108 -14.85 9.80 -3.91
N GLY A 1 -12.75 10.31 -11.20
CA GLY A 1 -12.81 8.96 -10.69
C GLY A 1 -12.34 7.96 -11.76
N SER A 2 -11.24 7.28 -11.44
CA SER A 2 -10.70 6.30 -12.35
C SER A 2 -11.74 5.23 -12.69
N SER A 3 -12.37 5.42 -13.85
CA SER A 3 -13.39 4.49 -14.29
C SER A 3 -12.75 3.31 -15.01
N GLY A 4 -12.87 2.13 -14.39
CA GLY A 4 -12.31 0.93 -14.96
C GLY A 4 -11.31 0.28 -13.99
N SER A 5 -10.20 0.97 -13.79
CA SER A 5 -9.17 0.48 -12.90
C SER A 5 -9.76 0.18 -11.53
N SER A 6 -9.54 -1.04 -11.08
CA SER A 6 -10.05 -1.47 -9.78
C SER A 6 -8.88 -1.75 -8.83
N GLY A 7 -8.58 -0.76 -8.00
CA GLY A 7 -7.50 -0.89 -7.04
C GLY A 7 -7.95 -0.47 -5.64
N GLN A 8 -7.14 -0.81 -4.66
CA GLN A 8 -7.44 -0.48 -3.27
C GLN A 8 -6.23 0.19 -2.61
N LYS A 9 -6.49 1.34 -2.02
CA LYS A 9 -5.44 2.09 -1.35
C LYS A 9 -5.20 1.49 0.04
N VAL A 10 -3.94 1.36 0.38
CA VAL A 10 -3.57 0.80 1.67
C VAL A 10 -2.92 1.90 2.53
N PRO A 11 -3.76 2.51 3.40
CA PRO A 11 -3.30 3.57 4.28
C PRO A 11 -2.46 2.99 5.42
N LEU A 12 -1.30 3.62 5.64
CA LEU A 12 -0.40 3.19 6.69
C LEU A 12 -1.19 2.98 7.98
N PRO A 13 -1.42 1.67 8.31
CA PRO A 13 -2.17 1.32 9.50
C PRO A 13 -1.31 1.52 10.76
N SER A 14 -1.97 1.98 11.81
CA SER A 14 -1.29 2.22 13.08
C SER A 14 -0.72 0.91 13.62
N LEU A 15 0.59 0.79 13.56
CA LEU A 15 1.27 -0.40 14.03
C LEU A 15 1.72 -0.17 15.48
N SER A 16 1.19 0.89 16.07
CA SER A 16 1.53 1.22 17.44
C SER A 16 0.40 2.04 18.08
N PRO A 17 0.50 2.21 19.43
CA PRO A 17 -0.50 2.96 20.16
C PRO A 17 -0.34 4.46 19.92
N THR A 18 0.80 4.98 20.33
CA THR A 18 1.09 6.39 20.17
C THR A 18 1.86 6.64 18.88
N MET A 19 1.56 5.82 17.88
CA MET A 19 2.22 5.93 16.59
C MET A 19 1.81 7.22 15.87
N GLN A 20 2.80 7.90 15.33
CA GLN A 20 2.56 9.14 14.62
C GLN A 20 3.07 9.04 13.18
N ALA A 21 4.18 8.35 13.02
CA ALA A 21 4.77 8.17 11.71
C ALA A 21 5.77 7.00 11.75
N GLY A 22 5.83 6.29 10.65
CA GLY A 22 6.74 5.15 10.55
C GLY A 22 7.59 5.24 9.27
N THR A 23 8.32 4.16 9.02
CA THR A 23 9.17 4.09 7.84
C THR A 23 9.06 2.72 7.18
N ILE A 24 9.00 2.75 5.86
CA ILE A 24 8.89 1.52 5.09
C ILE A 24 10.25 0.83 5.05
N ALA A 25 10.50 0.05 6.09
CA ALA A 25 11.76 -0.68 6.20
C ALA A 25 12.05 -1.38 4.86
N ARG A 26 11.19 -2.33 4.54
CA ARG A 26 11.34 -3.09 3.31
C ARG A 26 9.98 -3.55 2.80
N TRP A 27 9.92 -3.80 1.49
CA TRP A 27 8.68 -4.24 0.86
C TRP A 27 8.82 -5.73 0.57
N GLU A 28 8.60 -6.53 1.61
CA GLU A 28 8.70 -7.97 1.47
C GLU A 28 8.11 -8.42 0.13
N LYS A 29 7.11 -7.69 -0.32
CA LYS A 29 6.46 -7.99 -1.58
C LYS A 29 6.53 -6.77 -2.50
N LYS A 30 6.86 -7.04 -3.76
CA LYS A 30 6.97 -5.96 -4.74
C LYS A 30 5.74 -6.00 -5.65
N GLU A 31 5.81 -5.21 -6.71
CA GLU A 31 4.72 -5.14 -7.67
C GLU A 31 4.69 -6.39 -8.54
N GLY A 32 3.50 -6.94 -8.70
CA GLY A 32 3.32 -8.13 -9.51
C GLY A 32 3.59 -9.39 -8.68
N ASP A 33 3.72 -9.19 -7.37
CA ASP A 33 3.98 -10.29 -6.47
C ASP A 33 2.67 -10.67 -5.75
N LYS A 34 2.48 -11.97 -5.62
CA LYS A 34 1.28 -12.49 -4.96
C LYS A 34 1.46 -12.39 -3.44
N ILE A 35 0.40 -11.95 -2.78
CA ILE A 35 0.42 -11.81 -1.33
C ILE A 35 -0.62 -12.75 -0.72
N ASN A 36 -0.15 -13.90 -0.26
CA ASN A 36 -1.03 -14.88 0.34
C ASN A 36 -1.35 -14.45 1.78
N GLU A 37 -2.63 -14.53 2.11
CA GLU A 37 -3.09 -14.15 3.44
C GLU A 37 -2.08 -14.63 4.50
N GLY A 38 -1.62 -13.68 5.30
CA GLY A 38 -0.66 -14.00 6.35
C GLY A 38 0.76 -13.59 5.93
N ASP A 39 1.02 -13.74 4.64
CA ASP A 39 2.32 -13.40 4.11
C ASP A 39 2.68 -11.96 4.49
N LEU A 40 3.97 -11.72 4.62
CA LEU A 40 4.45 -10.39 5.00
C LEU A 40 4.40 -9.48 3.77
N ILE A 41 3.66 -8.39 3.91
CA ILE A 41 3.52 -7.43 2.83
C ILE A 41 4.71 -6.47 2.85
N ALA A 42 5.04 -6.01 4.05
CA ALA A 42 6.16 -5.09 4.22
C ALA A 42 6.38 -4.83 5.71
N GLU A 43 7.54 -4.29 6.02
CA GLU A 43 7.88 -3.98 7.40
C GLU A 43 7.83 -2.47 7.65
N VAL A 44 7.65 -2.11 8.90
CA VAL A 44 7.58 -0.71 9.28
C VAL A 44 8.45 -0.47 10.51
N GLU A 45 9.18 0.63 10.47
CA GLU A 45 10.06 0.98 11.57
C GLU A 45 9.40 2.01 12.48
N THR A 46 9.26 1.63 13.75
CA THR A 46 8.64 2.50 14.73
C THR A 46 9.55 2.67 15.95
N ASP A 47 9.22 3.67 16.75
CA ASP A 47 10.00 3.95 17.94
C ASP A 47 10.15 2.66 18.77
N LYS A 48 9.23 1.74 18.53
CA LYS A 48 9.25 0.47 19.23
C LYS A 48 10.27 -0.45 18.58
N ALA A 49 10.15 -0.61 17.27
CA ALA A 49 11.05 -1.45 16.52
C ALA A 49 10.47 -1.69 15.12
N THR A 50 11.16 -2.54 14.37
CA THR A 50 10.72 -2.87 13.02
C THR A 50 9.59 -3.90 13.06
N VAL A 51 8.40 -3.44 12.68
CA VAL A 51 7.24 -4.31 12.67
C VAL A 51 7.08 -4.93 11.27
N GLY A 52 6.28 -5.98 11.22
CA GLY A 52 6.05 -6.68 9.96
C GLY A 52 4.55 -6.71 9.63
N PHE A 53 4.19 -5.92 8.63
CA PHE A 53 2.80 -5.85 8.20
C PHE A 53 2.41 -7.09 7.40
N GLU A 54 1.45 -7.82 7.94
CA GLU A 54 0.97 -9.03 7.30
C GLU A 54 -0.28 -8.73 6.46
N SER A 55 -0.61 -9.67 5.59
CA SER A 55 -1.77 -9.52 4.73
C SER A 55 -2.99 -10.20 5.38
N LEU A 56 -4.14 -9.59 5.17
CA LEU A 56 -5.38 -10.12 5.72
C LEU A 56 -6.32 -10.47 4.57
N GLU A 57 -5.75 -10.58 3.38
CA GLU A 57 -6.54 -10.91 2.20
C GLU A 57 -5.63 -11.45 1.10
N GLU A 58 -6.26 -11.93 0.04
CA GLU A 58 -5.52 -12.47 -1.10
C GLU A 58 -5.63 -11.54 -2.31
N CYS A 59 -4.48 -11.06 -2.75
CA CYS A 59 -4.44 -10.16 -3.90
C CYS A 59 -2.99 -9.98 -4.31
N TYR A 60 -2.78 -9.07 -5.26
CA TYR A 60 -1.44 -8.78 -5.74
C TYR A 60 -1.10 -7.30 -5.59
N MET A 61 0.19 -7.03 -5.43
CA MET A 61 0.65 -5.67 -5.26
C MET A 61 0.32 -4.82 -6.50
N ALA A 62 -0.53 -3.84 -6.29
CA ALA A 62 -0.94 -2.96 -7.38
C ALA A 62 0.16 -1.93 -7.63
N LYS A 63 0.37 -1.08 -6.63
CA LYS A 63 1.39 -0.04 -6.73
C LYS A 63 1.97 0.24 -5.35
N ILE A 64 3.24 0.61 -5.34
CA ILE A 64 3.92 0.90 -4.09
C ILE A 64 4.24 2.39 -4.03
N LEU A 65 3.20 3.18 -3.77
CA LEU A 65 3.37 4.62 -3.69
C LEU A 65 4.64 4.95 -2.92
N VAL A 66 4.67 4.52 -1.66
CA VAL A 66 5.83 4.75 -0.81
C VAL A 66 6.73 3.53 -0.85
N ALA A 67 7.96 3.75 -1.31
CA ALA A 67 8.93 2.67 -1.40
C ALA A 67 9.54 2.43 -0.02
N GLU A 68 10.53 1.55 0.00
CA GLU A 68 11.20 1.22 1.25
C GLU A 68 12.35 2.19 1.52
N GLY A 69 12.34 2.76 2.72
CA GLY A 69 13.37 3.71 3.10
C GLY A 69 12.76 5.09 3.40
N THR A 70 11.67 5.37 2.70
CA THR A 70 10.99 6.64 2.88
C THR A 70 10.67 6.87 4.36
N ARG A 71 11.47 7.72 4.98
CA ARG A 71 11.29 8.03 6.39
C ARG A 71 10.34 9.22 6.55
N ASP A 72 9.61 9.21 7.65
CA ASP A 72 8.66 10.28 7.94
C ASP A 72 7.33 9.96 7.27
N VAL A 73 6.96 8.69 7.33
CA VAL A 73 5.72 8.24 6.73
C VAL A 73 4.57 8.46 7.72
N PRO A 74 3.65 9.39 7.34
CA PRO A 74 2.51 9.70 8.18
C PRO A 74 1.46 8.58 8.13
N ILE A 75 0.67 8.51 9.19
CA ILE A 75 -0.37 7.50 9.27
C ILE A 75 -1.51 7.85 8.31
N GLY A 76 -2.03 6.82 7.66
CA GLY A 76 -3.12 7.02 6.71
C GLY A 76 -2.58 7.28 5.30
N ALA A 77 -1.31 7.65 5.25
CA ALA A 77 -0.66 7.92 3.97
C ALA A 77 -0.49 6.61 3.20
N ILE A 78 -1.28 6.46 2.14
CA ILE A 78 -1.21 5.28 1.33
C ILE A 78 0.24 4.85 1.17
N ILE A 79 0.48 3.55 1.38
CA ILE A 79 1.82 3.01 1.26
C ILE A 79 1.92 2.19 -0.03
N CYS A 80 0.79 1.64 -0.44
CA CYS A 80 0.74 0.84 -1.65
C CYS A 80 -0.73 0.63 -2.02
N ILE A 81 -0.93 -0.01 -3.17
CA ILE A 81 -2.27 -0.29 -3.65
C ILE A 81 -2.38 -1.76 -4.05
N THR A 82 -3.60 -2.27 -3.98
CA THR A 82 -3.85 -3.66 -4.34
C THR A 82 -4.95 -3.76 -5.39
N VAL A 83 -4.91 -4.85 -6.14
CA VAL A 83 -5.90 -5.09 -7.18
C VAL A 83 -6.46 -6.50 -7.03
N GLY A 84 -7.28 -6.87 -8.01
CA GLY A 84 -7.88 -8.19 -8.01
C GLY A 84 -7.18 -9.12 -9.00
N LYS A 85 -6.36 -8.52 -9.85
CA LYS A 85 -5.61 -9.28 -10.84
C LYS A 85 -4.30 -8.57 -11.15
N PRO A 86 -3.33 -9.36 -11.68
CA PRO A 86 -2.03 -8.80 -12.02
C PRO A 86 -2.11 -7.98 -13.31
N GLU A 87 -3.08 -8.32 -14.14
CA GLU A 87 -3.28 -7.62 -15.40
C GLU A 87 -3.61 -6.15 -15.14
N ASP A 88 -4.07 -5.88 -13.92
CA ASP A 88 -4.42 -4.52 -13.54
C ASP A 88 -3.17 -3.79 -13.04
N ILE A 89 -2.30 -4.55 -12.40
CA ILE A 89 -1.06 -3.99 -11.88
C ILE A 89 -0.42 -3.10 -12.93
N GLU A 90 -0.19 -3.69 -14.10
CA GLU A 90 0.42 -2.95 -15.20
C GLU A 90 -0.24 -1.59 -15.35
N ALA A 91 -1.57 -1.59 -15.29
CA ALA A 91 -2.33 -0.36 -15.42
C ALA A 91 -2.01 0.56 -14.25
N PHE A 92 -1.77 -0.05 -13.10
CA PHE A 92 -1.45 0.70 -11.90
C PHE A 92 0.04 0.98 -11.81
N LYS A 93 0.78 0.40 -12.74
CA LYS A 93 2.22 0.57 -12.78
C LYS A 93 2.54 2.06 -12.95
N ASN A 94 1.65 2.75 -13.65
CA ASN A 94 1.82 4.18 -13.89
C ASN A 94 0.69 4.94 -13.20
N TYR A 95 0.70 4.92 -11.88
CA TYR A 95 -0.32 5.60 -11.12
C TYR A 95 0.29 6.73 -10.27
N THR A 96 -0.48 7.79 -10.12
CA THR A 96 -0.03 8.93 -9.34
C THR A 96 -1.18 9.51 -8.52
N LEU A 97 -0.82 10.20 -7.46
CA LEU A 97 -1.81 10.81 -6.58
C LEU A 97 -2.19 12.19 -7.12
N ASP A 98 -2.77 12.19 -8.31
CA ASP A 98 -3.19 13.42 -8.95
C ASP A 98 -4.66 13.33 -9.34
N SER A 99 -5.51 13.77 -8.45
CA SER A 99 -6.95 13.74 -8.69
C SER A 99 -7.69 14.44 -7.55
N SER A 100 -7.47 13.93 -6.34
CA SER A 100 -8.10 14.49 -5.16
C SER A 100 -9.62 14.42 -5.30
N ALA A 101 -10.19 13.34 -4.79
CA ALA A 101 -11.62 13.13 -4.85
C ALA A 101 -12.07 12.28 -3.67
N ALA A 102 -12.76 12.94 -2.74
CA ALA A 102 -13.25 12.25 -1.56
C ALA A 102 -14.38 11.30 -1.95
N SER A 103 -14.43 10.17 -1.26
CA SER A 103 -15.45 9.17 -1.53
C SER A 103 -15.71 8.34 -0.26
N GLY A 104 -14.66 7.69 0.21
CA GLY A 104 -14.76 6.87 1.41
C GLY A 104 -14.31 5.43 1.12
N PRO A 105 -13.04 5.14 1.53
CA PRO A 105 -12.48 3.82 1.33
C PRO A 105 -13.07 2.82 2.32
N SER A 106 -14.32 2.47 2.09
CA SER A 106 -15.01 1.52 2.95
C SER A 106 -14.67 1.80 4.42
N SER A 107 -15.36 2.77 4.98
CA SER A 107 -15.15 3.15 6.37
C SER A 107 -15.78 2.11 7.30
N GLY A 108 -14.92 1.40 8.00
CA GLY A 108 -15.38 0.37 8.94
C GLY A 108 -14.21 -0.15 9.78
N GLY A 1 -12.44 11.30 -13.10
CA GLY A 1 -11.62 10.76 -14.18
C GLY A 1 -12.21 9.44 -14.69
N SER A 2 -12.41 9.39 -16.01
CA SER A 2 -12.96 8.21 -16.63
C SER A 2 -11.85 7.20 -16.93
N SER A 3 -12.02 6.00 -16.39
CA SER A 3 -11.05 4.94 -16.58
C SER A 3 -11.52 3.66 -15.90
N GLY A 4 -11.09 2.53 -16.45
CA GLY A 4 -11.47 1.24 -15.90
C GLY A 4 -10.52 0.84 -14.76
N SER A 5 -10.29 -0.46 -14.66
CA SER A 5 -9.41 -0.99 -13.63
C SER A 5 -9.92 -0.57 -12.25
N SER A 6 -9.42 -1.25 -11.23
CA SER A 6 -9.80 -0.94 -9.86
C SER A 6 -8.74 -1.47 -8.89
N GLY A 7 -8.28 -0.58 -8.03
CA GLY A 7 -7.27 -0.94 -7.05
C GLY A 7 -7.72 -0.54 -5.64
N GLN A 8 -6.92 -0.96 -4.66
CA GLN A 8 -7.22 -0.66 -3.28
C GLN A 8 -6.04 0.07 -2.62
N LYS A 9 -6.35 1.21 -2.03
CA LYS A 9 -5.33 2.01 -1.37
C LYS A 9 -5.08 1.45 0.03
N VAL A 10 -3.80 1.35 0.37
CA VAL A 10 -3.40 0.83 1.66
C VAL A 10 -2.80 1.97 2.50
N PRO A 11 -3.66 2.53 3.40
CA PRO A 11 -3.23 3.61 4.26
C PRO A 11 -2.33 3.10 5.39
N LEU A 12 -1.16 3.71 5.49
CA LEU A 12 -0.20 3.32 6.50
C LEU A 12 -0.94 3.08 7.83
N PRO A 13 -1.16 1.78 8.14
CA PRO A 13 -1.85 1.40 9.36
C PRO A 13 -0.94 1.57 10.57
N SER A 14 -1.48 2.20 11.60
CA SER A 14 -0.74 2.44 12.82
C SER A 14 -0.44 1.10 13.51
N LEU A 15 0.83 0.71 13.45
CA LEU A 15 1.25 -0.53 14.07
C LEU A 15 1.72 -0.26 15.50
N SER A 16 1.22 0.84 16.05
CA SER A 16 1.56 1.22 17.40
C SER A 16 0.44 2.08 18.01
N PRO A 17 0.56 2.30 19.35
CA PRO A 17 -0.43 3.10 20.06
C PRO A 17 -0.26 4.58 19.76
N THR A 18 0.92 5.09 20.07
CA THR A 18 1.22 6.50 19.84
C THR A 18 1.98 6.67 18.52
N MET A 19 1.60 5.85 17.54
CA MET A 19 2.23 5.90 16.24
C MET A 19 1.70 7.10 15.42
N GLN A 20 2.59 8.04 15.19
CA GLN A 20 2.24 9.23 14.43
C GLN A 20 2.83 9.16 13.02
N ALA A 21 3.91 8.40 12.91
CA ALA A 21 4.58 8.23 11.63
C ALA A 21 5.56 7.05 11.72
N GLY A 22 5.70 6.36 10.60
CA GLY A 22 6.59 5.21 10.54
C GLY A 22 7.51 5.30 9.32
N THR A 23 8.29 4.25 9.14
CA THR A 23 9.22 4.20 8.02
C THR A 23 9.15 2.83 7.34
N ILE A 24 9.08 2.86 6.02
CA ILE A 24 9.01 1.62 5.25
C ILE A 24 10.37 0.93 5.28
N ALA A 25 10.55 0.07 6.26
CA ALA A 25 11.79 -0.66 6.41
C ALA A 25 12.13 -1.35 5.10
N ARG A 26 11.27 -2.29 4.72
CA ARG A 26 11.47 -3.03 3.48
C ARG A 26 10.13 -3.48 2.91
N TRP A 27 10.12 -3.72 1.60
CA TRP A 27 8.91 -4.15 0.93
C TRP A 27 9.04 -5.64 0.63
N GLU A 28 8.80 -6.44 1.67
CA GLU A 28 8.89 -7.88 1.53
C GLU A 28 8.34 -8.32 0.17
N LYS A 29 7.36 -7.58 -0.31
CA LYS A 29 6.76 -7.88 -1.60
C LYS A 29 7.12 -6.78 -2.60
N LYS A 30 6.91 -7.09 -3.87
CA LYS A 30 7.20 -6.15 -4.93
C LYS A 30 5.99 -6.03 -5.86
N GLU A 31 6.12 -5.16 -6.85
CA GLU A 31 5.06 -4.94 -7.81
C GLU A 31 4.85 -6.19 -8.67
N GLY A 32 3.63 -6.71 -8.62
CA GLY A 32 3.29 -7.89 -9.38
C GLY A 32 3.68 -9.17 -8.63
N ASP A 33 3.50 -9.12 -7.32
CA ASP A 33 3.84 -10.25 -6.48
C ASP A 33 2.58 -10.69 -5.70
N LYS A 34 2.24 -11.96 -5.89
CA LYS A 34 1.07 -12.52 -5.22
C LYS A 34 1.26 -12.44 -3.71
N ILE A 35 0.23 -11.96 -3.03
CA ILE A 35 0.27 -11.82 -1.58
C ILE A 35 -0.74 -12.78 -0.96
N ASN A 36 -0.22 -13.86 -0.40
CA ASN A 36 -1.06 -14.86 0.23
C ASN A 36 -1.39 -14.42 1.66
N GLU A 37 -2.67 -14.45 1.97
CA GLU A 37 -3.13 -14.05 3.29
C GLU A 37 -2.16 -14.56 4.37
N GLY A 38 -1.66 -13.62 5.15
CA GLY A 38 -0.73 -13.96 6.22
C GLY A 38 0.69 -13.56 5.84
N ASP A 39 1.01 -13.76 4.57
CA ASP A 39 2.34 -13.43 4.08
C ASP A 39 2.68 -11.99 4.45
N LEU A 40 3.97 -11.74 4.61
CA LEU A 40 4.44 -10.41 4.97
C LEU A 40 4.41 -9.50 3.74
N ILE A 41 3.81 -8.33 3.91
CA ILE A 41 3.71 -7.38 2.82
C ILE A 41 4.93 -6.44 2.87
N ALA A 42 5.19 -5.93 4.06
CA ALA A 42 6.31 -5.02 4.25
C ALA A 42 6.51 -4.78 5.75
N GLU A 43 7.70 -4.28 6.08
CA GLU A 43 8.03 -3.99 7.46
C GLU A 43 7.94 -2.49 7.73
N VAL A 44 7.76 -2.16 9.00
CA VAL A 44 7.65 -0.77 9.41
C VAL A 44 8.46 -0.55 10.69
N GLU A 45 9.20 0.55 10.71
CA GLU A 45 10.02 0.88 11.87
C GLU A 45 9.30 1.90 12.75
N THR A 46 9.10 1.52 14.00
CA THR A 46 8.43 2.40 14.95
C THR A 46 9.29 2.56 16.21
N ASP A 47 8.92 3.56 17.01
CA ASP A 47 9.63 3.83 18.24
C ASP A 47 9.75 2.55 19.06
N LYS A 48 8.85 1.61 18.77
CA LYS A 48 8.84 0.34 19.48
C LYS A 48 9.89 -0.58 18.84
N ALA A 49 9.81 -0.72 17.54
CA ALA A 49 10.74 -1.56 16.81
C ALA A 49 10.20 -1.80 15.40
N THR A 50 10.92 -2.64 14.66
CA THR A 50 10.54 -2.96 13.30
C THR A 50 9.40 -3.98 13.30
N VAL A 51 8.24 -3.53 12.85
CA VAL A 51 7.07 -4.40 12.79
C VAL A 51 6.97 -5.02 11.39
N GLY A 52 6.14 -6.04 11.29
CA GLY A 52 5.95 -6.73 10.02
C GLY A 52 4.46 -6.72 9.62
N PHE A 53 4.17 -5.96 8.57
CA PHE A 53 2.81 -5.87 8.07
C PHE A 53 2.44 -7.10 7.25
N GLU A 54 1.50 -7.87 7.78
CA GLU A 54 1.05 -9.07 7.10
C GLU A 54 -0.17 -8.76 6.23
N SER A 55 -0.53 -9.73 5.41
CA SER A 55 -1.68 -9.58 4.53
C SER A 55 -2.91 -10.21 5.17
N LEU A 56 -4.03 -9.49 5.06
CA LEU A 56 -5.28 -9.97 5.61
C LEU A 56 -6.22 -10.37 4.48
N GLU A 57 -5.65 -10.47 3.29
CA GLU A 57 -6.43 -10.84 2.12
C GLU A 57 -5.49 -11.30 0.99
N GLU A 58 -6.10 -11.87 -0.04
CA GLU A 58 -5.34 -12.35 -1.19
C GLU A 58 -5.44 -11.37 -2.35
N CYS A 59 -4.29 -10.90 -2.79
CA CYS A 59 -4.24 -9.96 -3.90
C CYS A 59 -2.78 -9.79 -4.31
N TYR A 60 -2.56 -8.85 -5.22
CA TYR A 60 -1.22 -8.57 -5.72
C TYR A 60 -0.89 -7.09 -5.60
N MET A 61 0.41 -6.82 -5.55
CA MET A 61 0.87 -5.44 -5.44
C MET A 61 0.52 -4.64 -6.69
N ALA A 62 -0.36 -3.67 -6.51
CA ALA A 62 -0.79 -2.83 -7.61
C ALA A 62 0.26 -1.74 -7.86
N LYS A 63 0.50 -0.95 -6.82
CA LYS A 63 1.46 0.13 -6.91
C LYS A 63 2.08 0.36 -5.53
N ILE A 64 3.36 0.76 -5.54
CA ILE A 64 4.06 1.02 -4.30
C ILE A 64 4.39 2.51 -4.21
N LEU A 65 3.37 3.28 -3.82
CA LEU A 65 3.54 4.72 -3.69
C LEU A 65 4.78 5.01 -2.84
N VAL A 66 4.78 4.47 -1.64
CA VAL A 66 5.89 4.67 -0.73
C VAL A 66 6.84 3.47 -0.82
N ALA A 67 8.09 3.76 -1.12
CA ALA A 67 9.10 2.72 -1.25
C ALA A 67 9.71 2.46 0.13
N GLU A 68 10.70 1.57 0.14
CA GLU A 68 11.37 1.22 1.37
C GLU A 68 12.47 2.24 1.69
N GLY A 69 12.42 2.76 2.91
CA GLY A 69 13.40 3.73 3.35
C GLY A 69 12.73 5.08 3.62
N THR A 70 11.66 5.34 2.89
CA THR A 70 10.92 6.58 3.03
C THR A 70 10.62 6.85 4.51
N ARG A 71 11.40 7.75 5.08
CA ARG A 71 11.24 8.11 6.49
C ARG A 71 10.29 9.30 6.62
N ASP A 72 9.58 9.34 7.74
CA ASP A 72 8.65 10.42 8.00
C ASP A 72 7.30 10.09 7.35
N VAL A 73 6.95 8.81 7.39
CA VAL A 73 5.70 8.36 6.82
C VAL A 73 4.58 8.48 7.87
N PRO A 74 3.61 9.37 7.55
CA PRO A 74 2.49 9.60 8.46
C PRO A 74 1.50 8.43 8.39
N ILE A 75 0.62 8.38 9.39
CA ILE A 75 -0.38 7.33 9.45
C ILE A 75 -1.54 7.69 8.53
N GLY A 76 -1.91 6.72 7.70
CA GLY A 76 -3.01 6.91 6.76
C GLY A 76 -2.47 7.17 5.36
N ALA A 77 -1.22 7.60 5.29
CA ALA A 77 -0.60 7.89 4.02
C ALA A 77 -0.42 6.58 3.24
N ILE A 78 -1.20 6.45 2.18
CA ILE A 78 -1.14 5.27 1.35
C ILE A 78 0.32 4.84 1.18
N ILE A 79 0.56 3.56 1.43
CA ILE A 79 1.90 3.01 1.32
C ILE A 79 2.04 2.28 -0.02
N CYS A 80 0.93 1.68 -0.44
CA CYS A 80 0.91 0.93 -1.69
C CYS A 80 -0.54 0.66 -2.06
N ILE A 81 -0.72 0.08 -3.24
CA ILE A 81 -2.06 -0.24 -3.72
C ILE A 81 -2.10 -1.71 -4.15
N THR A 82 -3.30 -2.27 -4.10
CA THR A 82 -3.49 -3.66 -4.48
C THR A 82 -4.71 -3.81 -5.38
N VAL A 83 -4.69 -4.87 -6.18
CA VAL A 83 -5.80 -5.13 -7.09
C VAL A 83 -6.31 -6.56 -6.87
N GLY A 84 -7.31 -6.92 -7.66
CA GLY A 84 -7.89 -8.25 -7.57
C GLY A 84 -7.34 -9.17 -8.65
N LYS A 85 -6.66 -8.56 -9.61
CA LYS A 85 -6.08 -9.32 -10.71
C LYS A 85 -4.71 -8.73 -11.05
N PRO A 86 -3.86 -9.60 -11.67
CA PRO A 86 -2.52 -9.17 -12.06
C PRO A 86 -2.56 -8.28 -13.30
N GLU A 87 -3.68 -8.36 -14.00
CA GLU A 87 -3.87 -7.57 -15.21
C GLU A 87 -4.14 -6.10 -14.84
N ASP A 88 -4.66 -5.91 -13.64
CA ASP A 88 -4.98 -4.57 -13.17
C ASP A 88 -3.68 -3.89 -12.71
N ILE A 89 -2.67 -4.70 -12.50
CA ILE A 89 -1.38 -4.19 -12.07
C ILE A 89 -0.78 -3.31 -13.16
N GLU A 90 -0.70 -3.88 -14.36
CA GLU A 90 -0.16 -3.16 -15.50
C GLU A 90 -0.89 -1.83 -15.67
N ALA A 91 -2.14 -1.82 -15.27
CA ALA A 91 -2.96 -0.62 -15.38
C ALA A 91 -2.59 0.34 -14.25
N PHE A 92 -2.00 -0.21 -13.21
CA PHE A 92 -1.59 0.59 -12.06
C PHE A 92 -0.09 0.85 -12.09
N LYS A 93 0.60 0.12 -12.97
CA LYS A 93 2.04 0.26 -13.08
C LYS A 93 2.39 1.74 -13.29
N ASN A 94 1.40 2.49 -13.75
CA ASN A 94 1.59 3.91 -13.99
C ASN A 94 0.52 4.70 -13.24
N TYR A 95 0.66 4.72 -11.92
CA TYR A 95 -0.29 5.43 -11.07
C TYR A 95 0.41 6.51 -10.26
N THR A 96 -0.28 7.63 -10.09
CA THR A 96 0.25 8.75 -9.35
C THR A 96 -0.83 9.37 -8.47
N LEU A 97 -0.40 10.27 -7.60
CA LEU A 97 -1.32 10.96 -6.70
C LEU A 97 -1.68 12.32 -7.29
N ASP A 98 -1.06 13.35 -6.71
CA ASP A 98 -1.31 14.71 -7.18
C ASP A 98 -1.39 14.73 -8.70
N SER A 99 -2.60 14.88 -9.20
CA SER A 99 -2.83 14.91 -10.63
C SER A 99 -2.94 16.36 -11.11
N SER A 100 -3.81 17.11 -10.45
CA SER A 100 -4.01 18.50 -10.79
C SER A 100 -4.80 18.60 -12.10
N ALA A 101 -4.21 18.08 -13.16
CA ALA A 101 -4.85 18.11 -14.46
C ALA A 101 -6.33 17.81 -14.31
N ALA A 102 -7.14 18.71 -14.85
CA ALA A 102 -8.59 18.56 -14.77
C ALA A 102 -8.99 17.18 -15.31
N SER A 103 -9.80 16.48 -14.54
CA SER A 103 -10.25 15.17 -14.93
C SER A 103 -11.79 15.14 -15.01
N GLY A 104 -12.29 14.19 -15.78
CA GLY A 104 -13.73 14.04 -15.94
C GLY A 104 -14.05 13.03 -17.04
N PRO A 105 -15.36 12.70 -17.14
CA PRO A 105 -15.83 11.74 -18.15
C PRO A 105 -15.84 12.37 -19.53
N SER A 106 -15.62 11.53 -20.53
CA SER A 106 -15.60 11.99 -21.91
C SER A 106 -16.45 11.06 -22.79
N SER A 107 -17.17 11.67 -23.71
CA SER A 107 -18.02 10.91 -24.61
C SER A 107 -17.21 9.82 -25.31
N GLY A 108 -17.93 8.90 -25.94
CA GLY A 108 -17.29 7.80 -26.64
C GLY A 108 -16.56 8.31 -27.89
N GLY A 1 -14.85 13.06 -19.86
CA GLY A 1 -14.64 11.67 -19.51
C GLY A 1 -14.70 11.46 -18.00
N SER A 2 -14.01 10.43 -17.55
CA SER A 2 -13.98 10.12 -16.12
C SER A 2 -12.79 9.22 -15.81
N SER A 3 -12.72 8.10 -16.52
CA SER A 3 -11.63 7.16 -16.32
C SER A 3 -11.57 6.72 -14.86
N GLY A 4 -10.77 5.70 -14.62
CA GLY A 4 -10.61 5.19 -13.26
C GLY A 4 -9.95 3.80 -13.28
N SER A 5 -9.85 3.22 -12.09
CA SER A 5 -9.25 1.90 -11.96
C SER A 5 -9.88 1.16 -10.78
N SER A 6 -9.61 -0.14 -10.73
CA SER A 6 -10.14 -0.98 -9.68
C SER A 6 -9.02 -1.43 -8.74
N GLY A 7 -8.61 -0.51 -7.88
CA GLY A 7 -7.54 -0.80 -6.93
C GLY A 7 -7.96 -0.41 -5.51
N GLN A 8 -7.18 -0.89 -4.55
CA GLN A 8 -7.45 -0.60 -3.15
C GLN A 8 -6.23 0.06 -2.50
N LYS A 9 -6.46 1.21 -1.89
CA LYS A 9 -5.39 1.94 -1.23
C LYS A 9 -5.15 1.32 0.15
N VAL A 10 -3.87 1.23 0.49
CA VAL A 10 -3.49 0.66 1.77
C VAL A 10 -2.87 1.76 2.65
N PRO A 11 -3.72 2.34 3.53
CA PRO A 11 -3.28 3.40 4.41
C PRO A 11 -2.44 2.84 5.55
N LEU A 12 -1.27 3.43 5.74
CA LEU A 12 -0.35 3.00 6.78
C LEU A 12 -1.15 2.79 8.08
N PRO A 13 -1.40 1.49 8.40
CA PRO A 13 -2.14 1.14 9.60
C PRO A 13 -1.26 1.31 10.85
N SER A 14 -1.92 1.72 11.93
CA SER A 14 -1.21 1.93 13.18
C SER A 14 -0.64 0.60 13.69
N LEU A 15 0.68 0.49 13.64
CA LEU A 15 1.36 -0.71 14.09
C LEU A 15 1.84 -0.52 15.53
N SER A 16 1.39 0.59 16.13
CA SER A 16 1.76 0.89 17.49
C SER A 16 0.68 1.74 18.16
N PRO A 17 0.82 1.90 19.50
CA PRO A 17 -0.15 2.68 20.27
C PRO A 17 0.04 4.17 20.02
N THR A 18 1.19 4.66 20.45
CA THR A 18 1.51 6.08 20.29
C THR A 18 2.23 6.31 18.96
N MET A 19 1.86 5.51 17.97
CA MET A 19 2.45 5.62 16.64
C MET A 19 1.98 6.89 15.94
N GLN A 20 2.94 7.64 15.43
CA GLN A 20 2.64 8.88 14.73
C GLN A 20 3.10 8.79 13.28
N ALA A 21 4.19 8.07 13.08
CA ALA A 21 4.75 7.90 11.75
C ALA A 21 5.71 6.71 11.75
N GLY A 22 5.83 6.07 10.60
CA GLY A 22 6.71 4.93 10.45
C GLY A 22 7.60 5.08 9.23
N THR A 23 8.39 4.04 8.97
CA THR A 23 9.30 4.05 7.84
C THR A 23 9.27 2.70 7.13
N ILE A 24 9.05 2.75 5.82
CA ILE A 24 9.00 1.55 5.02
C ILE A 24 10.36 0.85 5.06
N ALA A 25 10.54 0.01 6.07
CA ALA A 25 11.78 -0.72 6.23
C ALA A 25 12.13 -1.43 4.92
N ARG A 26 11.27 -2.38 4.56
CA ARG A 26 11.47 -3.14 3.34
C ARG A 26 10.13 -3.62 2.78
N TRP A 27 10.09 -3.76 1.46
CA TRP A 27 8.88 -4.21 0.79
C TRP A 27 9.00 -5.72 0.55
N GLU A 28 8.73 -6.47 1.59
CA GLU A 28 8.80 -7.92 1.52
C GLU A 28 8.28 -8.40 0.16
N LYS A 29 7.25 -7.70 -0.32
CA LYS A 29 6.65 -8.04 -1.60
C LYS A 29 6.89 -6.91 -2.59
N LYS A 30 6.92 -7.28 -3.86
CA LYS A 30 7.14 -6.30 -4.92
C LYS A 30 5.92 -6.26 -5.84
N GLU A 31 5.99 -5.39 -6.84
CA GLU A 31 4.90 -5.25 -7.78
C GLU A 31 4.77 -6.52 -8.63
N GLY A 32 3.54 -7.01 -8.72
CA GLY A 32 3.26 -8.21 -9.49
C GLY A 32 3.56 -9.47 -8.67
N ASP A 33 3.65 -9.28 -7.37
CA ASP A 33 3.91 -10.38 -6.46
C ASP A 33 2.62 -10.78 -5.74
N LYS A 34 2.33 -12.06 -5.78
CA LYS A 34 1.13 -12.59 -5.14
C LYS A 34 1.28 -12.46 -3.63
N ILE A 35 0.20 -12.01 -2.99
CA ILE A 35 0.20 -11.85 -1.55
C ILE A 35 -0.92 -12.71 -0.95
N ASN A 36 -0.50 -13.66 -0.12
CA ASN A 36 -1.45 -14.54 0.53
C ASN A 36 -1.69 -14.08 1.96
N GLU A 37 -2.96 -14.05 2.34
CA GLU A 37 -3.33 -13.62 3.68
C GLU A 37 -2.33 -14.15 4.71
N GLY A 38 -1.69 -13.22 5.40
CA GLY A 38 -0.71 -13.57 6.41
C GLY A 38 0.71 -13.27 5.92
N ASP A 39 0.88 -13.37 4.61
CA ASP A 39 2.17 -13.12 4.00
C ASP A 39 2.60 -11.69 4.31
N LEU A 40 3.85 -11.56 4.75
CA LEU A 40 4.40 -10.25 5.08
C LEU A 40 4.38 -9.36 3.84
N ILE A 41 3.71 -8.23 3.97
CA ILE A 41 3.61 -7.29 2.86
C ILE A 41 4.83 -6.37 2.87
N ALA A 42 5.14 -5.85 4.05
CA ALA A 42 6.28 -4.96 4.21
C ALA A 42 6.51 -4.69 5.69
N GLU A 43 7.71 -4.20 5.99
CA GLU A 43 8.07 -3.89 7.37
C GLU A 43 8.12 -2.38 7.57
N VAL A 44 7.58 -1.95 8.71
CA VAL A 44 7.56 -0.53 9.04
C VAL A 44 8.31 -0.30 10.35
N GLU A 45 9.13 0.74 10.35
CA GLU A 45 9.91 1.08 11.53
C GLU A 45 9.19 2.15 12.35
N THR A 46 8.81 1.77 13.55
CA THR A 46 8.11 2.68 14.45
C THR A 46 9.03 3.08 15.62
N ASP A 47 8.59 4.09 16.34
CA ASP A 47 9.35 4.59 17.48
C ASP A 47 9.63 3.42 18.43
N LYS A 48 8.83 2.38 18.29
CA LYS A 48 8.99 1.20 19.14
C LYS A 48 10.05 0.29 18.54
N ALA A 49 9.85 -0.08 17.28
CA ALA A 49 10.79 -0.94 16.59
C ALA A 49 10.22 -1.29 15.21
N THR A 50 10.91 -2.19 14.53
CA THR A 50 10.50 -2.61 13.20
C THR A 50 9.30 -3.55 13.30
N VAL A 51 8.20 -3.13 12.70
CA VAL A 51 6.99 -3.93 12.71
C VAL A 51 6.77 -4.52 11.32
N GLY A 52 6.18 -5.71 11.30
CA GLY A 52 5.91 -6.39 10.05
C GLY A 52 4.42 -6.31 9.69
N PHE A 53 4.15 -5.82 8.50
CA PHE A 53 2.78 -5.69 8.04
C PHE A 53 2.35 -6.91 7.22
N GLU A 54 1.47 -7.70 7.80
CA GLU A 54 0.98 -8.90 7.15
C GLU A 54 -0.30 -8.58 6.35
N SER A 55 -0.59 -9.44 5.39
CA SER A 55 -1.76 -9.27 4.56
C SER A 55 -2.98 -9.86 5.25
N LEU A 56 -4.14 -9.25 5.00
CA LEU A 56 -5.37 -9.71 5.59
C LEU A 56 -6.31 -10.19 4.48
N GLU A 57 -5.74 -10.40 3.31
CA GLU A 57 -6.51 -10.84 2.16
C GLU A 57 -5.59 -11.41 1.08
N GLU A 58 -6.20 -11.83 -0.01
CA GLU A 58 -5.44 -12.39 -1.12
C GLU A 58 -5.54 -11.48 -2.34
N CYS A 59 -4.37 -11.09 -2.84
CA CYS A 59 -4.31 -10.21 -4.00
C CYS A 59 -2.84 -10.01 -4.36
N TYR A 60 -2.62 -9.13 -5.32
CA TYR A 60 -1.27 -8.82 -5.77
C TYR A 60 -0.94 -7.33 -5.58
N MET A 61 0.35 -7.05 -5.51
CA MET A 61 0.80 -5.68 -5.33
C MET A 61 0.46 -4.83 -6.55
N ALA A 62 -0.41 -3.86 -6.33
CA ALA A 62 -0.83 -2.96 -7.40
C ALA A 62 0.26 -1.92 -7.63
N LYS A 63 0.46 -1.09 -6.62
CA LYS A 63 1.46 -0.04 -6.70
C LYS A 63 2.05 0.21 -5.30
N ILE A 64 3.31 0.61 -5.30
CA ILE A 64 4.00 0.88 -4.05
C ILE A 64 4.32 2.38 -3.97
N LEU A 65 3.28 3.16 -3.71
CA LEU A 65 3.43 4.60 -3.61
C LEU A 65 4.71 4.91 -2.82
N VAL A 66 4.72 4.46 -1.58
CA VAL A 66 5.86 4.68 -0.71
C VAL A 66 6.81 3.49 -0.80
N ALA A 67 8.03 3.76 -1.25
CA ALA A 67 9.03 2.73 -1.38
C ALA A 67 9.65 2.43 -0.01
N GLU A 68 10.63 1.54 -0.02
CA GLU A 68 11.31 1.18 1.21
C GLU A 68 12.44 2.17 1.51
N GLY A 69 12.41 2.69 2.72
CA GLY A 69 13.41 3.66 3.15
C GLY A 69 12.78 5.02 3.44
N THR A 70 11.68 5.28 2.75
CA THR A 70 10.97 6.54 2.93
C THR A 70 10.68 6.79 4.41
N ARG A 71 11.50 7.66 5.00
CA ARG A 71 11.33 7.99 6.41
C ARG A 71 10.36 9.16 6.57
N ASP A 72 9.65 9.14 7.69
CA ASP A 72 8.69 10.18 7.98
C ASP A 72 7.36 9.84 7.30
N VAL A 73 6.97 8.58 7.42
CA VAL A 73 5.74 8.11 6.84
C VAL A 73 4.59 8.31 7.83
N PRO A 74 3.65 9.22 7.45
CA PRO A 74 2.51 9.50 8.31
C PRO A 74 1.49 8.36 8.26
N ILE A 75 0.68 8.29 9.31
CA ILE A 75 -0.34 7.26 9.40
C ILE A 75 -1.51 7.61 8.48
N GLY A 76 -1.95 6.62 7.72
CA GLY A 76 -3.06 6.83 6.80
C GLY A 76 -2.56 7.13 5.39
N ALA A 77 -1.26 7.40 5.30
CA ALA A 77 -0.64 7.70 4.02
C ALA A 77 -0.48 6.41 3.22
N ILE A 78 -1.30 6.29 2.18
CA ILE A 78 -1.26 5.11 1.34
C ILE A 78 0.19 4.69 1.12
N ILE A 79 0.46 3.43 1.43
CA ILE A 79 1.81 2.90 1.28
C ILE A 79 1.90 2.14 -0.04
N CYS A 80 0.78 1.51 -0.41
CA CYS A 80 0.73 0.74 -1.64
C CYS A 80 -0.75 0.52 -1.99
N ILE A 81 -0.96 -0.08 -3.15
CA ILE A 81 -2.31 -0.36 -3.62
C ILE A 81 -2.41 -1.84 -4.02
N THR A 82 -3.62 -2.35 -3.99
CA THR A 82 -3.87 -3.73 -4.36
C THR A 82 -5.00 -3.83 -5.38
N VAL A 83 -4.94 -4.87 -6.19
CA VAL A 83 -5.94 -5.08 -7.21
C VAL A 83 -6.50 -6.50 -7.08
N GLY A 84 -7.32 -6.87 -8.06
CA GLY A 84 -7.93 -8.19 -8.07
C GLY A 84 -7.18 -9.13 -9.01
N LYS A 85 -6.48 -8.53 -9.97
CA LYS A 85 -5.73 -9.30 -10.94
C LYS A 85 -4.42 -8.58 -11.24
N PRO A 86 -3.42 -9.36 -11.74
CA PRO A 86 -2.12 -8.81 -12.07
C PRO A 86 -2.19 -8.01 -13.38
N GLU A 87 -3.18 -8.35 -14.19
CA GLU A 87 -3.36 -7.67 -15.46
C GLU A 87 -3.72 -6.19 -15.24
N ASP A 88 -4.13 -5.90 -14.01
CA ASP A 88 -4.49 -4.54 -13.66
C ASP A 88 -3.25 -3.80 -13.16
N ILE A 89 -2.38 -4.54 -12.50
CA ILE A 89 -1.15 -3.97 -11.96
C ILE A 89 -0.50 -3.09 -13.04
N GLU A 90 -0.30 -3.69 -14.21
CA GLU A 90 0.31 -2.97 -15.32
C GLU A 90 -0.36 -1.60 -15.50
N ALA A 91 -1.65 -1.57 -15.21
CA ALA A 91 -2.40 -0.34 -15.34
C ALA A 91 -2.03 0.61 -14.20
N PHE A 92 -1.76 0.02 -13.05
CA PHE A 92 -1.38 0.79 -11.88
C PHE A 92 0.12 1.07 -11.85
N LYS A 93 0.83 0.35 -12.72
CA LYS A 93 2.28 0.50 -12.80
C LYS A 93 2.62 1.99 -12.93
N ASN A 94 1.68 2.73 -13.50
CA ASN A 94 1.88 4.16 -13.69
C ASN A 94 0.71 4.91 -13.05
N TYR A 95 0.69 4.89 -11.72
CA TYR A 95 -0.36 5.57 -10.98
C TYR A 95 0.21 6.73 -10.17
N THR A 96 -0.57 7.80 -10.11
CA THR A 96 -0.16 8.98 -9.37
C THR A 96 -1.37 9.63 -8.69
N LEU A 97 -1.11 10.21 -7.53
CA LEU A 97 -2.17 10.86 -6.78
C LEU A 97 -2.42 12.25 -7.37
N ASP A 98 -3.69 12.49 -7.70
CA ASP A 98 -4.08 13.76 -8.28
C ASP A 98 -3.59 14.90 -7.39
N SER A 99 -3.72 14.69 -6.09
CA SER A 99 -3.29 15.68 -5.12
C SER A 99 -2.17 15.11 -4.25
N SER A 100 -0.94 15.33 -4.70
CA SER A 100 0.22 14.84 -3.97
C SER A 100 1.46 15.65 -4.35
N ALA A 101 1.88 16.49 -3.42
CA ALA A 101 3.05 17.33 -3.65
C ALA A 101 4.20 16.46 -4.17
N ALA A 102 5.19 17.13 -4.73
CA ALA A 102 6.35 16.44 -5.27
C ALA A 102 7.60 16.86 -4.49
N SER A 103 7.88 18.16 -4.54
CA SER A 103 9.03 18.70 -3.85
C SER A 103 10.31 18.00 -4.34
N GLY A 104 10.80 18.46 -5.48
CA GLY A 104 12.00 17.90 -6.06
C GLY A 104 11.73 17.36 -7.47
N PRO A 105 12.54 17.86 -8.45
CA PRO A 105 12.39 17.45 -9.83
C PRO A 105 12.96 16.03 -10.03
N SER A 106 12.22 15.06 -9.55
CA SER A 106 12.64 13.67 -9.67
C SER A 106 12.36 13.16 -11.08
N SER A 107 11.09 13.25 -11.46
CA SER A 107 10.67 12.80 -12.78
C SER A 107 11.01 13.86 -13.83
N GLY A 108 11.81 13.46 -14.81
CA GLY A 108 12.22 14.37 -15.86
C GLY A 108 13.55 15.02 -15.54
N GLY A 1 -15.19 2.85 -22.09
CA GLY A 1 -14.84 1.95 -21.00
C GLY A 1 -15.72 2.22 -19.77
N SER A 2 -15.73 1.25 -18.87
CA SER A 2 -16.51 1.37 -17.65
C SER A 2 -16.23 0.18 -16.73
N SER A 3 -16.46 -1.01 -17.27
CA SER A 3 -16.25 -2.23 -16.51
C SER A 3 -14.75 -2.52 -16.41
N GLY A 4 -14.22 -2.37 -15.21
CA GLY A 4 -12.81 -2.62 -14.97
C GLY A 4 -12.26 -1.69 -13.89
N SER A 5 -10.97 -1.40 -14.00
CA SER A 5 -10.32 -0.52 -13.04
C SER A 5 -10.63 -0.97 -11.62
N SER A 6 -9.80 -1.87 -11.11
CA SER A 6 -9.97 -2.40 -9.78
C SER A 6 -8.65 -2.30 -8.99
N GLY A 7 -8.71 -1.55 -7.90
CA GLY A 7 -7.53 -1.37 -7.07
C GLY A 7 -7.94 -1.08 -5.62
N GLN A 8 -6.95 -1.17 -4.74
CA GLN A 8 -7.19 -0.92 -3.32
C GLN A 8 -5.97 -0.21 -2.70
N LYS A 9 -6.24 0.95 -2.11
CA LYS A 9 -5.20 1.73 -1.48
C LYS A 9 -4.89 1.14 -0.10
N VAL A 10 -3.61 1.13 0.23
CA VAL A 10 -3.18 0.60 1.50
C VAL A 10 -2.64 1.74 2.37
N PRO A 11 -3.54 2.26 3.26
CA PRO A 11 -3.17 3.34 4.16
C PRO A 11 -2.27 2.85 5.29
N LEU A 12 -1.12 3.49 5.41
CA LEU A 12 -0.16 3.12 6.44
C LEU A 12 -0.91 2.86 7.75
N PRO A 13 -1.10 1.54 8.05
CA PRO A 13 -1.79 1.15 9.27
C PRO A 13 -0.91 1.34 10.50
N SER A 14 -1.47 1.98 11.50
CA SER A 14 -0.74 2.24 12.73
C SER A 14 -0.43 0.92 13.44
N LEU A 15 0.84 0.55 13.42
CA LEU A 15 1.28 -0.68 14.04
C LEU A 15 1.72 -0.39 15.48
N SER A 16 1.19 0.71 16.01
CA SER A 16 1.51 1.11 17.37
C SER A 16 0.36 1.94 17.95
N PRO A 17 0.46 2.20 19.28
CA PRO A 17 -0.55 2.98 19.97
C PRO A 17 -0.42 4.46 19.64
N THR A 18 0.72 5.02 20.04
CA THR A 18 0.98 6.42 19.79
C THR A 18 1.73 6.60 18.47
N MET A 19 1.41 5.74 17.52
CA MET A 19 2.04 5.78 16.21
C MET A 19 1.54 6.98 15.41
N GLN A 20 2.47 7.89 15.13
CA GLN A 20 2.13 9.08 14.37
C GLN A 20 2.72 9.00 12.97
N ALA A 21 3.81 8.25 12.85
CA ALA A 21 4.48 8.09 11.57
C ALA A 21 5.48 6.92 11.67
N GLY A 22 5.63 6.23 10.56
CA GLY A 22 6.55 5.10 10.51
C GLY A 22 7.48 5.20 9.29
N THR A 23 8.34 4.21 9.16
CA THR A 23 9.29 4.17 8.06
C THR A 23 9.26 2.80 7.38
N ILE A 24 9.04 2.82 6.07
CA ILE A 24 8.99 1.60 5.30
C ILE A 24 10.36 0.92 5.32
N ALA A 25 10.54 0.04 6.30
CA ALA A 25 11.79 -0.67 6.44
C ALA A 25 12.14 -1.36 5.13
N ARG A 26 11.29 -2.30 4.74
CA ARG A 26 11.50 -3.03 3.50
C ARG A 26 10.16 -3.55 2.96
N TRP A 27 10.11 -3.70 1.65
CA TRP A 27 8.90 -4.18 0.99
C TRP A 27 9.08 -5.68 0.72
N GLU A 28 8.75 -6.47 1.74
CA GLU A 28 8.85 -7.92 1.62
C GLU A 28 8.34 -8.38 0.26
N LYS A 29 7.39 -7.62 -0.26
CA LYS A 29 6.80 -7.95 -1.55
C LYS A 29 7.10 -6.81 -2.54
N LYS A 30 7.18 -7.19 -3.81
CA LYS A 30 7.46 -6.21 -4.86
C LYS A 30 6.25 -6.12 -5.80
N GLU A 31 6.41 -5.32 -6.84
CA GLU A 31 5.34 -5.14 -7.82
C GLU A 31 5.13 -6.43 -8.60
N GLY A 32 3.90 -6.91 -8.58
CA GLY A 32 3.55 -8.12 -9.29
C GLY A 32 3.55 -9.33 -8.35
N ASP A 33 4.37 -9.23 -7.31
CA ASP A 33 4.48 -10.30 -6.33
C ASP A 33 3.09 -10.58 -5.74
N LYS A 34 2.76 -11.86 -5.66
CA LYS A 34 1.49 -12.27 -5.12
C LYS A 34 1.51 -12.15 -3.60
N ILE A 35 0.42 -11.61 -3.05
CA ILE A 35 0.31 -11.43 -1.62
C ILE A 35 -0.85 -12.27 -1.08
N ASN A 36 -0.50 -13.22 -0.23
CA ASN A 36 -1.50 -14.10 0.35
C ASN A 36 -1.71 -13.72 1.83
N GLU A 37 -2.96 -13.82 2.25
CA GLU A 37 -3.30 -13.49 3.63
C GLU A 37 -2.23 -14.02 4.59
N GLY A 38 -1.67 -13.10 5.36
CA GLY A 38 -0.64 -13.45 6.33
C GLY A 38 0.76 -13.16 5.76
N ASP A 39 0.86 -13.24 4.44
CA ASP A 39 2.11 -12.98 3.77
C ASP A 39 2.54 -11.54 4.04
N LEU A 40 3.71 -11.41 4.66
CA LEU A 40 4.25 -10.10 4.98
C LEU A 40 4.20 -9.21 3.73
N ILE A 41 3.73 -7.99 3.93
CA ILE A 41 3.63 -7.04 2.83
C ILE A 41 4.83 -6.09 2.87
N ALA A 42 5.17 -5.66 4.07
CA ALA A 42 6.30 -4.76 4.26
C ALA A 42 6.53 -4.55 5.76
N GLU A 43 7.74 -4.10 6.07
CA GLU A 43 8.10 -3.85 7.46
C GLU A 43 8.15 -2.35 7.73
N VAL A 44 7.78 -1.98 8.96
CA VAL A 44 7.79 -0.59 9.36
C VAL A 44 8.58 -0.43 10.66
N GLU A 45 9.39 0.61 10.69
CA GLU A 45 10.20 0.88 11.87
C GLU A 45 9.48 1.85 12.81
N THR A 46 9.20 1.35 14.00
CA THR A 46 8.51 2.15 15.00
C THR A 46 9.38 2.33 16.25
N ASP A 47 9.01 3.30 17.07
CA ASP A 47 9.74 3.58 18.29
C ASP A 47 9.94 2.26 19.06
N LYS A 48 9.08 1.31 18.79
CA LYS A 48 9.15 0.02 19.45
C LYS A 48 10.19 -0.85 18.74
N ALA A 49 10.06 -0.91 17.43
CA ALA A 49 10.97 -1.70 16.62
C ALA A 49 10.39 -1.90 15.23
N THR A 50 11.08 -2.70 14.42
CA THR A 50 10.64 -2.98 13.07
C THR A 50 9.49 -3.99 13.09
N VAL A 51 8.32 -3.51 12.71
CA VAL A 51 7.14 -4.36 12.67
C VAL A 51 6.97 -4.93 11.26
N GLY A 52 6.11 -5.94 11.17
CA GLY A 52 5.86 -6.58 9.89
C GLY A 52 4.38 -6.49 9.52
N PHE A 53 4.11 -5.74 8.47
CA PHE A 53 2.75 -5.56 8.01
C PHE A 53 2.32 -6.72 7.10
N GLU A 54 1.36 -7.50 7.59
CA GLU A 54 0.86 -8.63 6.84
C GLU A 54 -0.38 -8.24 6.05
N SER A 55 -0.78 -9.13 5.15
CA SER A 55 -1.95 -8.89 4.32
C SER A 55 -3.21 -9.40 5.02
N LEU A 56 -4.33 -8.78 4.69
CA LEU A 56 -5.60 -9.17 5.27
C LEU A 56 -6.33 -10.11 4.31
N GLU A 57 -5.99 -10.00 3.04
CA GLU A 57 -6.60 -10.82 2.01
C GLU A 57 -5.58 -11.19 0.94
N GLU A 58 -6.05 -11.90 -0.07
CA GLU A 58 -5.20 -12.32 -1.16
C GLU A 58 -5.32 -11.35 -2.34
N CYS A 59 -4.20 -10.72 -2.66
CA CYS A 59 -4.17 -9.76 -3.76
C CYS A 59 -2.73 -9.67 -4.27
N TYR A 60 -2.54 -8.78 -5.24
CA TYR A 60 -1.22 -8.59 -5.83
C TYR A 60 -0.75 -7.14 -5.66
N MET A 61 0.56 -6.99 -5.55
CA MET A 61 1.14 -5.67 -5.39
C MET A 61 0.84 -4.78 -6.59
N ALA A 62 -0.17 -3.95 -6.43
CA ALA A 62 -0.57 -3.05 -7.50
C ALA A 62 0.52 -2.00 -7.71
N LYS A 63 0.65 -1.12 -6.73
CA LYS A 63 1.66 -0.07 -6.80
C LYS A 63 2.19 0.21 -5.40
N ILE A 64 3.48 0.55 -5.34
CA ILE A 64 4.13 0.84 -4.08
C ILE A 64 4.45 2.33 -4.01
N LEU A 65 3.41 3.12 -3.76
CA LEU A 65 3.58 4.57 -3.67
C LEU A 65 4.83 4.88 -2.83
N VAL A 66 4.79 4.43 -1.59
CA VAL A 66 5.90 4.65 -0.68
C VAL A 66 6.85 3.45 -0.73
N ALA A 67 8.09 3.72 -1.11
CA ALA A 67 9.09 2.68 -1.20
C ALA A 67 9.70 2.44 0.19
N GLU A 68 10.70 1.57 0.21
CA GLU A 68 11.37 1.24 1.46
C GLU A 68 12.47 2.27 1.76
N GLY A 69 12.44 2.77 2.99
CA GLY A 69 13.43 3.75 3.41
C GLY A 69 12.77 5.11 3.64
N THR A 70 11.66 5.32 2.97
CA THR A 70 10.93 6.57 3.09
C THR A 70 10.60 6.85 4.56
N ARG A 71 11.36 7.77 5.14
CA ARG A 71 11.15 8.13 6.53
C ARG A 71 10.20 9.32 6.64
N ASP A 72 9.45 9.35 7.73
CA ASP A 72 8.50 10.43 7.96
C ASP A 72 7.17 10.07 7.30
N VAL A 73 6.85 8.79 7.35
CA VAL A 73 5.61 8.32 6.76
C VAL A 73 4.49 8.40 7.81
N PRO A 74 3.50 9.27 7.50
CA PRO A 74 2.36 9.46 8.40
C PRO A 74 1.41 8.27 8.33
N ILE A 75 0.53 8.20 9.32
CA ILE A 75 -0.44 7.13 9.39
C ILE A 75 -1.60 7.44 8.45
N GLY A 76 -1.97 6.44 7.67
CA GLY A 76 -3.05 6.59 6.72
C GLY A 76 -2.53 6.92 5.32
N ALA A 77 -1.26 7.31 5.28
CA ALA A 77 -0.62 7.67 4.02
C ALA A 77 -0.41 6.40 3.19
N ILE A 78 -1.20 6.29 2.14
CA ILE A 78 -1.12 5.14 1.25
C ILE A 78 0.35 4.76 1.06
N ILE A 79 0.66 3.50 1.33
CA ILE A 79 2.01 3.01 1.19
C ILE A 79 2.12 2.19 -0.11
N CYS A 80 0.99 1.63 -0.51
CA CYS A 80 0.95 0.82 -1.72
C CYS A 80 -0.51 0.55 -2.06
N ILE A 81 -0.72 -0.09 -3.21
CA ILE A 81 -2.05 -0.41 -3.66
C ILE A 81 -2.13 -1.91 -3.98
N THR A 82 -3.35 -2.43 -3.92
CA THR A 82 -3.58 -3.84 -4.19
C THR A 82 -4.78 -4.02 -5.12
N VAL A 83 -4.62 -4.92 -6.08
CA VAL A 83 -5.68 -5.18 -7.04
C VAL A 83 -6.22 -6.59 -6.80
N GLY A 84 -7.30 -6.91 -7.50
CA GLY A 84 -7.92 -8.21 -7.37
C GLY A 84 -7.36 -9.19 -8.40
N LYS A 85 -6.78 -8.63 -9.45
CA LYS A 85 -6.20 -9.44 -10.51
C LYS A 85 -4.83 -8.87 -10.88
N PRO A 86 -3.97 -9.77 -11.44
CA PRO A 86 -2.63 -9.37 -11.84
C PRO A 86 -2.67 -8.55 -13.14
N GLU A 87 -3.83 -8.57 -13.78
CA GLU A 87 -4.01 -7.84 -15.01
C GLU A 87 -4.22 -6.35 -14.73
N ASP A 88 -4.63 -6.08 -13.50
CA ASP A 88 -4.88 -4.70 -13.09
C ASP A 88 -3.57 -4.08 -12.59
N ILE A 89 -2.50 -4.86 -12.71
CA ILE A 89 -1.20 -4.39 -12.28
C ILE A 89 -0.66 -3.38 -13.29
N GLU A 90 -0.95 -3.65 -14.55
CA GLU A 90 -0.51 -2.77 -15.62
C GLU A 90 -1.33 -1.47 -15.61
N ALA A 91 -2.56 -1.58 -15.16
CA ALA A 91 -3.44 -0.43 -15.09
C ALA A 91 -2.93 0.54 -14.04
N PHE A 92 -2.26 -0.01 -13.04
CA PHE A 92 -1.71 0.80 -11.96
C PHE A 92 -0.21 1.01 -12.15
N LYS A 93 0.36 0.22 -13.06
CA LYS A 93 1.78 0.30 -13.33
C LYS A 93 2.18 1.78 -13.42
N ASN A 94 1.23 2.60 -13.82
CA ASN A 94 1.47 4.03 -13.95
C ASN A 94 0.42 4.80 -13.14
N TYR A 95 0.59 4.77 -11.83
CA TYR A 95 -0.33 5.45 -10.95
C TYR A 95 0.38 6.58 -10.18
N THR A 96 -0.36 7.66 -9.96
CA THR A 96 0.19 8.80 -9.25
C THR A 96 -0.91 9.49 -8.43
N LEU A 97 -0.47 10.21 -7.41
CA LEU A 97 -1.40 10.93 -6.55
C LEU A 97 -1.69 12.31 -7.14
N ASP A 98 -2.43 12.30 -8.23
CA ASP A 98 -2.78 13.54 -8.91
C ASP A 98 -4.17 13.40 -9.54
N SER A 99 -5.17 13.85 -8.80
CA SER A 99 -6.54 13.78 -9.28
C SER A 99 -6.91 12.34 -9.60
N SER A 100 -7.41 11.64 -8.59
CA SER A 100 -7.80 10.25 -8.75
C SER A 100 -9.23 10.05 -8.25
N ALA A 101 -9.99 9.27 -9.00
CA ALA A 101 -11.37 8.99 -8.65
C ALA A 101 -11.84 7.74 -9.39
N ALA A 102 -12.58 6.89 -8.67
CA ALA A 102 -13.09 5.67 -9.25
C ALA A 102 -14.23 5.14 -8.38
N SER A 103 -15.44 5.60 -8.70
CA SER A 103 -16.62 5.19 -7.95
C SER A 103 -17.61 4.51 -8.89
N GLY A 104 -18.58 3.85 -8.29
CA GLY A 104 -19.61 3.16 -9.06
C GLY A 104 -20.85 2.90 -8.21
N PRO A 105 -21.86 3.79 -8.37
CA PRO A 105 -23.10 3.67 -7.63
C PRO A 105 -23.97 2.55 -8.20
N SER A 106 -25.00 2.20 -7.44
CA SER A 106 -25.91 1.15 -7.86
C SER A 106 -25.19 -0.20 -7.85
N SER A 107 -25.97 -1.25 -7.63
CA SER A 107 -25.42 -2.60 -7.60
C SER A 107 -24.52 -2.83 -8.83
N GLY A 108 -23.69 -3.86 -8.73
CA GLY A 108 -22.80 -4.19 -9.81
C GLY A 108 -22.21 -2.93 -10.45
N GLY A 1 -12.18 8.39 -15.52
CA GLY A 1 -11.84 8.07 -14.15
C GLY A 1 -12.55 6.79 -13.70
N SER A 2 -13.88 6.84 -13.71
CA SER A 2 -14.67 5.70 -13.30
C SER A 2 -14.11 4.42 -13.93
N SER A 3 -14.05 4.43 -15.26
CA SER A 3 -13.53 3.28 -15.99
C SER A 3 -12.01 3.40 -16.16
N GLY A 4 -11.30 2.87 -15.18
CA GLY A 4 -9.85 2.91 -15.21
C GLY A 4 -9.25 1.61 -14.65
N SER A 5 -8.76 1.72 -13.43
CA SER A 5 -8.16 0.56 -12.77
C SER A 5 -8.88 0.28 -11.46
N SER A 6 -9.02 -1.00 -11.15
CA SER A 6 -9.68 -1.42 -9.94
C SER A 6 -8.66 -1.97 -8.95
N GLY A 7 -8.35 -1.15 -7.95
CA GLY A 7 -7.38 -1.55 -6.93
C GLY A 7 -7.87 -1.17 -5.54
N GLN A 8 -6.99 -1.33 -4.56
CA GLN A 8 -7.32 -1.00 -3.19
C GLN A 8 -6.15 -0.27 -2.52
N LYS A 9 -6.47 0.88 -1.95
CA LYS A 9 -5.46 1.68 -1.28
C LYS A 9 -5.17 1.08 0.11
N VAL A 10 -3.89 1.03 0.45
CA VAL A 10 -3.48 0.49 1.72
C VAL A 10 -2.88 1.61 2.57
N PRO A 11 -3.75 2.19 3.45
CA PRO A 11 -3.33 3.27 4.32
C PRO A 11 -2.48 2.73 5.48
N LEU A 12 -1.34 3.37 5.67
CA LEU A 12 -0.43 2.98 6.74
C LEU A 12 -1.23 2.79 8.04
N PRO A 13 -1.44 1.50 8.40
CA PRO A 13 -2.18 1.16 9.61
C PRO A 13 -1.33 1.41 10.86
N SER A 14 -2.00 1.84 11.91
CA SER A 14 -1.33 2.13 13.16
C SER A 14 -0.74 0.83 13.74
N LEU A 15 0.58 0.75 13.70
CA LEU A 15 1.27 -0.43 14.21
C LEU A 15 1.72 -0.16 15.65
N SER A 16 1.17 0.89 16.22
CA SER A 16 1.50 1.26 17.59
C SER A 16 0.38 2.11 18.19
N PRO A 17 0.45 2.30 19.53
CA PRO A 17 -0.55 3.09 20.23
C PRO A 17 -0.35 4.58 19.99
N THR A 18 0.83 5.06 20.37
CA THR A 18 1.16 6.46 20.19
C THR A 18 1.91 6.68 18.87
N MET A 19 1.56 5.85 17.89
CA MET A 19 2.19 5.93 16.58
C MET A 19 1.72 7.19 15.83
N GLN A 20 2.71 7.92 15.31
CA GLN A 20 2.41 9.13 14.56
C GLN A 20 2.91 9.01 13.12
N ALA A 21 4.04 8.31 12.98
CA ALA A 21 4.64 8.11 11.67
C ALA A 21 5.64 6.96 11.75
N GLY A 22 5.76 6.26 10.63
CA GLY A 22 6.68 5.13 10.56
C GLY A 22 7.57 5.23 9.32
N THR A 23 8.32 4.16 9.08
CA THR A 23 9.22 4.13 7.94
C THR A 23 9.20 2.75 7.28
N ILE A 24 9.16 2.75 5.96
CA ILE A 24 9.14 1.51 5.20
C ILE A 24 10.52 0.85 5.27
N ALA A 25 10.65 -0.07 6.21
CA ALA A 25 11.90 -0.77 6.39
C ALA A 25 12.29 -1.46 5.07
N ARG A 26 11.43 -2.39 4.65
CA ARG A 26 11.67 -3.12 3.42
C ARG A 26 10.35 -3.68 2.88
N TRP A 27 10.25 -3.69 1.56
CA TRP A 27 9.06 -4.20 0.90
C TRP A 27 9.23 -5.70 0.69
N GLU A 28 8.91 -6.45 1.74
CA GLU A 28 9.02 -7.90 1.70
C GLU A 28 8.57 -8.42 0.33
N LYS A 29 7.59 -7.72 -0.24
CA LYS A 29 7.05 -8.11 -1.53
C LYS A 29 7.45 -7.05 -2.57
N LYS A 30 7.13 -7.34 -3.82
CA LYS A 30 7.43 -6.43 -4.91
C LYS A 30 6.19 -6.26 -5.79
N GLU A 31 6.33 -5.40 -6.79
CA GLU A 31 5.24 -5.14 -7.71
C GLU A 31 5.01 -6.34 -8.62
N GLY A 32 3.75 -6.77 -8.69
CA GLY A 32 3.38 -7.90 -9.52
C GLY A 32 3.68 -9.22 -8.79
N ASP A 33 3.43 -9.21 -7.50
CA ASP A 33 3.66 -10.40 -6.68
C ASP A 33 2.34 -10.87 -6.08
N LYS A 34 2.37 -12.06 -5.50
CA LYS A 34 1.19 -12.63 -4.89
C LYS A 34 1.30 -12.50 -3.36
N ILE A 35 0.19 -12.10 -2.75
CA ILE A 35 0.15 -11.93 -1.31
C ILE A 35 -0.98 -12.78 -0.73
N ASN A 36 -0.66 -13.49 0.34
CA ASN A 36 -1.64 -14.35 0.99
C ASN A 36 -1.83 -13.88 2.43
N GLU A 37 -3.09 -13.85 2.84
CA GLU A 37 -3.41 -13.42 4.20
C GLU A 37 -2.38 -13.95 5.18
N GLY A 38 -1.72 -13.00 5.85
CA GLY A 38 -0.70 -13.36 6.83
C GLY A 38 0.70 -13.07 6.28
N ASP A 39 0.84 -13.24 4.97
CA ASP A 39 2.11 -13.01 4.32
C ASP A 39 2.58 -11.57 4.62
N LEU A 40 3.87 -11.46 4.92
CA LEU A 40 4.45 -10.16 5.23
C LEU A 40 4.44 -9.29 3.97
N ILE A 41 3.71 -8.19 4.07
CA ILE A 41 3.60 -7.26 2.96
C ILE A 41 4.81 -6.32 2.97
N ALA A 42 5.21 -5.94 4.17
CA ALA A 42 6.35 -5.04 4.33
C ALA A 42 6.59 -4.80 5.82
N GLU A 43 7.77 -4.27 6.11
CA GLU A 43 8.14 -3.97 7.49
C GLU A 43 8.13 -2.47 7.74
N VAL A 44 7.74 -2.10 8.94
CA VAL A 44 7.68 -0.69 9.32
C VAL A 44 8.50 -0.48 10.59
N GLU A 45 9.33 0.56 10.55
CA GLU A 45 10.17 0.89 11.69
C GLU A 45 9.46 1.90 12.61
N THR A 46 9.24 1.48 13.85
CA THR A 46 8.58 2.33 14.81
C THR A 46 9.48 2.55 16.03
N ASP A 47 9.11 3.54 16.84
CA ASP A 47 9.87 3.85 18.03
C ASP A 47 10.07 2.58 18.85
N LYS A 48 9.20 1.62 18.62
CA LYS A 48 9.26 0.35 19.33
C LYS A 48 10.30 -0.54 18.66
N ALA A 49 10.16 -0.69 17.35
CA ALA A 49 11.07 -1.52 16.58
C ALA A 49 10.49 -1.77 15.18
N THR A 50 11.18 -2.59 14.42
CA THR A 50 10.74 -2.92 13.08
C THR A 50 9.59 -3.93 13.13
N VAL A 51 8.42 -3.45 12.73
CA VAL A 51 7.22 -4.29 12.72
C VAL A 51 7.06 -4.92 11.34
N GLY A 52 6.23 -5.94 11.28
CA GLY A 52 5.98 -6.63 10.03
C GLY A 52 4.51 -6.55 9.64
N PHE A 53 4.24 -5.75 8.62
CA PHE A 53 2.88 -5.57 8.14
C PHE A 53 2.42 -6.77 7.32
N GLU A 54 1.44 -7.48 7.85
CA GLU A 54 0.90 -8.65 7.18
C GLU A 54 -0.31 -8.26 6.32
N SER A 55 -0.68 -9.17 5.43
CA SER A 55 -1.81 -8.94 4.55
C SER A 55 -3.11 -9.37 5.25
N LEU A 56 -4.20 -8.79 4.79
CA LEU A 56 -5.51 -9.10 5.36
C LEU A 56 -6.31 -9.94 4.35
N GLU A 57 -5.88 -9.86 3.10
CA GLU A 57 -6.55 -10.60 2.04
C GLU A 57 -5.52 -11.12 1.03
N GLU A 58 -6.01 -11.90 0.08
CA GLU A 58 -5.16 -12.47 -0.95
C GLU A 58 -5.31 -11.69 -2.25
N CYS A 59 -4.28 -10.92 -2.57
CA CYS A 59 -4.27 -10.12 -3.78
C CYS A 59 -2.82 -9.94 -4.23
N TYR A 60 -2.66 -9.11 -5.26
CA TYR A 60 -1.34 -8.83 -5.78
C TYR A 60 -1.00 -7.34 -5.68
N MET A 61 0.29 -7.06 -5.60
CA MET A 61 0.76 -5.69 -5.50
C MET A 61 0.37 -4.88 -6.75
N ALA A 62 -0.29 -3.76 -6.51
CA ALA A 62 -0.73 -2.90 -7.59
C ALA A 62 0.31 -1.81 -7.81
N LYS A 63 0.50 -1.00 -6.78
CA LYS A 63 1.46 0.09 -6.86
C LYS A 63 2.08 0.32 -5.47
N ILE A 64 3.34 0.72 -5.48
CA ILE A 64 4.04 0.97 -4.24
C ILE A 64 4.35 2.47 -4.12
N LEU A 65 3.31 3.22 -3.80
CA LEU A 65 3.46 4.66 -3.65
C LEU A 65 4.72 4.97 -2.85
N VAL A 66 4.75 4.44 -1.63
CA VAL A 66 5.88 4.65 -0.75
C VAL A 66 6.82 3.45 -0.85
N ALA A 67 8.06 3.73 -1.22
CA ALA A 67 9.07 2.69 -1.35
C ALA A 67 9.68 2.40 0.02
N GLU A 68 10.72 1.57 0.01
CA GLU A 68 11.40 1.21 1.24
C GLU A 68 12.49 2.23 1.57
N GLY A 69 12.50 2.65 2.83
CA GLY A 69 13.48 3.62 3.28
C GLY A 69 12.84 4.98 3.51
N THR A 70 11.72 5.20 2.82
CA THR A 70 11.00 6.46 2.94
C THR A 70 10.68 6.75 4.40
N ARG A 71 11.46 7.66 4.99
CA ARG A 71 11.26 8.03 6.37
C ARG A 71 10.27 9.20 6.47
N ASP A 72 9.55 9.23 7.58
CA ASP A 72 8.58 10.28 7.81
C ASP A 72 7.26 9.91 7.13
N VAL A 73 6.88 8.65 7.30
CA VAL A 73 5.65 8.16 6.71
C VAL A 73 4.49 8.37 7.68
N PRO A 74 3.55 9.26 7.28
CA PRO A 74 2.39 9.56 8.11
C PRO A 74 1.38 8.41 8.07
N ILE A 75 0.57 8.35 9.12
CA ILE A 75 -0.45 7.31 9.22
C ILE A 75 -1.59 7.63 8.27
N GLY A 76 -2.10 6.58 7.63
CA GLY A 76 -3.19 6.73 6.69
C GLY A 76 -2.66 7.00 5.28
N ALA A 77 -1.39 7.33 5.22
CA ALA A 77 -0.76 7.62 3.94
C ALA A 77 -0.57 6.31 3.16
N ILE A 78 -1.36 6.18 2.12
CA ILE A 78 -1.29 4.99 1.27
C ILE A 78 0.16 4.58 1.09
N ILE A 79 0.44 3.33 1.41
CA ILE A 79 1.79 2.80 1.28
C ILE A 79 1.91 2.04 -0.05
N CYS A 80 0.80 1.48 -0.47
CA CYS A 80 0.77 0.73 -1.71
C CYS A 80 -0.69 0.42 -2.06
N ILE A 81 -0.89 -0.17 -3.23
CA ILE A 81 -2.22 -0.52 -3.67
C ILE A 81 -2.24 -1.99 -4.10
N THR A 82 -3.43 -2.56 -4.06
CA THR A 82 -3.61 -3.96 -4.44
C THR A 82 -4.71 -4.10 -5.48
N VAL A 83 -4.60 -5.15 -6.29
CA VAL A 83 -5.58 -5.41 -7.32
C VAL A 83 -6.09 -6.85 -7.19
N GLY A 84 -6.86 -7.26 -8.19
CA GLY A 84 -7.42 -8.60 -8.20
C GLY A 84 -6.83 -9.43 -9.32
N LYS A 85 -6.42 -8.74 -10.38
CA LYS A 85 -5.83 -9.41 -11.52
C LYS A 85 -4.47 -8.77 -11.84
N PRO A 86 -3.62 -9.57 -12.54
CA PRO A 86 -2.29 -9.10 -12.91
C PRO A 86 -2.37 -8.10 -14.06
N GLU A 87 -3.49 -8.14 -14.78
CA GLU A 87 -3.70 -7.25 -15.90
C GLU A 87 -3.99 -5.83 -15.41
N ASP A 88 -4.49 -5.76 -14.18
CA ASP A 88 -4.82 -4.48 -13.58
C ASP A 88 -3.55 -3.84 -13.01
N ILE A 89 -2.46 -4.60 -13.10
CA ILE A 89 -1.19 -4.12 -12.59
C ILE A 89 -0.68 -2.99 -13.49
N GLU A 90 -0.52 -3.31 -14.77
CA GLU A 90 -0.05 -2.35 -15.74
C GLU A 90 -0.90 -1.07 -15.68
N ALA A 91 -2.15 -1.26 -15.27
CA ALA A 91 -3.07 -0.14 -15.16
C ALA A 91 -2.69 0.71 -13.95
N PHE A 92 -2.02 0.07 -13.01
CA PHE A 92 -1.60 0.75 -11.79
C PHE A 92 -0.10 1.07 -11.83
N LYS A 93 0.60 0.36 -12.71
CA LYS A 93 2.03 0.56 -12.87
C LYS A 93 2.32 2.05 -13.05
N ASN A 94 1.30 2.77 -13.50
CA ASN A 94 1.43 4.20 -13.74
C ASN A 94 0.30 4.93 -13.02
N TYR A 95 0.44 5.01 -11.70
CA TYR A 95 -0.56 5.68 -10.88
C TYR A 95 0.09 6.73 -9.98
N THR A 96 -0.59 7.87 -9.88
CA THR A 96 -0.09 8.96 -9.06
C THR A 96 -1.22 9.56 -8.22
N LEU A 97 -0.84 10.34 -7.23
CA LEU A 97 -1.81 10.98 -6.35
C LEU A 97 -2.18 12.35 -6.93
N ASP A 98 -3.13 12.34 -7.85
CA ASP A 98 -3.58 13.56 -8.48
C ASP A 98 -4.53 13.23 -9.63
N SER A 99 -5.79 13.60 -9.45
CA SER A 99 -6.80 13.34 -10.45
C SER A 99 -6.89 11.84 -10.74
N SER A 100 -7.93 11.47 -11.46
CA SER A 100 -8.14 10.07 -11.81
C SER A 100 -8.40 9.26 -10.55
N ALA A 101 -8.96 8.07 -10.76
CA ALA A 101 -9.28 7.18 -9.65
C ALA A 101 -10.40 7.79 -8.82
N ALA A 102 -11.28 6.93 -8.34
CA ALA A 102 -12.40 7.37 -7.53
C ALA A 102 -13.19 6.15 -7.05
N SER A 103 -13.89 6.35 -5.94
CA SER A 103 -14.69 5.27 -5.36
C SER A 103 -15.58 4.65 -6.43
N GLY A 104 -15.74 3.34 -6.34
CA GLY A 104 -16.57 2.62 -7.30
C GLY A 104 -17.48 1.61 -6.58
N PRO A 105 -18.65 1.36 -7.22
CA PRO A 105 -19.61 0.42 -6.65
C PRO A 105 -19.16 -1.02 -6.86
N SER A 106 -19.04 -1.73 -5.74
CA SER A 106 -18.62 -3.12 -5.77
C SER A 106 -19.71 -3.99 -6.41
N SER A 107 -19.29 -5.16 -6.88
CA SER A 107 -20.22 -6.07 -7.51
C SER A 107 -20.39 -7.32 -6.65
N GLY A 108 -21.64 -7.72 -6.48
CA GLY A 108 -21.94 -8.90 -5.69
C GLY A 108 -22.35 -10.07 -6.57
N GLY A 1 -17.07 2.44 -10.16
CA GLY A 1 -18.00 1.72 -11.00
C GLY A 1 -17.29 1.09 -12.20
N SER A 2 -17.76 1.43 -13.39
CA SER A 2 -17.19 0.91 -14.61
C SER A 2 -15.87 1.62 -14.91
N SER A 3 -15.95 2.93 -15.06
CA SER A 3 -14.78 3.74 -15.35
C SER A 3 -13.94 3.91 -14.07
N GLY A 4 -12.65 3.69 -14.21
CA GLY A 4 -11.73 3.81 -13.09
C GLY A 4 -10.77 2.64 -13.04
N SER A 5 -10.83 1.91 -11.94
CA SER A 5 -9.96 0.75 -11.74
C SER A 5 -10.39 -0.02 -10.49
N SER A 6 -10.06 -1.30 -10.50
CA SER A 6 -10.40 -2.16 -9.38
C SER A 6 -9.16 -2.43 -8.53
N GLY A 7 -8.90 -1.51 -7.62
CA GLY A 7 -7.75 -1.64 -6.73
C GLY A 7 -8.15 -1.40 -5.27
N GLN A 8 -7.15 -1.42 -4.42
CA GLN A 8 -7.38 -1.20 -3.00
C GLN A 8 -6.22 -0.41 -2.39
N LYS A 9 -6.56 0.73 -1.80
CA LYS A 9 -5.56 1.58 -1.19
C LYS A 9 -5.23 1.04 0.21
N VAL A 10 -3.95 1.02 0.53
CA VAL A 10 -3.49 0.53 1.82
C VAL A 10 -2.95 1.71 2.63
N PRO A 11 -3.81 2.24 3.54
CA PRO A 11 -3.43 3.36 4.38
C PRO A 11 -2.49 2.90 5.50
N LEU A 12 -1.33 3.53 5.54
CA LEU A 12 -0.34 3.20 6.55
C LEU A 12 -1.04 3.00 7.90
N PRO A 13 -1.24 1.70 8.26
CA PRO A 13 -1.89 1.35 9.50
C PRO A 13 -0.95 1.57 10.70
N SER A 14 -1.49 2.23 11.71
CA SER A 14 -0.71 2.51 12.91
C SER A 14 -0.39 1.20 13.65
N LEU A 15 0.87 0.83 13.60
CA LEU A 15 1.32 -0.39 14.26
C LEU A 15 1.79 -0.06 15.67
N SER A 16 1.26 1.04 16.20
CA SER A 16 1.63 1.48 17.53
C SER A 16 0.49 2.31 18.14
N PRO A 17 0.66 2.63 19.46
CA PRO A 17 -0.34 3.42 20.16
C PRO A 17 -0.27 4.89 19.75
N THR A 18 0.88 5.49 20.04
CA THR A 18 1.09 6.89 19.72
C THR A 18 1.88 7.02 18.41
N MET A 19 1.52 6.17 17.45
CA MET A 19 2.18 6.18 16.16
C MET A 19 1.63 7.29 15.27
N GLN A 20 2.51 8.20 14.90
CA GLN A 20 2.12 9.32 14.05
C GLN A 20 2.73 9.16 12.65
N ALA A 21 3.81 8.39 12.59
CA ALA A 21 4.49 8.16 11.34
C ALA A 21 5.45 6.96 11.50
N GLY A 22 5.59 6.22 10.42
CA GLY A 22 6.47 5.06 10.43
C GLY A 22 7.44 5.09 9.24
N THR A 23 8.37 4.14 9.24
CA THR A 23 9.34 4.05 8.17
C THR A 23 9.28 2.68 7.50
N ILE A 24 9.14 2.70 6.18
CA ILE A 24 9.07 1.47 5.42
C ILE A 24 10.44 0.80 5.40
N ALA A 25 10.67 -0.03 6.40
CA ALA A 25 11.94 -0.73 6.51
C ALA A 25 12.28 -1.37 5.16
N ARG A 26 11.44 -2.31 4.76
CA ARG A 26 11.65 -3.00 3.50
C ARG A 26 10.30 -3.37 2.87
N TRP A 27 10.37 -3.81 1.63
CA TRP A 27 9.17 -4.19 0.90
C TRP A 27 9.24 -5.70 0.64
N GLU A 28 8.88 -6.45 1.67
CA GLU A 28 8.89 -7.90 1.57
C GLU A 28 8.37 -8.35 0.19
N LYS A 29 7.41 -7.59 -0.31
CA LYS A 29 6.82 -7.89 -1.61
C LYS A 29 7.17 -6.76 -2.59
N LYS A 30 6.91 -7.03 -3.86
CA LYS A 30 7.18 -6.06 -4.90
C LYS A 30 5.98 -5.97 -5.84
N GLU A 31 6.11 -5.09 -6.83
CA GLU A 31 5.04 -4.91 -7.81
C GLU A 31 4.89 -6.16 -8.67
N GLY A 32 3.70 -6.73 -8.62
CA GLY A 32 3.40 -7.92 -9.40
C GLY A 32 3.85 -9.18 -8.65
N ASP A 33 3.44 -9.26 -7.39
CA ASP A 33 3.79 -10.40 -6.55
C ASP A 33 2.55 -10.86 -5.79
N LYS A 34 2.23 -12.14 -5.96
CA LYS A 34 1.08 -12.72 -5.29
C LYS A 34 1.28 -12.64 -3.77
N ILE A 35 0.21 -12.28 -3.08
CA ILE A 35 0.25 -12.17 -1.64
C ILE A 35 -0.84 -13.06 -1.03
N ASN A 36 -0.49 -13.68 0.09
CA ASN A 36 -1.42 -14.55 0.78
C ASN A 36 -1.63 -14.05 2.21
N GLU A 37 -2.88 -14.01 2.62
CA GLU A 37 -3.23 -13.55 3.95
C GLU A 37 -2.20 -14.06 4.97
N GLY A 38 -1.63 -13.12 5.72
CA GLY A 38 -0.64 -13.46 6.72
C GLY A 38 0.78 -13.24 6.18
N ASP A 39 0.88 -13.19 4.87
CA ASP A 39 2.17 -12.97 4.21
C ASP A 39 2.64 -11.55 4.48
N LEU A 40 3.85 -11.45 4.99
CA LEU A 40 4.44 -10.16 5.30
C LEU A 40 4.51 -9.31 4.03
N ILE A 41 3.76 -8.22 4.04
CA ILE A 41 3.73 -7.32 2.89
C ILE A 41 4.97 -6.43 2.92
N ALA A 42 5.23 -5.87 4.09
CA ALA A 42 6.37 -4.99 4.26
C ALA A 42 6.64 -4.79 5.75
N GLU A 43 7.82 -4.28 6.04
CA GLU A 43 8.21 -4.03 7.42
C GLU A 43 8.24 -2.53 7.71
N VAL A 44 7.72 -2.16 8.86
CA VAL A 44 7.68 -0.75 9.26
C VAL A 44 8.48 -0.57 10.54
N GLU A 45 9.37 0.42 10.51
CA GLU A 45 10.20 0.70 11.68
C GLU A 45 9.52 1.73 12.57
N THR A 46 9.23 1.31 13.79
CA THR A 46 8.57 2.19 14.75
C THR A 46 9.46 2.38 15.98
N ASP A 47 9.10 3.36 16.79
CA ASP A 47 9.85 3.66 17.99
C ASP A 47 10.00 2.39 18.83
N LYS A 48 9.12 1.45 18.57
CA LYS A 48 9.13 0.18 19.29
C LYS A 48 10.16 -0.76 18.64
N ALA A 49 10.02 -0.90 17.32
CA ALA A 49 10.94 -1.76 16.57
C ALA A 49 10.37 -1.97 15.17
N THR A 50 11.05 -2.82 14.42
CA THR A 50 10.63 -3.13 13.06
C THR A 50 9.45 -4.09 13.07
N VAL A 51 8.31 -3.58 12.65
CA VAL A 51 7.10 -4.38 12.61
C VAL A 51 6.96 -5.01 11.21
N GLY A 52 6.10 -6.02 11.14
CA GLY A 52 5.87 -6.71 9.88
C GLY A 52 4.39 -6.65 9.49
N PHE A 53 4.11 -5.81 8.51
CA PHE A 53 2.75 -5.64 8.02
C PHE A 53 2.33 -6.83 7.15
N GLU A 54 1.41 -7.62 7.68
CA GLU A 54 0.91 -8.78 6.96
C GLU A 54 -0.35 -8.42 6.17
N SER A 55 -0.55 -9.14 5.07
CA SER A 55 -1.71 -8.91 4.22
C SER A 55 -2.98 -9.29 4.97
N LEU A 56 -4.07 -8.60 4.63
CA LEU A 56 -5.35 -8.86 5.26
C LEU A 56 -6.21 -9.71 4.33
N GLU A 57 -5.82 -9.72 3.06
CA GLU A 57 -6.54 -10.48 2.06
C GLU A 57 -5.57 -11.06 1.03
N GLU A 58 -6.13 -11.81 0.09
CA GLU A 58 -5.33 -12.42 -0.96
C GLU A 58 -5.42 -11.61 -2.25
N CYS A 59 -4.41 -10.79 -2.47
CA CYS A 59 -4.37 -9.95 -3.66
C CYS A 59 -2.91 -9.79 -4.08
N TYR A 60 -2.70 -8.96 -5.09
CA TYR A 60 -1.36 -8.71 -5.60
C TYR A 60 -1.00 -7.23 -5.49
N MET A 61 0.29 -6.97 -5.47
CA MET A 61 0.78 -5.61 -5.37
C MET A 61 0.42 -4.80 -6.62
N ALA A 62 -0.46 -3.83 -6.43
CA ALA A 62 -0.90 -2.99 -7.52
C ALA A 62 0.14 -1.87 -7.75
N LYS A 63 0.31 -1.05 -6.72
CA LYS A 63 1.25 0.05 -6.81
C LYS A 63 1.90 0.25 -5.43
N ILE A 64 3.13 0.75 -5.47
CA ILE A 64 3.87 0.99 -4.24
C ILE A 64 4.23 2.47 -4.15
N LEU A 65 3.34 3.22 -3.51
CA LEU A 65 3.55 4.65 -3.34
C LEU A 65 4.84 4.89 -2.56
N VAL A 66 4.86 4.34 -1.35
CA VAL A 66 6.02 4.48 -0.48
C VAL A 66 7.09 3.47 -0.90
N ALA A 67 8.27 4.00 -1.22
CA ALA A 67 9.38 3.17 -1.63
C ALA A 67 9.97 2.46 -0.41
N GLU A 68 11.20 2.01 -0.57
CA GLU A 68 11.89 1.32 0.50
C GLU A 68 12.75 2.30 1.29
N GLY A 69 12.68 2.18 2.62
CA GLY A 69 13.46 3.05 3.49
C GLY A 69 12.83 4.44 3.57
N THR A 70 11.71 4.59 2.88
CA THR A 70 11.00 5.86 2.88
C THR A 70 10.48 6.19 4.27
N ARG A 71 11.11 7.17 4.89
CA ARG A 71 10.73 7.59 6.23
C ARG A 71 9.83 8.83 6.15
N ASP A 72 9.21 9.15 7.27
CA ASP A 72 8.33 10.30 7.35
C ASP A 72 6.96 9.93 6.79
N VAL A 73 6.63 8.65 6.91
CA VAL A 73 5.36 8.15 6.42
C VAL A 73 4.29 8.31 7.51
N PRO A 74 3.31 9.20 7.23
CA PRO A 74 2.24 9.46 8.18
C PRO A 74 1.24 8.30 8.18
N ILE A 75 0.46 8.24 9.26
CA ILE A 75 -0.54 7.20 9.40
C ILE A 75 -1.73 7.52 8.50
N GLY A 76 -2.16 6.50 7.76
CA GLY A 76 -3.29 6.66 6.85
C GLY A 76 -2.80 6.92 5.43
N ALA A 77 -1.57 7.40 5.34
CA ALA A 77 -0.99 7.70 4.03
C ALA A 77 -0.79 6.40 3.25
N ILE A 78 -1.59 6.24 2.21
CA ILE A 78 -1.50 5.05 1.38
C ILE A 78 -0.04 4.68 1.17
N ILE A 79 0.26 3.42 1.43
CA ILE A 79 1.62 2.92 1.27
C ILE A 79 1.74 2.19 -0.07
N CYS A 80 0.72 1.42 -0.38
CA CYS A 80 0.70 0.66 -1.62
C CYS A 80 -0.75 0.30 -1.95
N ILE A 81 -0.94 -0.18 -3.17
CA ILE A 81 -2.27 -0.57 -3.61
C ILE A 81 -2.27 -2.04 -4.03
N THR A 82 -3.43 -2.65 -3.95
CA THR A 82 -3.57 -4.05 -4.31
C THR A 82 -4.74 -4.24 -5.28
N VAL A 83 -4.57 -5.20 -6.18
CA VAL A 83 -5.61 -5.49 -7.17
C VAL A 83 -6.00 -6.96 -7.07
N GLY A 84 -6.85 -7.38 -7.99
CA GLY A 84 -7.31 -8.76 -8.02
C GLY A 84 -6.71 -9.51 -9.22
N LYS A 85 -6.04 -8.76 -10.08
CA LYS A 85 -5.42 -9.35 -11.25
C LYS A 85 -4.18 -8.53 -11.62
N PRO A 86 -3.26 -9.19 -12.36
CA PRO A 86 -2.03 -8.54 -12.79
C PRO A 86 -2.29 -7.56 -13.94
N GLU A 87 -3.35 -7.84 -14.68
CA GLU A 87 -3.72 -6.99 -15.79
C GLU A 87 -3.99 -5.56 -15.32
N ASP A 88 -4.34 -5.46 -14.04
CA ASP A 88 -4.62 -4.15 -13.45
C ASP A 88 -3.34 -3.60 -12.83
N ILE A 89 -2.43 -4.51 -12.50
CA ILE A 89 -1.17 -4.12 -11.89
C ILE A 89 -0.41 -3.20 -12.86
N GLU A 90 -0.52 -3.52 -14.13
CA GLU A 90 0.14 -2.74 -15.16
C GLU A 90 -0.49 -1.35 -15.27
N ALA A 91 -1.80 -1.32 -15.06
CA ALA A 91 -2.54 -0.07 -15.14
C ALA A 91 -2.25 0.76 -13.88
N PHE A 92 -2.01 0.05 -12.79
CA PHE A 92 -1.72 0.71 -11.52
C PHE A 92 -0.21 0.97 -11.37
N LYS A 93 0.57 0.26 -12.18
CA LYS A 93 2.01 0.41 -12.15
C LYS A 93 2.37 1.88 -12.38
N ASN A 94 1.43 2.61 -12.97
CA ASN A 94 1.64 4.02 -13.25
C ASN A 94 0.50 4.82 -12.64
N TYR A 95 0.49 4.88 -11.32
CA TYR A 95 -0.54 5.62 -10.60
C TYR A 95 0.07 6.73 -9.75
N THR A 96 -0.56 7.89 -9.80
CA THR A 96 -0.09 9.03 -9.03
C THR A 96 -1.27 9.74 -8.35
N LEU A 97 -0.96 10.41 -7.25
CA LEU A 97 -1.98 11.13 -6.51
C LEU A 97 -2.18 12.51 -7.12
N ASP A 98 -3.18 12.59 -7.98
CA ASP A 98 -3.49 13.85 -8.64
C ASP A 98 -4.81 13.71 -9.41
N SER A 99 -5.89 14.12 -8.76
CA SER A 99 -7.20 14.05 -9.37
C SER A 99 -8.18 14.94 -8.60
N SER A 100 -9.19 15.40 -9.33
CA SER A 100 -10.20 16.26 -8.73
C SER A 100 -11.42 15.44 -8.32
N ALA A 101 -11.98 15.81 -7.17
CA ALA A 101 -13.14 15.11 -6.65
C ALA A 101 -14.34 15.36 -7.57
N ALA A 102 -14.91 14.27 -8.04
CA ALA A 102 -16.06 14.35 -8.93
C ALA A 102 -17.32 13.95 -8.17
N SER A 103 -18.36 14.75 -8.31
CA SER A 103 -19.62 14.50 -7.64
C SER A 103 -20.77 15.16 -8.41
N GLY A 104 -21.93 14.53 -8.35
CA GLY A 104 -23.10 15.06 -9.03
C GLY A 104 -23.48 14.17 -10.22
N PRO A 105 -24.81 14.21 -10.55
CA PRO A 105 -25.31 13.43 -11.67
C PRO A 105 -24.92 14.05 -13.00
N SER A 106 -23.77 13.60 -13.51
CA SER A 106 -23.27 14.11 -14.78
C SER A 106 -24.37 14.01 -15.85
N SER A 107 -25.05 15.13 -16.06
CA SER A 107 -26.11 15.18 -17.04
C SER A 107 -25.92 16.39 -17.96
N GLY A 108 -25.89 17.57 -17.34
CA GLY A 108 -25.71 18.80 -18.08
C GLY A 108 -26.69 19.88 -17.61
N GLY A 1 -13.76 12.95 -18.11
CA GLY A 1 -12.70 12.88 -17.14
C GLY A 1 -13.03 11.89 -16.02
N SER A 2 -12.47 10.69 -16.13
CA SER A 2 -12.70 9.66 -15.15
C SER A 2 -11.64 8.57 -15.27
N SER A 3 -11.49 7.81 -14.20
CA SER A 3 -10.51 6.72 -14.18
C SER A 3 -11.22 5.38 -14.16
N GLY A 4 -10.76 4.49 -15.03
CA GLY A 4 -11.33 3.16 -15.12
C GLY A 4 -10.36 2.10 -14.61
N SER A 5 -10.58 1.67 -13.38
CA SER A 5 -9.73 0.67 -12.76
C SER A 5 -10.23 0.36 -11.34
N SER A 6 -10.06 -0.90 -10.96
CA SER A 6 -10.48 -1.33 -9.64
C SER A 6 -9.27 -1.66 -8.78
N GLY A 7 -8.94 -0.74 -7.89
CA GLY A 7 -7.81 -0.92 -7.00
C GLY A 7 -8.20 -0.63 -5.54
N GLN A 8 -7.22 -0.80 -4.66
CA GLN A 8 -7.44 -0.56 -3.25
C GLN A 8 -6.24 0.12 -2.62
N LYS A 9 -6.49 1.29 -2.03
CA LYS A 9 -5.43 2.04 -1.39
C LYS A 9 -5.14 1.46 -0.02
N VAL A 10 -3.86 1.36 0.30
CA VAL A 10 -3.44 0.82 1.59
C VAL A 10 -2.86 1.94 2.44
N PRO A 11 -3.71 2.46 3.36
CA PRO A 11 -3.29 3.53 4.25
C PRO A 11 -2.37 3.00 5.36
N LEU A 12 -1.22 3.64 5.48
CA LEU A 12 -0.25 3.26 6.48
C LEU A 12 -0.97 2.98 7.80
N PRO A 13 -1.15 1.67 8.10
CA PRO A 13 -1.81 1.27 9.32
C PRO A 13 -0.90 1.45 10.54
N SER A 14 -1.45 2.09 11.57
CA SER A 14 -0.70 2.33 12.78
C SER A 14 -0.38 1.01 13.48
N LEU A 15 0.89 0.65 13.42
CA LEU A 15 1.35 -0.58 14.03
C LEU A 15 1.81 -0.30 15.47
N SER A 16 1.26 0.77 16.03
CA SER A 16 1.61 1.17 17.38
C SER A 16 0.48 2.01 17.98
N PRO A 17 0.56 2.19 19.33
CA PRO A 17 -0.45 2.97 20.04
C PRO A 17 -0.26 4.45 19.79
N THR A 18 0.96 4.92 20.02
CA THR A 18 1.29 6.32 19.82
C THR A 18 2.04 6.51 18.51
N MET A 19 1.63 5.76 17.50
CA MET A 19 2.27 5.84 16.20
C MET A 19 1.70 7.01 15.39
N GLN A 20 2.56 8.00 15.15
CA GLN A 20 2.16 9.16 14.39
C GLN A 20 2.74 9.11 12.97
N ALA A 21 3.84 8.38 12.85
CA ALA A 21 4.51 8.23 11.58
C ALA A 21 5.52 7.08 11.66
N GLY A 22 5.65 6.38 10.53
CA GLY A 22 6.58 5.26 10.48
C GLY A 22 7.48 5.37 9.24
N THR A 23 8.31 4.35 9.06
CA THR A 23 9.21 4.31 7.92
C THR A 23 9.17 2.94 7.26
N ILE A 24 9.01 2.96 5.95
CA ILE A 24 8.96 1.72 5.17
C ILE A 24 10.34 1.05 5.19
N ALA A 25 10.53 0.21 6.20
CA ALA A 25 11.79 -0.49 6.35
C ALA A 25 12.14 -1.20 5.03
N ARG A 26 11.28 -2.14 4.66
CA ARG A 26 11.49 -2.88 3.43
C ARG A 26 10.15 -3.39 2.88
N TRP A 27 10.13 -3.65 1.59
CA TRP A 27 8.94 -4.15 0.93
C TRP A 27 9.11 -5.65 0.67
N GLU A 28 8.92 -6.42 1.73
CA GLU A 28 9.06 -7.86 1.62
C GLU A 28 8.48 -8.36 0.30
N LYS A 29 7.48 -7.63 -0.18
CA LYS A 29 6.83 -7.99 -1.43
C LYS A 29 7.16 -6.94 -2.48
N LYS A 30 6.90 -7.28 -3.74
CA LYS A 30 7.15 -6.38 -4.84
C LYS A 30 5.91 -6.28 -5.72
N GLU A 31 6.02 -5.48 -6.77
CA GLU A 31 4.91 -5.29 -7.69
C GLU A 31 4.72 -6.54 -8.54
N GLY A 32 3.48 -7.04 -8.53
CA GLY A 32 3.15 -8.22 -9.29
C GLY A 32 3.40 -9.49 -8.48
N ASP A 33 3.77 -9.29 -7.22
CA ASP A 33 4.06 -10.41 -6.33
C ASP A 33 2.76 -10.84 -5.65
N LYS A 34 2.53 -12.15 -5.67
CA LYS A 34 1.33 -12.70 -5.06
C LYS A 34 1.44 -12.57 -3.54
N ILE A 35 0.33 -12.16 -2.94
CA ILE A 35 0.28 -11.98 -1.49
C ILE A 35 -0.87 -12.81 -0.92
N ASN A 36 -0.50 -13.93 -0.31
CA ASN A 36 -1.49 -14.82 0.28
C ASN A 36 -1.73 -14.41 1.74
N GLU A 37 -3.00 -14.32 2.09
CA GLU A 37 -3.38 -13.95 3.44
C GLU A 37 -2.42 -14.58 4.46
N GLY A 38 -1.76 -13.73 5.22
CA GLY A 38 -0.82 -14.19 6.23
C GLY A 38 0.61 -13.77 5.86
N ASP A 39 0.93 -13.93 4.59
CA ASP A 39 2.27 -13.57 4.11
C ASP A 39 2.57 -12.12 4.49
N LEU A 40 3.86 -11.84 4.62
CA LEU A 40 4.30 -10.51 4.98
C LEU A 40 4.28 -9.62 3.74
N ILE A 41 3.64 -8.47 3.88
CA ILE A 41 3.54 -7.52 2.79
C ILE A 41 4.77 -6.61 2.79
N ALA A 42 5.10 -6.14 3.99
CA ALA A 42 6.25 -5.26 4.16
C ALA A 42 6.47 -4.99 5.64
N GLU A 43 7.62 -4.41 5.94
CA GLU A 43 7.97 -4.10 7.32
C GLU A 43 7.88 -2.59 7.56
N VAL A 44 7.77 -2.22 8.83
CA VAL A 44 7.68 -0.82 9.21
C VAL A 44 8.50 -0.59 10.48
N GLU A 45 9.26 0.50 10.45
CA GLU A 45 10.09 0.85 11.59
C GLU A 45 9.38 1.89 12.47
N THR A 46 9.26 1.55 13.74
CA THR A 46 8.61 2.45 14.69
C THR A 46 9.53 2.71 15.88
N ASP A 47 9.07 3.61 16.75
CA ASP A 47 9.83 3.97 17.93
C ASP A 47 10.07 2.72 18.78
N LYS A 48 9.26 1.70 18.51
CA LYS A 48 9.37 0.44 19.23
C LYS A 48 10.41 -0.45 18.55
N ALA A 49 10.17 -0.71 17.27
CA ALA A 49 11.06 -1.55 16.49
C ALA A 49 10.46 -1.78 15.10
N THR A 50 11.14 -2.62 14.33
CA THR A 50 10.68 -2.94 12.99
C THR A 50 9.56 -3.97 13.04
N VAL A 51 8.37 -3.53 12.67
CA VAL A 51 7.21 -4.42 12.67
C VAL A 51 7.06 -5.05 11.29
N GLY A 52 6.26 -6.11 11.24
CA GLY A 52 6.02 -6.82 10.00
C GLY A 52 4.54 -6.77 9.61
N PHE A 53 4.26 -6.02 8.56
CA PHE A 53 2.89 -5.89 8.09
C PHE A 53 2.48 -7.09 7.25
N GLU A 54 1.55 -7.86 7.79
CA GLU A 54 1.07 -9.05 7.10
C GLU A 54 -0.16 -8.70 6.26
N SER A 55 -0.52 -9.64 5.40
CA SER A 55 -1.69 -9.45 4.53
C SER A 55 -2.94 -10.00 5.21
N LEU A 56 -4.00 -9.21 5.12
CA LEU A 56 -5.27 -9.60 5.72
C LEU A 56 -6.28 -9.93 4.62
N GLU A 57 -5.73 -10.21 3.44
CA GLU A 57 -6.56 -10.55 2.29
C GLU A 57 -5.70 -11.09 1.15
N GLU A 58 -6.38 -11.57 0.11
CA GLU A 58 -5.69 -12.12 -1.03
C GLU A 58 -5.75 -11.14 -2.20
N CYS A 59 -4.57 -10.85 -2.75
CA CYS A 59 -4.47 -9.93 -3.87
C CYS A 59 -3.00 -9.80 -4.26
N TYR A 60 -2.75 -8.88 -5.19
CA TYR A 60 -1.39 -8.66 -5.66
C TYR A 60 -0.99 -7.19 -5.51
N MET A 61 0.31 -6.97 -5.37
CA MET A 61 0.82 -5.62 -5.22
C MET A 61 0.52 -4.77 -6.46
N ALA A 62 -0.44 -3.87 -6.28
CA ALA A 62 -0.84 -3.00 -7.37
C ALA A 62 0.25 -1.95 -7.62
N LYS A 63 0.47 -1.13 -6.60
CA LYS A 63 1.48 -0.08 -6.69
C LYS A 63 2.04 0.19 -5.29
N ILE A 64 3.31 0.56 -5.26
CA ILE A 64 3.98 0.86 -4.00
C ILE A 64 4.30 2.36 -3.94
N LEU A 65 3.27 3.14 -3.68
CA LEU A 65 3.43 4.58 -3.60
C LEU A 65 4.67 4.90 -2.77
N VAL A 66 4.64 4.45 -1.53
CA VAL A 66 5.76 4.68 -0.62
C VAL A 66 6.72 3.48 -0.68
N ALA A 67 7.92 3.75 -1.14
CA ALA A 67 8.93 2.71 -1.24
C ALA A 67 9.59 2.49 0.12
N GLU A 68 10.58 1.62 0.13
CA GLU A 68 11.30 1.32 1.36
C GLU A 68 12.37 2.37 1.62
N GLY A 69 12.40 2.87 2.84
CA GLY A 69 13.37 3.88 3.24
C GLY A 69 12.69 5.23 3.47
N THR A 70 11.57 5.43 2.79
CA THR A 70 10.82 6.67 2.92
C THR A 70 10.51 6.94 4.39
N ARG A 71 11.29 7.85 4.97
CA ARG A 71 11.09 8.22 6.36
C ARG A 71 10.13 9.40 6.48
N ASP A 72 9.43 9.44 7.60
CA ASP A 72 8.49 10.51 7.85
C ASP A 72 7.14 10.15 7.21
N VAL A 73 6.81 8.87 7.31
CA VAL A 73 5.56 8.38 6.76
C VAL A 73 4.46 8.48 7.81
N PRO A 74 3.46 9.37 7.53
CA PRO A 74 2.35 9.56 8.44
C PRO A 74 1.37 8.39 8.37
N ILE A 75 0.51 8.32 9.38
CA ILE A 75 -0.48 7.26 9.45
C ILE A 75 -1.66 7.60 8.53
N GLY A 76 -2.03 6.64 7.70
CA GLY A 76 -3.13 6.83 6.77
C GLY A 76 -2.62 7.12 5.36
N ALA A 77 -1.36 7.53 5.30
CA ALA A 77 -0.74 7.85 4.03
C ALA A 77 -0.56 6.56 3.22
N ILE A 78 -1.35 6.43 2.17
CA ILE A 78 -1.29 5.27 1.31
C ILE A 78 0.17 4.87 1.12
N ILE A 79 0.45 3.59 1.37
CA ILE A 79 1.80 3.07 1.23
C ILE A 79 1.90 2.27 -0.07
N CYS A 80 0.79 1.63 -0.42
CA CYS A 80 0.73 0.83 -1.62
C CYS A 80 -0.74 0.61 -1.99
N ILE A 81 -0.94 0.02 -3.16
CA ILE A 81 -2.28 -0.26 -3.64
C ILE A 81 -2.40 -1.74 -3.97
N THR A 82 -3.64 -2.23 -3.94
CA THR A 82 -3.90 -3.62 -4.24
C THR A 82 -5.03 -3.73 -5.28
N VAL A 83 -4.89 -4.73 -6.14
CA VAL A 83 -5.88 -4.97 -7.18
C VAL A 83 -6.47 -6.37 -7.02
N GLY A 84 -7.27 -6.75 -8.00
CA GLY A 84 -7.90 -8.06 -7.98
C GLY A 84 -7.23 -9.02 -8.97
N LYS A 85 -6.40 -8.43 -9.83
CA LYS A 85 -5.69 -9.21 -10.83
C LYS A 85 -4.39 -8.50 -11.19
N PRO A 86 -3.42 -9.30 -11.72
CA PRO A 86 -2.13 -8.76 -12.12
C PRO A 86 -2.24 -7.96 -13.42
N GLU A 87 -3.20 -8.37 -14.24
CA GLU A 87 -3.42 -7.70 -15.51
C GLU A 87 -3.71 -6.22 -15.30
N ASP A 88 -4.15 -5.91 -14.09
CA ASP A 88 -4.48 -4.53 -13.74
C ASP A 88 -3.22 -3.86 -13.16
N ILE A 89 -2.45 -4.64 -12.43
CA ILE A 89 -1.24 -4.13 -11.82
C ILE A 89 -0.53 -3.21 -12.80
N GLU A 90 -0.29 -3.75 -14.00
CA GLU A 90 0.39 -2.98 -15.03
C GLU A 90 -0.20 -1.58 -15.13
N ALA A 91 -1.53 -1.53 -15.22
CA ALA A 91 -2.23 -0.27 -15.32
C ALA A 91 -1.93 0.58 -14.09
N PHE A 92 -1.80 -0.10 -12.96
CA PHE A 92 -1.51 0.57 -11.71
C PHE A 92 -0.01 0.87 -11.58
N LYS A 93 0.76 0.30 -12.50
CA LYS A 93 2.19 0.50 -12.49
C LYS A 93 2.51 1.97 -12.67
N ASN A 94 1.64 2.65 -13.41
CA ASN A 94 1.81 4.07 -13.66
C ASN A 94 0.61 4.84 -13.08
N TYR A 95 0.56 4.88 -11.76
CA TYR A 95 -0.52 5.57 -11.08
C TYR A 95 0.00 6.77 -10.28
N THR A 96 -0.84 7.79 -10.18
CA THR A 96 -0.47 8.99 -9.46
C THR A 96 -1.70 9.58 -8.75
N LEU A 97 -1.44 10.17 -7.59
CA LEU A 97 -2.51 10.78 -6.81
C LEU A 97 -2.84 12.16 -7.39
N ASP A 98 -4.12 12.48 -7.36
CA ASP A 98 -4.57 13.77 -7.87
C ASP A 98 -5.74 14.27 -7.03
N SER A 99 -6.69 13.36 -6.79
CA SER A 99 -7.86 13.69 -6.00
C SER A 99 -8.57 14.91 -6.61
N SER A 100 -9.79 15.15 -6.12
CA SER A 100 -10.58 16.26 -6.61
C SER A 100 -10.97 16.03 -8.06
N ALA A 101 -12.28 16.07 -8.32
CA ALA A 101 -12.79 15.86 -9.65
C ALA A 101 -12.46 14.44 -10.11
N ALA A 102 -13.32 13.51 -9.74
CA ALA A 102 -13.13 12.12 -10.10
C ALA A 102 -14.43 11.35 -9.87
N SER A 103 -14.72 10.44 -10.79
CA SER A 103 -15.92 9.64 -10.69
C SER A 103 -15.63 8.36 -9.90
N GLY A 104 -16.64 7.93 -9.16
CA GLY A 104 -16.51 6.72 -8.35
C GLY A 104 -17.41 6.79 -7.11
N PRO A 105 -17.68 5.59 -6.53
CA PRO A 105 -18.52 5.50 -5.34
C PRO A 105 -17.76 5.98 -4.10
N SER A 106 -16.58 5.41 -3.91
CA SER A 106 -15.75 5.76 -2.77
C SER A 106 -16.59 5.74 -1.50
N SER A 107 -16.55 4.59 -0.82
CA SER A 107 -17.31 4.43 0.41
C SER A 107 -16.65 3.35 1.28
N GLY A 108 -16.55 2.16 0.71
CA GLY A 108 -15.95 1.04 1.42
C GLY A 108 -14.56 1.41 1.94
N GLY A 1 -12.24 12.79 -18.39
CA GLY A 1 -11.49 11.76 -19.11
C GLY A 1 -12.25 10.44 -19.11
N SER A 2 -11.67 9.45 -18.44
CA SER A 2 -12.29 8.13 -18.37
C SER A 2 -11.71 7.36 -17.18
N SER A 3 -12.38 7.47 -16.05
CA SER A 3 -11.95 6.79 -14.85
C SER A 3 -12.28 5.30 -14.95
N GLY A 4 -11.22 4.49 -14.91
CA GLY A 4 -11.39 3.04 -14.99
C GLY A 4 -10.24 2.33 -14.26
N SER A 5 -10.47 2.07 -12.99
CA SER A 5 -9.48 1.39 -12.16
C SER A 5 -10.18 0.58 -11.07
N SER A 6 -9.53 -0.52 -10.70
CA SER A 6 -10.07 -1.39 -9.66
C SER A 6 -8.95 -1.85 -8.72
N GLY A 7 -8.55 -0.93 -7.85
CA GLY A 7 -7.50 -1.22 -6.90
C GLY A 7 -7.94 -0.91 -5.47
N GLN A 8 -6.99 -0.95 -4.56
CA GLN A 8 -7.26 -0.68 -3.16
C GLN A 8 -6.08 0.06 -2.52
N LYS A 9 -6.38 1.22 -1.95
CA LYS A 9 -5.35 2.02 -1.30
C LYS A 9 -5.10 1.46 0.10
N VAL A 10 -3.82 1.38 0.42
CA VAL A 10 -3.42 0.87 1.72
C VAL A 10 -2.81 2.00 2.56
N PRO A 11 -3.68 2.58 3.45
CA PRO A 11 -3.25 3.67 4.30
C PRO A 11 -2.36 3.16 5.43
N LEU A 12 -1.17 3.75 5.52
CA LEU A 12 -0.23 3.36 6.54
C LEU A 12 -0.96 3.14 7.86
N PRO A 13 -1.21 1.85 8.17
CA PRO A 13 -1.92 1.48 9.39
C PRO A 13 -1.00 1.63 10.61
N SER A 14 -1.53 2.30 11.63
CA SER A 14 -0.78 2.51 12.85
C SER A 14 -0.51 1.18 13.55
N LEU A 15 0.74 0.75 13.48
CA LEU A 15 1.14 -0.50 14.11
C LEU A 15 1.61 -0.23 15.54
N SER A 16 1.14 0.88 16.08
CA SER A 16 1.50 1.26 17.43
C SER A 16 0.40 2.12 18.04
N PRO A 17 0.53 2.38 19.38
CA PRO A 17 -0.44 3.19 20.08
C PRO A 17 -0.28 4.67 19.75
N THR A 18 0.87 5.21 20.11
CA THR A 18 1.15 6.61 19.85
C THR A 18 1.89 6.77 18.52
N MET A 19 1.55 5.89 17.57
CA MET A 19 2.17 5.92 16.27
C MET A 19 1.68 7.13 15.45
N GLN A 20 2.60 8.05 15.22
CA GLN A 20 2.28 9.25 14.45
C GLN A 20 2.89 9.17 13.05
N ALA A 21 3.94 8.37 12.94
CA ALA A 21 4.61 8.20 11.67
C ALA A 21 5.55 6.99 11.75
N GLY A 22 5.77 6.36 10.61
CA GLY A 22 6.63 5.19 10.55
C GLY A 22 7.57 5.28 9.35
N THR A 23 8.34 4.21 9.15
CA THR A 23 9.28 4.16 8.05
C THR A 23 9.21 2.80 7.36
N ILE A 24 9.09 2.84 6.04
CA ILE A 24 9.02 1.62 5.26
C ILE A 24 10.37 0.91 5.30
N ALA A 25 10.53 0.06 6.30
CA ALA A 25 11.77 -0.69 6.47
C ALA A 25 12.11 -1.39 5.15
N ARG A 26 11.25 -2.32 4.76
CA ARG A 26 11.46 -3.06 3.52
C ARG A 26 10.12 -3.49 2.92
N TRP A 27 10.13 -3.74 1.63
CA TRP A 27 8.93 -4.16 0.93
C TRP A 27 9.05 -5.65 0.63
N GLU A 28 8.75 -6.45 1.65
CA GLU A 28 8.82 -7.89 1.51
C GLU A 28 8.32 -8.31 0.13
N LYS A 29 7.32 -7.59 -0.35
CA LYS A 29 6.75 -7.88 -1.66
C LYS A 29 7.08 -6.73 -2.62
N LYS A 30 6.94 -7.03 -3.91
CA LYS A 30 7.23 -6.04 -4.93
C LYS A 30 6.02 -5.94 -5.88
N GLU A 31 6.11 -5.00 -6.81
CA GLU A 31 5.06 -4.79 -7.77
C GLU A 31 4.92 -6.01 -8.68
N GLY A 32 3.69 -6.48 -8.83
CA GLY A 32 3.42 -7.63 -9.66
C GLY A 32 3.78 -8.94 -8.94
N ASP A 33 3.73 -8.87 -7.62
CA ASP A 33 4.05 -10.03 -6.80
C ASP A 33 2.77 -10.58 -6.18
N LYS A 34 2.71 -11.90 -6.08
CA LYS A 34 1.55 -12.57 -5.50
C LYS A 34 1.61 -12.46 -3.98
N ILE A 35 0.47 -12.15 -3.40
CA ILE A 35 0.38 -12.03 -1.94
C ILE A 35 -0.70 -12.95 -1.42
N ASN A 36 -0.42 -13.56 -0.28
CA ASN A 36 -1.36 -14.48 0.34
C ASN A 36 -1.59 -14.07 1.79
N GLU A 37 -2.86 -14.12 2.19
CA GLU A 37 -3.22 -13.75 3.55
C GLU A 37 -2.17 -14.25 4.54
N GLY A 38 -1.61 -13.31 5.28
CA GLY A 38 -0.59 -13.63 6.26
C GLY A 38 0.80 -13.26 5.75
N ASP A 39 1.05 -13.60 4.49
CA ASP A 39 2.32 -13.30 3.88
C ASP A 39 2.68 -11.83 4.12
N LEU A 40 3.85 -11.63 4.72
CA LEU A 40 4.32 -10.28 5.00
C LEU A 40 4.29 -9.45 3.72
N ILE A 41 3.84 -8.22 3.85
CA ILE A 41 3.76 -7.32 2.72
C ILE A 41 4.94 -6.34 2.78
N ALA A 42 5.19 -5.84 3.98
CA ALA A 42 6.26 -4.89 4.19
C ALA A 42 6.46 -4.67 5.70
N GLU A 43 7.63 -4.15 6.03
CA GLU A 43 7.95 -3.88 7.43
C GLU A 43 7.91 -2.38 7.71
N VAL A 44 7.68 -2.04 8.96
CA VAL A 44 7.60 -0.66 9.37
C VAL A 44 8.38 -0.46 10.69
N GLU A 45 9.26 0.53 10.67
CA GLU A 45 10.07 0.82 11.84
C GLU A 45 9.34 1.82 12.75
N THR A 46 9.01 1.35 13.94
CA THR A 46 8.32 2.18 14.91
C THR A 46 9.16 2.35 16.17
N ASP A 47 8.84 3.39 16.93
CA ASP A 47 9.56 3.68 18.16
C ASP A 47 9.71 2.39 18.96
N LYS A 48 8.80 1.46 18.72
CA LYS A 48 8.81 0.18 19.42
C LYS A 48 9.88 -0.72 18.77
N ALA A 49 9.78 -0.85 17.46
CA ALA A 49 10.72 -1.68 16.72
C ALA A 49 10.19 -1.89 15.31
N THR A 50 10.91 -2.73 14.56
CA THR A 50 10.53 -3.02 13.19
C THR A 50 9.36 -4.00 13.16
N VAL A 51 8.22 -3.51 12.70
CA VAL A 51 7.02 -4.32 12.61
C VAL A 51 6.94 -4.96 11.23
N GLY A 52 6.08 -5.96 11.12
CA GLY A 52 5.90 -6.67 9.86
C GLY A 52 4.42 -6.70 9.46
N PHE A 53 4.09 -5.88 8.47
CA PHE A 53 2.72 -5.82 7.98
C PHE A 53 2.37 -7.04 7.15
N GLU A 54 1.37 -7.77 7.62
CA GLU A 54 0.93 -8.98 6.93
C GLU A 54 -0.23 -8.65 5.98
N SER A 55 -0.46 -9.56 5.05
CA SER A 55 -1.53 -9.38 4.08
C SER A 55 -2.89 -9.66 4.73
N LEU A 56 -3.88 -8.91 4.30
CA LEU A 56 -5.23 -9.06 4.83
C LEU A 56 -5.92 -10.23 4.12
N GLU A 57 -5.53 -10.43 2.86
CA GLU A 57 -6.11 -11.50 2.06
C GLU A 57 -5.39 -11.60 0.73
N GLU A 58 -5.80 -12.58 -0.06
CA GLU A 58 -5.20 -12.80 -1.38
C GLU A 58 -5.33 -11.53 -2.22
N CYS A 59 -4.28 -11.28 -3.00
CA CYS A 59 -4.24 -10.11 -3.86
C CYS A 59 -2.84 -9.97 -4.43
N TYR A 60 -2.62 -8.88 -5.15
CA TYR A 60 -1.33 -8.62 -5.75
C TYR A 60 -0.96 -7.14 -5.63
N MET A 61 0.34 -6.89 -5.61
CA MET A 61 0.84 -5.53 -5.50
C MET A 61 0.47 -4.70 -6.73
N ALA A 62 -0.26 -3.62 -6.48
CA ALA A 62 -0.69 -2.74 -7.56
C ALA A 62 0.37 -1.67 -7.79
N LYS A 63 0.57 -0.86 -6.75
CA LYS A 63 1.55 0.21 -6.83
C LYS A 63 2.17 0.43 -5.44
N ILE A 64 3.43 0.83 -5.44
CA ILE A 64 4.14 1.08 -4.20
C ILE A 64 4.46 2.57 -4.09
N LEU A 65 3.43 3.34 -3.74
CA LEU A 65 3.60 4.78 -3.61
C LEU A 65 4.85 5.07 -2.77
N VAL A 66 4.84 4.54 -1.55
CA VAL A 66 5.97 4.72 -0.64
C VAL A 66 6.90 3.52 -0.74
N ALA A 67 8.16 3.80 -1.05
CA ALA A 67 9.15 2.76 -1.17
C ALA A 67 9.78 2.49 0.20
N GLU A 68 10.71 1.55 0.22
CA GLU A 68 11.39 1.19 1.46
C GLU A 68 12.50 2.22 1.76
N GLY A 69 12.48 2.71 3.00
CA GLY A 69 13.46 3.68 3.41
C GLY A 69 12.81 5.04 3.69
N THR A 70 11.74 5.30 2.96
CA THR A 70 11.02 6.56 3.11
C THR A 70 10.69 6.82 4.57
N ARG A 71 11.48 7.71 5.17
CA ARG A 71 11.28 8.05 6.57
C ARG A 71 10.33 9.26 6.69
N ASP A 72 9.63 9.30 7.81
CA ASP A 72 8.70 10.39 8.06
C ASP A 72 7.35 10.06 7.41
N VAL A 73 7.02 8.77 7.43
CA VAL A 73 5.77 8.31 6.85
C VAL A 73 4.65 8.47 7.88
N PRO A 74 3.68 9.37 7.55
CA PRO A 74 2.56 9.62 8.43
C PRO A 74 1.55 8.47 8.39
N ILE A 75 0.69 8.42 9.39
CA ILE A 75 -0.32 7.39 9.47
C ILE A 75 -1.47 7.74 8.54
N GLY A 76 -1.87 6.76 7.74
CA GLY A 76 -2.96 6.95 6.79
C GLY A 76 -2.43 7.22 5.38
N ALA A 77 -1.16 7.58 5.32
CA ALA A 77 -0.52 7.86 4.05
C ALA A 77 -0.37 6.56 3.26
N ILE A 78 -1.16 6.45 2.20
CA ILE A 78 -1.13 5.27 1.35
C ILE A 78 0.32 4.83 1.17
N ILE A 79 0.57 3.56 1.47
CA ILE A 79 1.90 3.00 1.34
C ILE A 79 2.01 2.26 0.01
N CYS A 80 0.90 1.66 -0.39
CA CYS A 80 0.85 0.92 -1.63
C CYS A 80 -0.61 0.65 -1.98
N ILE A 81 -0.81 0.08 -3.16
CA ILE A 81 -2.15 -0.24 -3.63
C ILE A 81 -2.21 -1.71 -4.03
N THR A 82 -3.43 -2.24 -4.00
CA THR A 82 -3.63 -3.64 -4.36
C THR A 82 -4.81 -3.77 -5.33
N VAL A 83 -4.85 -4.90 -6.03
CA VAL A 83 -5.91 -5.16 -6.98
C VAL A 83 -6.49 -6.55 -6.73
N GLY A 84 -7.34 -6.98 -7.65
CA GLY A 84 -7.97 -8.28 -7.54
C GLY A 84 -7.39 -9.26 -8.56
N LYS A 85 -6.68 -8.69 -9.53
CA LYS A 85 -6.07 -9.50 -10.58
C LYS A 85 -4.71 -8.92 -10.94
N PRO A 86 -3.85 -9.78 -11.54
CA PRO A 86 -2.51 -9.36 -11.94
C PRO A 86 -2.57 -8.48 -13.20
N GLU A 87 -3.74 -8.47 -13.82
CA GLU A 87 -3.93 -7.68 -15.02
C GLU A 87 -4.09 -6.20 -14.67
N ASP A 88 -4.91 -5.95 -13.66
CA ASP A 88 -5.15 -4.59 -13.21
C ASP A 88 -3.84 -3.97 -12.71
N ILE A 89 -2.92 -4.86 -12.35
CA ILE A 89 -1.62 -4.42 -11.85
C ILE A 89 -0.95 -3.55 -12.91
N GLU A 90 -0.91 -4.07 -14.13
CA GLU A 90 -0.29 -3.34 -15.23
C GLU A 90 -0.94 -1.97 -15.39
N ALA A 91 -2.23 -1.92 -15.11
CA ALA A 91 -2.97 -0.68 -15.21
C ALA A 91 -2.61 0.23 -14.05
N PHE A 92 -2.03 -0.38 -13.02
CA PHE A 92 -1.64 0.37 -11.84
C PHE A 92 -0.12 0.58 -11.80
N LYS A 93 0.56 -0.18 -12.65
CA LYS A 93 2.01 -0.08 -12.72
C LYS A 93 2.41 1.37 -12.96
N ASN A 94 1.48 2.13 -13.51
CA ASN A 94 1.71 3.53 -13.80
C ASN A 94 0.61 4.38 -13.17
N TYR A 95 0.68 4.50 -11.85
CA TYR A 95 -0.31 5.27 -11.11
C TYR A 95 0.37 6.41 -10.33
N THR A 96 -0.36 7.51 -10.21
CA THR A 96 0.15 8.67 -9.50
C THR A 96 -0.95 9.29 -8.64
N LEU A 97 -0.53 10.18 -7.75
CA LEU A 97 -1.47 10.85 -6.88
C LEU A 97 -1.88 12.19 -7.50
N ASP A 98 -2.70 12.93 -6.75
CA ASP A 98 -3.17 14.22 -7.21
C ASP A 98 -3.79 14.07 -8.60
N SER A 99 -5.10 13.90 -8.62
CA SER A 99 -5.84 13.74 -9.86
C SER A 99 -5.36 12.47 -10.58
N SER A 100 -6.24 11.48 -10.59
CA SER A 100 -5.94 10.22 -11.24
C SER A 100 -7.22 9.55 -11.73
N ALA A 101 -8.13 9.32 -10.80
CA ALA A 101 -9.41 8.70 -11.13
C ALA A 101 -10.37 8.87 -9.94
N ALA A 102 -9.97 8.30 -8.82
CA ALA A 102 -10.79 8.38 -7.62
C ALA A 102 -12.14 7.70 -7.87
N SER A 103 -12.22 6.45 -7.46
CA SER A 103 -13.44 5.68 -7.64
C SER A 103 -13.27 4.28 -7.05
N GLY A 104 -13.46 4.20 -5.74
CA GLY A 104 -13.32 2.93 -5.03
C GLY A 104 -14.22 1.86 -5.67
N PRO A 105 -13.63 0.66 -5.86
CA PRO A 105 -14.37 -0.46 -6.44
C PRO A 105 -15.35 -1.05 -5.44
N SER A 106 -14.83 -1.39 -4.27
CA SER A 106 -15.65 -1.98 -3.22
C SER A 106 -16.00 -3.42 -3.58
N SER A 107 -15.09 -4.31 -3.21
CA SER A 107 -15.28 -5.73 -3.48
C SER A 107 -15.36 -6.51 -2.16
N GLY A 108 -15.95 -7.69 -2.24
CA GLY A 108 -16.09 -8.54 -1.07
C GLY A 108 -17.49 -9.14 -0.98
N GLY A 1 -10.73 9.72 -21.69
CA GLY A 1 -11.76 9.95 -20.68
C GLY A 1 -12.12 8.63 -19.98
N SER A 2 -13.18 8.70 -19.19
CA SER A 2 -13.64 7.53 -18.46
C SER A 2 -12.55 7.05 -17.51
N SER A 3 -12.93 6.15 -16.60
CA SER A 3 -11.99 5.61 -15.64
C SER A 3 -12.25 4.11 -15.45
N GLY A 4 -11.21 3.33 -15.70
CA GLY A 4 -11.30 1.89 -15.57
C GLY A 4 -10.13 1.33 -14.76
N SER A 5 -10.31 1.27 -13.46
CA SER A 5 -9.28 0.77 -12.57
C SER A 5 -9.89 0.39 -11.21
N SER A 6 -9.72 -0.86 -10.85
CA SER A 6 -10.24 -1.37 -9.59
C SER A 6 -9.09 -1.82 -8.70
N GLY A 7 -8.74 -0.96 -7.75
CA GLY A 7 -7.67 -1.26 -6.83
C GLY A 7 -8.08 -0.96 -5.39
N GLN A 8 -7.11 -1.05 -4.49
CA GLN A 8 -7.36 -0.79 -3.08
C GLN A 8 -6.16 -0.09 -2.46
N LYS A 9 -6.42 1.08 -1.90
CA LYS A 9 -5.37 1.87 -1.26
C LYS A 9 -5.12 1.33 0.14
N VAL A 10 -3.84 1.23 0.49
CA VAL A 10 -3.45 0.72 1.80
C VAL A 10 -2.87 1.87 2.62
N PRO A 11 -3.72 2.44 3.50
CA PRO A 11 -3.30 3.54 4.36
C PRO A 11 -2.41 3.03 5.50
N LEU A 12 -1.22 3.62 5.57
CA LEU A 12 -0.27 3.24 6.60
C LEU A 12 -1.01 3.03 7.93
N PRO A 13 -1.26 1.73 8.24
CA PRO A 13 -1.96 1.38 9.47
C PRO A 13 -1.04 1.53 10.68
N SER A 14 -1.54 2.25 11.67
CA SER A 14 -0.78 2.48 12.89
C SER A 14 -0.51 1.15 13.60
N LEU A 15 0.75 0.73 13.55
CA LEU A 15 1.15 -0.51 14.19
C LEU A 15 1.61 -0.23 15.61
N SER A 16 1.13 0.88 16.15
CA SER A 16 1.49 1.28 17.51
C SER A 16 0.40 2.17 18.09
N PRO A 17 0.51 2.42 19.43
CA PRO A 17 -0.45 3.25 20.12
C PRO A 17 -0.24 4.73 19.80
N THR A 18 0.94 5.22 20.16
CA THR A 18 1.28 6.60 19.91
C THR A 18 1.99 6.75 18.57
N MET A 19 1.62 5.87 17.65
CA MET A 19 2.21 5.89 16.32
C MET A 19 1.72 7.10 15.52
N GLN A 20 2.65 8.02 15.26
CA GLN A 20 2.33 9.22 14.51
C GLN A 20 2.92 9.13 13.11
N ALA A 21 3.98 8.35 12.98
CA ALA A 21 4.63 8.17 11.70
C ALA A 21 5.58 6.98 11.78
N GLY A 22 5.78 6.34 10.63
CA GLY A 22 6.64 5.18 10.55
C GLY A 22 7.57 5.27 9.33
N THR A 23 8.33 4.21 9.13
CA THR A 23 9.26 4.15 8.01
C THR A 23 9.17 2.79 7.32
N ILE A 24 9.06 2.82 6.00
CA ILE A 24 8.96 1.60 5.22
C ILE A 24 10.32 0.89 5.25
N ALA A 25 10.46 0.00 6.23
CA ALA A 25 11.69 -0.75 6.38
C ALA A 25 12.04 -1.41 5.05
N ARG A 26 11.17 -2.32 4.63
CA ARG A 26 11.37 -3.03 3.37
C ARG A 26 10.03 -3.53 2.84
N TRP A 27 10.03 -3.81 1.53
CA TRP A 27 8.82 -4.29 0.89
C TRP A 27 9.01 -5.78 0.61
N GLU A 28 8.71 -6.58 1.62
CA GLU A 28 8.83 -8.03 1.51
C GLU A 28 8.38 -8.50 0.12
N LYS A 29 7.39 -7.77 -0.42
CA LYS A 29 6.87 -8.10 -1.73
C LYS A 29 7.18 -6.97 -2.70
N LYS A 30 7.00 -7.25 -3.98
CA LYS A 30 7.26 -6.26 -5.02
C LYS A 30 6.01 -6.09 -5.88
N GLU A 31 6.14 -5.24 -6.89
CA GLU A 31 5.03 -4.97 -7.80
C GLU A 31 4.81 -6.18 -8.70
N GLY A 32 3.56 -6.64 -8.72
CA GLY A 32 3.19 -7.78 -9.54
C GLY A 32 3.30 -9.09 -8.75
N ASP A 33 4.02 -9.02 -7.65
CA ASP A 33 4.20 -10.18 -6.79
C ASP A 33 2.85 -10.57 -6.17
N LYS A 34 2.68 -11.86 -5.97
CA LYS A 34 1.45 -12.37 -5.39
C LYS A 34 1.51 -12.23 -3.87
N ILE A 35 0.40 -11.82 -3.29
CA ILE A 35 0.32 -11.63 -1.86
C ILE A 35 -0.83 -12.48 -1.31
N ASN A 36 -0.48 -13.39 -0.39
CA ASN A 36 -1.46 -14.26 0.21
C ASN A 36 -1.68 -13.83 1.67
N GLU A 37 -2.93 -13.92 2.09
CA GLU A 37 -3.29 -13.54 3.45
C GLU A 37 -2.21 -14.02 4.43
N GLY A 38 -1.69 -13.08 5.20
CA GLY A 38 -0.66 -13.39 6.17
C GLY A 38 0.72 -13.03 5.64
N ASP A 39 0.93 -13.34 4.37
CA ASP A 39 2.20 -13.05 3.73
C ASP A 39 2.61 -11.60 4.01
N LEU A 40 3.81 -11.43 4.51
CA LEU A 40 4.32 -10.11 4.83
C LEU A 40 4.30 -9.24 3.57
N ILE A 41 3.80 -8.03 3.74
CA ILE A 41 3.71 -7.09 2.62
C ILE A 41 4.88 -6.10 2.71
N ALA A 42 5.23 -5.76 3.93
CA ALA A 42 6.33 -4.82 4.16
C ALA A 42 6.54 -4.65 5.67
N GLU A 43 7.64 -4.00 6.00
CA GLU A 43 7.98 -3.77 7.40
C GLU A 43 7.99 -2.28 7.70
N VAL A 44 7.52 -1.93 8.90
CA VAL A 44 7.48 -0.54 9.31
C VAL A 44 8.32 -0.37 10.58
N GLU A 45 9.13 0.68 10.58
CA GLU A 45 9.98 0.97 11.72
C GLU A 45 9.31 1.99 12.64
N THR A 46 8.98 1.52 13.84
CA THR A 46 8.33 2.37 14.82
C THR A 46 9.23 2.54 16.05
N ASP A 47 8.91 3.56 16.83
CA ASP A 47 9.68 3.84 18.03
C ASP A 47 9.86 2.55 18.83
N LYS A 48 8.92 1.63 18.64
CA LYS A 48 8.97 0.36 19.33
C LYS A 48 10.02 -0.53 18.67
N ALA A 49 9.91 -0.65 17.35
CA ALA A 49 10.83 -1.48 16.59
C ALA A 49 10.27 -1.71 15.19
N THR A 50 10.97 -2.54 14.43
CA THR A 50 10.55 -2.86 13.07
C THR A 50 9.40 -3.85 13.10
N VAL A 51 8.24 -3.38 12.66
CA VAL A 51 7.06 -4.22 12.62
C VAL A 51 6.91 -4.84 11.23
N GLY A 52 6.08 -5.87 11.15
CA GLY A 52 5.85 -6.55 9.88
C GLY A 52 4.36 -6.54 9.52
N PHE A 53 4.05 -5.84 8.44
CA PHE A 53 2.67 -5.75 7.98
C PHE A 53 2.28 -6.99 7.18
N GLU A 54 1.29 -7.71 7.72
CA GLU A 54 0.81 -8.92 7.06
C GLU A 54 -0.36 -8.58 6.13
N SER A 55 -0.51 -9.42 5.11
CA SER A 55 -1.58 -9.23 4.15
C SER A 55 -2.94 -9.44 4.82
N LEU A 56 -3.96 -8.87 4.20
CA LEU A 56 -5.31 -8.98 4.72
C LEU A 56 -6.05 -10.10 3.99
N GLU A 57 -5.54 -10.43 2.81
CA GLU A 57 -6.13 -11.49 2.00
C GLU A 57 -5.35 -11.65 0.70
N GLU A 58 -5.76 -12.65 -0.08
CA GLU A 58 -5.12 -12.93 -1.34
C GLU A 58 -5.29 -11.75 -2.30
N CYS A 59 -4.19 -11.41 -2.96
CA CYS A 59 -4.21 -10.30 -3.91
C CYS A 59 -2.80 -10.15 -4.50
N TYR A 60 -2.62 -9.06 -5.23
CA TYR A 60 -1.33 -8.79 -5.85
C TYR A 60 -0.92 -7.34 -5.64
N MET A 61 0.39 -7.13 -5.55
CA MET A 61 0.92 -5.79 -5.34
C MET A 61 0.57 -4.88 -6.51
N ALA A 62 -0.42 -4.03 -6.28
CA ALA A 62 -0.87 -3.10 -7.29
C ALA A 62 0.23 -2.06 -7.55
N LYS A 63 0.45 -1.22 -6.55
CA LYS A 63 1.45 -0.18 -6.65
C LYS A 63 2.06 0.10 -5.27
N ILE A 64 3.31 0.51 -5.26
CA ILE A 64 4.00 0.80 -4.02
C ILE A 64 4.34 2.29 -3.97
N LEU A 65 3.31 3.09 -3.71
CA LEU A 65 3.48 4.53 -3.62
C LEU A 65 4.72 4.85 -2.80
N VAL A 66 4.71 4.39 -1.56
CA VAL A 66 5.83 4.61 -0.66
C VAL A 66 6.80 3.44 -0.76
N ALA A 67 8.03 3.75 -1.15
CA ALA A 67 9.05 2.73 -1.29
C ALA A 67 9.67 2.44 0.08
N GLU A 68 10.66 1.56 0.08
CA GLU A 68 11.35 1.20 1.31
C GLU A 68 12.44 2.23 1.63
N GLY A 69 12.45 2.64 2.89
CA GLY A 69 13.43 3.61 3.34
C GLY A 69 12.78 4.96 3.61
N THR A 70 11.64 5.17 2.97
CA THR A 70 10.91 6.42 3.11
C THR A 70 10.66 6.71 4.60
N ARG A 71 11.45 7.62 5.13
CA ARG A 71 11.32 8.01 6.52
C ARG A 71 10.37 9.19 6.67
N ASP A 72 9.69 9.24 7.81
CA ASP A 72 8.76 10.32 8.08
C ASP A 72 7.42 10.01 7.40
N VAL A 73 7.03 8.75 7.48
CA VAL A 73 5.78 8.31 6.89
C VAL A 73 4.66 8.46 7.91
N PRO A 74 3.68 9.35 7.56
CA PRO A 74 2.54 9.60 8.44
C PRO A 74 1.55 8.43 8.39
N ILE A 75 0.70 8.37 9.40
CA ILE A 75 -0.29 7.32 9.50
C ILE A 75 -1.44 7.64 8.54
N GLY A 76 -1.87 6.62 7.81
CA GLY A 76 -2.96 6.77 6.87
C GLY A 76 -2.43 7.02 5.46
N ALA A 77 -1.18 7.47 5.40
CA ALA A 77 -0.54 7.75 4.12
C ALA A 77 -0.38 6.44 3.33
N ILE A 78 -1.18 6.32 2.28
CA ILE A 78 -1.14 5.14 1.45
C ILE A 78 0.32 4.70 1.26
N ILE A 79 0.57 3.44 1.57
CA ILE A 79 1.90 2.89 1.44
C ILE A 79 2.00 2.09 0.15
N CYS A 80 0.86 1.54 -0.26
CA CYS A 80 0.81 0.76 -1.48
C CYS A 80 -0.66 0.51 -1.83
N ILE A 81 -0.88 -0.08 -2.99
CA ILE A 81 -2.22 -0.38 -3.45
C ILE A 81 -2.32 -1.87 -3.77
N THR A 82 -3.55 -2.37 -3.73
CA THR A 82 -3.81 -3.77 -4.02
C THR A 82 -4.91 -3.91 -5.07
N VAL A 83 -4.85 -5.01 -5.79
CA VAL A 83 -5.84 -5.29 -6.83
C VAL A 83 -6.36 -6.71 -6.67
N GLY A 84 -7.31 -7.06 -7.53
CA GLY A 84 -7.90 -8.39 -7.50
C GLY A 84 -7.35 -9.25 -8.63
N LYS A 85 -6.49 -8.65 -9.44
CA LYS A 85 -5.89 -9.34 -10.55
C LYS A 85 -4.62 -8.60 -11.00
N PRO A 86 -3.73 -9.36 -11.69
CA PRO A 86 -2.48 -8.78 -12.17
C PRO A 86 -2.72 -7.89 -13.40
N GLU A 87 -3.73 -8.27 -14.17
CA GLU A 87 -4.07 -7.53 -15.36
C GLU A 87 -4.22 -6.04 -15.03
N ASP A 88 -4.54 -5.77 -13.78
CA ASP A 88 -4.71 -4.40 -13.32
C ASP A 88 -3.36 -3.83 -12.88
N ILE A 89 -2.58 -4.70 -12.27
CA ILE A 89 -1.26 -4.30 -11.79
C ILE A 89 -0.58 -3.45 -12.86
N GLU A 90 -0.54 -3.98 -14.07
CA GLU A 90 0.08 -3.30 -15.19
C GLU A 90 -0.53 -1.89 -15.33
N ALA A 91 -1.84 -1.83 -15.21
CA ALA A 91 -2.55 -0.56 -15.33
C ALA A 91 -2.19 0.33 -14.13
N PHE A 92 -1.95 -0.32 -13.00
CA PHE A 92 -1.60 0.40 -11.79
C PHE A 92 -0.10 0.65 -11.72
N LYS A 93 0.63 0.04 -12.66
CA LYS A 93 2.06 0.20 -12.71
C LYS A 93 2.41 1.69 -12.87
N ASN A 94 1.57 2.37 -13.63
CA ASN A 94 1.77 3.79 -13.87
C ASN A 94 0.64 4.59 -13.21
N TYR A 95 0.68 4.60 -11.88
CA TYR A 95 -0.33 5.32 -11.12
C TYR A 95 0.29 6.47 -10.33
N THR A 96 -0.47 7.56 -10.26
CA THR A 96 -0.01 8.74 -9.55
C THR A 96 -1.18 9.43 -8.84
N LEU A 97 -0.89 9.96 -7.66
CA LEU A 97 -1.92 10.65 -6.89
C LEU A 97 -2.10 12.06 -7.44
N ASP A 98 -2.62 12.13 -8.66
CA ASP A 98 -2.85 13.41 -9.30
C ASP A 98 -4.22 13.40 -9.97
N SER A 99 -5.21 13.88 -9.23
CA SER A 99 -6.56 13.92 -9.74
C SER A 99 -7.42 14.82 -8.83
N SER A 100 -8.41 15.46 -9.46
CA SER A 100 -9.30 16.35 -8.74
C SER A 100 -10.74 16.16 -9.23
N ALA A 101 -11.52 15.46 -8.41
CA ALA A 101 -12.91 15.20 -8.74
C ALA A 101 -13.69 14.96 -7.46
N ALA A 102 -14.29 16.03 -6.96
CA ALA A 102 -15.08 15.95 -5.74
C ALA A 102 -16.52 16.40 -6.03
N SER A 103 -17.36 15.41 -6.32
CA SER A 103 -18.75 15.68 -6.62
C SER A 103 -19.59 14.44 -6.34
N GLY A 104 -20.38 14.50 -5.27
CA GLY A 104 -21.23 13.39 -4.89
C GLY A 104 -20.57 12.52 -3.82
N PRO A 105 -20.95 12.79 -2.55
CA PRO A 105 -20.40 12.05 -1.43
C PRO A 105 -21.00 10.63 -1.36
N SER A 106 -20.78 9.88 -2.43
CA SER A 106 -21.29 8.52 -2.50
C SER A 106 -20.79 7.71 -1.31
N SER A 107 -21.67 6.86 -0.79
CA SER A 107 -21.33 6.02 0.35
C SER A 107 -20.90 4.63 -0.13
N GLY A 108 -21.80 3.99 -0.86
CA GLY A 108 -21.54 2.67 -1.38
C GLY A 108 -20.38 2.69 -2.39
N GLY A 1 -4.64 3.62 -22.80
CA GLY A 1 -4.12 3.45 -21.46
C GLY A 1 -4.87 2.32 -20.73
N SER A 2 -5.94 2.69 -20.06
CA SER A 2 -6.75 1.73 -19.33
C SER A 2 -7.92 2.45 -18.64
N SER A 3 -9.11 2.13 -19.12
CA SER A 3 -10.32 2.72 -18.56
C SER A 3 -10.71 2.00 -17.27
N GLY A 4 -10.32 2.61 -16.16
CA GLY A 4 -10.64 2.04 -14.86
C GLY A 4 -9.36 1.60 -14.13
N SER A 5 -9.55 1.07 -12.93
CA SER A 5 -8.42 0.61 -12.14
C SER A 5 -8.82 -0.64 -11.36
N SER A 6 -9.76 -0.47 -10.45
CA SER A 6 -10.23 -1.58 -9.63
C SER A 6 -9.10 -2.09 -8.74
N GLY A 7 -8.62 -1.20 -7.88
CA GLY A 7 -7.53 -1.55 -6.97
C GLY A 7 -7.94 -1.30 -5.52
N GLN A 8 -6.95 -1.37 -4.64
CA GLN A 8 -7.19 -1.15 -3.23
C GLN A 8 -6.01 -0.40 -2.59
N LYS A 9 -6.33 0.74 -2.01
CA LYS A 9 -5.30 1.56 -1.37
C LYS A 9 -5.00 0.99 0.01
N VAL A 10 -3.71 0.99 0.33
CA VAL A 10 -3.27 0.47 1.62
C VAL A 10 -2.71 1.62 2.46
N PRO A 11 -3.58 2.16 3.34
CA PRO A 11 -3.20 3.27 4.20
C PRO A 11 -2.30 2.77 5.34
N LEU A 12 -1.15 3.42 5.47
CA LEU A 12 -0.21 3.07 6.51
C LEU A 12 -0.95 2.83 7.82
N PRO A 13 -1.14 1.52 8.14
CA PRO A 13 -1.84 1.15 9.36
C PRO A 13 -0.95 1.36 10.59
N SER A 14 -1.53 2.01 11.59
CA SER A 14 -0.81 2.28 12.83
C SER A 14 -0.49 0.97 13.55
N LEU A 15 0.78 0.62 13.54
CA LEU A 15 1.21 -0.61 14.19
C LEU A 15 1.63 -0.29 15.62
N SER A 16 1.09 0.81 16.15
CA SER A 16 1.39 1.22 17.50
C SER A 16 0.29 2.14 18.03
N PRO A 17 0.31 2.37 19.37
CA PRO A 17 -0.69 3.21 20.00
C PRO A 17 -0.40 4.69 19.72
N THR A 18 0.81 5.11 20.05
CA THR A 18 1.21 6.49 19.83
C THR A 18 1.97 6.62 18.50
N MET A 19 1.58 5.79 17.55
CA MET A 19 2.20 5.81 16.24
C MET A 19 1.68 6.97 15.40
N GLN A 20 2.56 7.94 15.17
CA GLN A 20 2.20 9.11 14.38
C GLN A 20 2.78 8.99 12.97
N ALA A 21 3.85 8.23 12.87
CA ALA A 21 4.51 8.03 11.59
C ALA A 21 5.47 6.84 11.69
N GLY A 22 5.64 6.16 10.57
CA GLY A 22 6.53 5.01 10.52
C GLY A 22 7.51 5.12 9.34
N THR A 23 8.35 4.11 9.22
CA THR A 23 9.34 4.07 8.15
C THR A 23 9.36 2.69 7.49
N ILE A 24 9.15 2.69 6.19
CA ILE A 24 9.15 1.45 5.43
C ILE A 24 10.56 0.85 5.46
N ALA A 25 10.72 -0.18 6.28
CA ALA A 25 11.99 -0.85 6.41
C ALA A 25 12.34 -1.54 5.09
N ARG A 26 11.47 -2.47 4.69
CA ARG A 26 11.67 -3.20 3.46
C ARG A 26 10.33 -3.54 2.83
N TRP A 27 10.36 -3.73 1.52
CA TRP A 27 9.15 -4.06 0.78
C TRP A 27 9.11 -5.59 0.59
N GLU A 28 8.73 -6.27 1.66
CA GLU A 28 8.65 -7.73 1.62
C GLU A 28 8.11 -8.19 0.27
N LYS A 29 7.23 -7.39 -0.29
CA LYS A 29 6.63 -7.71 -1.57
C LYS A 29 6.94 -6.59 -2.57
N LYS A 30 6.84 -6.93 -3.85
CA LYS A 30 7.10 -5.97 -4.91
C LYS A 30 5.92 -5.94 -5.88
N GLU A 31 5.99 -5.01 -6.82
CA GLU A 31 4.94 -4.87 -7.80
C GLU A 31 4.83 -6.13 -8.66
N GLY A 32 3.63 -6.68 -8.70
CA GLY A 32 3.38 -7.89 -9.47
C GLY A 32 3.81 -9.14 -8.70
N ASP A 33 3.48 -9.13 -7.41
CA ASP A 33 3.82 -10.26 -6.55
C ASP A 33 2.55 -10.75 -5.83
N LYS A 34 2.36 -12.05 -5.89
CA LYS A 34 1.20 -12.66 -5.27
C LYS A 34 1.34 -12.57 -3.74
N ILE A 35 0.24 -12.23 -3.09
CA ILE A 35 0.24 -12.10 -1.64
C ILE A 35 -0.85 -13.00 -1.06
N ASN A 36 -0.57 -13.52 0.13
CA ASN A 36 -1.52 -14.39 0.81
C ASN A 36 -1.78 -13.86 2.22
N GLU A 37 -3.05 -13.83 2.58
CA GLU A 37 -3.45 -13.35 3.89
C GLU A 37 -2.49 -13.89 4.96
N GLY A 38 -1.87 -12.96 5.67
CA GLY A 38 -0.94 -13.32 6.73
C GLY A 38 0.50 -13.05 6.29
N ASP A 39 0.78 -13.36 5.04
CA ASP A 39 2.12 -13.15 4.49
C ASP A 39 2.52 -11.69 4.69
N LEU A 40 3.77 -11.50 5.09
CA LEU A 40 4.29 -10.16 5.31
C LEU A 40 4.26 -9.38 4.00
N ILE A 41 3.83 -8.13 4.10
CA ILE A 41 3.75 -7.27 2.93
C ILE A 41 4.92 -6.27 2.95
N ALA A 42 5.21 -5.79 4.15
CA ALA A 42 6.31 -4.84 4.31
C ALA A 42 6.54 -4.60 5.81
N GLU A 43 7.77 -4.24 6.13
CA GLU A 43 8.15 -3.98 7.51
C GLU A 43 8.26 -2.48 7.76
N VAL A 44 7.81 -2.06 8.93
CA VAL A 44 7.86 -0.67 9.31
C VAL A 44 8.62 -0.51 10.62
N GLU A 45 9.34 0.60 10.73
CA GLU A 45 10.12 0.87 11.92
C GLU A 45 9.39 1.88 12.81
N THR A 46 9.05 1.44 14.01
CA THR A 46 8.36 2.29 14.95
C THR A 46 9.25 2.57 16.18
N ASP A 47 8.79 3.51 16.98
CA ASP A 47 9.54 3.88 18.18
C ASP A 47 9.73 2.65 19.05
N LYS A 48 8.93 1.64 18.79
CA LYS A 48 8.99 0.39 19.53
C LYS A 48 10.05 -0.51 18.90
N ALA A 49 9.94 -0.68 17.59
CA ALA A 49 10.87 -1.51 16.85
C ALA A 49 10.33 -1.76 15.45
N THR A 50 11.04 -2.60 14.71
CA THR A 50 10.63 -2.94 13.36
C THR A 50 9.48 -3.94 13.37
N VAL A 51 8.33 -3.48 12.90
CA VAL A 51 7.15 -4.32 12.86
C VAL A 51 7.01 -4.92 11.46
N GLY A 52 6.15 -5.93 11.37
CA GLY A 52 5.92 -6.60 10.10
C GLY A 52 4.44 -6.55 9.72
N PHE A 53 4.15 -5.77 8.68
CA PHE A 53 2.79 -5.62 8.20
C PHE A 53 2.38 -6.80 7.33
N GLU A 54 1.41 -7.55 7.81
CA GLU A 54 0.92 -8.71 7.08
C GLU A 54 -0.26 -8.31 6.18
N SER A 55 -0.53 -9.17 5.21
CA SER A 55 -1.62 -8.93 4.28
C SER A 55 -2.96 -9.13 4.98
N LEU A 56 -3.95 -8.39 4.51
CA LEU A 56 -5.29 -8.48 5.08
C LEU A 56 -6.12 -9.48 4.27
N GLU A 57 -5.59 -9.82 3.11
CA GLU A 57 -6.28 -10.77 2.24
C GLU A 57 -5.43 -11.06 1.00
N GLU A 58 -5.83 -12.08 0.26
CA GLU A 58 -5.13 -12.47 -0.94
C GLU A 58 -5.30 -11.41 -2.03
N CYS A 59 -4.18 -10.99 -2.60
CA CYS A 59 -4.20 -9.99 -3.64
C CYS A 59 -2.77 -9.81 -4.17
N TYR A 60 -2.65 -8.96 -5.17
CA TYR A 60 -1.35 -8.69 -5.77
C TYR A 60 -1.01 -7.20 -5.69
N MET A 61 0.28 -6.92 -5.55
CA MET A 61 0.75 -5.55 -5.47
C MET A 61 0.40 -4.77 -6.74
N ALA A 62 -0.41 -3.75 -6.57
CA ALA A 62 -0.82 -2.92 -7.70
C ALA A 62 0.22 -1.82 -7.93
N LYS A 63 0.50 -1.09 -6.87
CA LYS A 63 1.48 -0.01 -6.94
C LYS A 63 2.06 0.24 -5.55
N ILE A 64 3.31 0.68 -5.54
CA ILE A 64 3.99 0.96 -4.29
C ILE A 64 4.33 2.45 -4.21
N LEU A 65 3.36 3.23 -3.76
CA LEU A 65 3.53 4.66 -3.63
C LEU A 65 4.83 4.94 -2.85
N VAL A 66 4.88 4.41 -1.64
CA VAL A 66 6.03 4.59 -0.79
C VAL A 66 7.10 3.56 -1.15
N ALA A 67 8.33 4.05 -1.30
CA ALA A 67 9.44 3.18 -1.64
C ALA A 67 10.00 2.55 -0.37
N GLU A 68 11.25 2.13 -0.46
CA GLU A 68 11.92 1.51 0.68
C GLU A 68 12.82 2.52 1.39
N GLY A 69 12.72 2.53 2.70
CA GLY A 69 13.51 3.44 3.51
C GLY A 69 12.80 4.78 3.69
N THR A 70 11.63 4.88 3.08
CA THR A 70 10.85 6.10 3.15
C THR A 70 10.59 6.48 4.61
N ARG A 71 11.34 7.46 5.08
CA ARG A 71 11.20 7.93 6.45
C ARG A 71 10.24 9.10 6.52
N ASP A 72 9.53 9.18 7.64
CA ASP A 72 8.57 10.25 7.83
C ASP A 72 7.24 9.87 7.19
N VAL A 73 6.88 8.61 7.35
CA VAL A 73 5.64 8.09 6.79
C VAL A 73 4.52 8.25 7.82
N PRO A 74 3.53 9.12 7.47
CA PRO A 74 2.41 9.36 8.37
C PRO A 74 1.42 8.19 8.32
N ILE A 75 0.55 8.16 9.32
CA ILE A 75 -0.44 7.10 9.41
C ILE A 75 -1.60 7.42 8.46
N GLY A 76 -1.97 6.40 7.69
CA GLY A 76 -3.06 6.56 6.74
C GLY A 76 -2.53 6.86 5.34
N ALA A 77 -1.25 7.23 5.29
CA ALA A 77 -0.62 7.55 4.03
C ALA A 77 -0.43 6.27 3.21
N ILE A 78 -1.21 6.16 2.15
CA ILE A 78 -1.13 4.99 1.29
C ILE A 78 0.33 4.59 1.10
N ILE A 79 0.60 3.32 1.35
CA ILE A 79 1.96 2.81 1.20
C ILE A 79 2.07 2.05 -0.11
N CYS A 80 0.95 1.46 -0.53
CA CYS A 80 0.92 0.72 -1.77
C CYS A 80 -0.54 0.38 -2.08
N ILE A 81 -0.75 -0.17 -3.27
CA ILE A 81 -2.09 -0.54 -3.70
C ILE A 81 -2.11 -2.03 -4.07
N THR A 82 -3.30 -2.62 -3.98
CA THR A 82 -3.46 -4.02 -4.30
C THR A 82 -4.66 -4.22 -5.24
N VAL A 83 -4.56 -5.26 -6.04
CA VAL A 83 -5.63 -5.57 -7.00
C VAL A 83 -6.01 -7.04 -6.87
N GLY A 84 -6.83 -7.49 -7.80
CA GLY A 84 -7.29 -8.88 -7.80
C GLY A 84 -6.67 -9.65 -8.96
N LYS A 85 -6.32 -8.90 -10.01
CA LYS A 85 -5.73 -9.50 -11.18
C LYS A 85 -4.42 -8.78 -11.52
N PRO A 86 -3.51 -9.52 -12.21
CA PRO A 86 -2.23 -8.95 -12.59
C PRO A 86 -2.38 -8.00 -13.78
N GLU A 87 -3.53 -8.10 -14.43
CA GLU A 87 -3.82 -7.25 -15.57
C GLU A 87 -4.12 -5.82 -15.12
N ASP A 88 -4.78 -5.73 -13.97
CA ASP A 88 -5.14 -4.44 -13.42
C ASP A 88 -3.88 -3.74 -12.90
N ILE A 89 -2.84 -4.54 -12.71
CA ILE A 89 -1.57 -4.01 -12.22
C ILE A 89 -0.99 -3.06 -13.27
N GLU A 90 -0.87 -3.56 -14.49
CA GLU A 90 -0.33 -2.78 -15.58
C GLU A 90 -1.03 -1.41 -15.64
N ALA A 91 -2.29 -1.42 -15.25
CA ALA A 91 -3.08 -0.19 -15.25
C ALA A 91 -2.63 0.71 -14.10
N PHE A 92 -2.22 0.06 -13.01
CA PHE A 92 -1.76 0.79 -11.84
C PHE A 92 -0.26 1.10 -11.94
N LYS A 93 0.41 0.35 -12.80
CA LYS A 93 1.85 0.53 -12.99
C LYS A 93 2.14 2.02 -13.15
N ASN A 94 1.17 2.74 -13.69
CA ASN A 94 1.32 4.17 -13.90
C ASN A 94 0.23 4.91 -13.12
N TYR A 95 0.39 4.91 -11.81
CA TYR A 95 -0.57 5.58 -10.94
C TYR A 95 0.09 6.70 -10.15
N THR A 96 -0.74 7.65 -9.73
CA THR A 96 -0.24 8.78 -8.96
C THR A 96 -1.27 9.22 -7.92
N LEU A 97 -0.83 10.06 -7.01
CA LEU A 97 -1.70 10.56 -5.96
C LEU A 97 -2.35 11.87 -6.41
N ASP A 98 -3.37 11.74 -7.24
CA ASP A 98 -4.08 12.89 -7.76
C ASP A 98 -5.56 12.53 -7.97
N SER A 99 -6.43 13.41 -7.50
CA SER A 99 -7.86 13.20 -7.64
C SER A 99 -8.43 14.15 -8.69
N SER A 100 -8.17 15.43 -8.48
CA SER A 100 -8.65 16.45 -9.40
C SER A 100 -7.93 17.78 -9.12
N ALA A 101 -7.68 18.50 -10.20
CA ALA A 101 -7.00 19.78 -10.10
C ALA A 101 -7.77 20.69 -9.14
N ALA A 102 -9.01 20.98 -9.52
CA ALA A 102 -9.86 21.84 -8.70
C ALA A 102 -10.82 20.96 -7.90
N SER A 103 -11.64 20.20 -8.62
CA SER A 103 -12.60 19.33 -7.99
C SER A 103 -13.23 18.40 -9.03
N GLY A 104 -13.84 19.01 -10.04
CA GLY A 104 -14.47 18.27 -11.10
C GLY A 104 -15.43 17.21 -10.54
N PRO A 105 -15.51 16.06 -11.24
CA PRO A 105 -16.38 14.97 -10.82
C PRO A 105 -15.79 14.24 -9.62
N SER A 106 -16.66 13.55 -8.91
CA SER A 106 -16.24 12.79 -7.73
C SER A 106 -17.45 12.13 -7.08
N SER A 107 -17.55 10.83 -7.29
CA SER A 107 -18.66 10.06 -6.73
C SER A 107 -18.55 10.04 -5.20
N GLY A 108 -17.43 9.54 -4.73
CA GLY A 108 -17.20 9.46 -3.29
C GLY A 108 -18.40 8.85 -2.57
N GLY A 1 -13.86 5.95 -14.51
CA GLY A 1 -14.34 5.65 -13.16
C GLY A 1 -14.82 4.20 -13.07
N SER A 2 -16.13 4.04 -13.14
CA SER A 2 -16.72 2.71 -13.06
C SER A 2 -16.11 1.79 -14.12
N SER A 3 -15.75 0.59 -13.69
CA SER A 3 -15.14 -0.38 -14.57
C SER A 3 -13.98 0.25 -15.34
N GLY A 4 -12.79 0.09 -14.77
CA GLY A 4 -11.59 0.65 -15.38
C GLY A 4 -10.51 0.89 -14.33
N SER A 5 -9.62 -0.08 -14.20
CA SER A 5 -8.53 0.02 -13.24
C SER A 5 -9.10 0.18 -11.83
N SER A 6 -9.29 -0.94 -11.16
CA SER A 6 -9.82 -0.93 -9.81
C SER A 6 -8.77 -1.46 -8.83
N GLY A 7 -8.37 -0.59 -7.92
CA GLY A 7 -7.38 -0.95 -6.92
C GLY A 7 -7.81 -0.51 -5.52
N GLN A 8 -7.01 -0.90 -4.53
CA GLN A 8 -7.30 -0.55 -3.16
C GLN A 8 -6.08 0.10 -2.51
N LYS A 9 -6.30 1.31 -1.99
CA LYS A 9 -5.23 2.05 -1.34
C LYS A 9 -4.95 1.44 0.04
N VAL A 10 -3.68 1.38 0.38
CA VAL A 10 -3.27 0.83 1.66
C VAL A 10 -2.71 1.95 2.54
N PRO A 11 -3.59 2.46 3.44
CA PRO A 11 -3.19 3.53 4.33
C PRO A 11 -2.30 3.00 5.46
N LEU A 12 -1.13 3.60 5.57
CA LEU A 12 -0.18 3.20 6.60
C LEU A 12 -0.92 2.97 7.92
N PRO A 13 -1.15 1.67 8.22
CA PRO A 13 -1.85 1.30 9.44
C PRO A 13 -0.94 1.46 10.67
N SER A 14 -1.47 2.13 11.68
CA SER A 14 -0.73 2.38 12.90
C SER A 14 -0.44 1.05 13.60
N LEU A 15 0.82 0.64 13.54
CA LEU A 15 1.24 -0.61 14.15
C LEU A 15 1.71 -0.33 15.58
N SER A 16 1.24 0.79 16.12
CA SER A 16 1.61 1.18 17.47
C SER A 16 0.51 2.03 18.09
N PRO A 17 0.65 2.30 19.42
CA PRO A 17 -0.32 3.09 20.13
C PRO A 17 -0.19 4.57 19.79
N THR A 18 0.96 5.12 20.14
CA THR A 18 1.23 6.53 19.88
C THR A 18 1.96 6.69 18.54
N MET A 19 1.60 5.83 17.60
CA MET A 19 2.20 5.86 16.29
C MET A 19 1.67 7.03 15.46
N GLN A 20 2.56 7.99 15.19
CA GLN A 20 2.19 9.16 14.42
C GLN A 20 2.79 9.08 13.02
N ALA A 21 3.85 8.29 12.91
CA ALA A 21 4.53 8.13 11.64
C ALA A 21 5.48 6.93 11.73
N GLY A 22 5.73 6.32 10.56
CA GLY A 22 6.61 5.17 10.50
C GLY A 22 7.53 5.25 9.28
N THR A 23 8.33 4.21 9.11
CA THR A 23 9.25 4.16 7.99
C THR A 23 9.17 2.80 7.29
N ILE A 24 9.07 2.86 5.97
CA ILE A 24 8.98 1.66 5.17
C ILE A 24 10.32 0.91 5.22
N ALA A 25 10.46 0.08 6.24
CA ALA A 25 11.68 -0.69 6.41
C ALA A 25 12.05 -1.36 5.09
N ARG A 26 11.17 -2.27 4.68
CA ARG A 26 11.40 -3.00 3.44
C ARG A 26 10.06 -3.52 2.88
N TRP A 27 10.05 -3.77 1.58
CA TRP A 27 8.86 -4.27 0.93
C TRP A 27 9.05 -5.77 0.68
N GLU A 28 8.79 -6.54 1.73
CA GLU A 28 8.92 -7.99 1.65
C GLU A 28 8.44 -8.49 0.28
N LYS A 29 7.47 -7.77 -0.27
CA LYS A 29 6.92 -8.13 -1.56
C LYS A 29 7.25 -7.03 -2.58
N LYS A 30 6.92 -7.30 -3.84
CA LYS A 30 7.18 -6.35 -4.90
C LYS A 30 5.94 -6.24 -5.80
N GLU A 31 6.05 -5.38 -6.79
CA GLU A 31 4.95 -5.18 -7.72
C GLU A 31 4.74 -6.42 -8.58
N GLY A 32 3.49 -6.86 -8.64
CA GLY A 32 3.14 -8.04 -9.42
C GLY A 32 3.50 -9.31 -8.67
N ASP A 33 3.57 -9.19 -7.35
CA ASP A 33 3.89 -10.32 -6.51
C ASP A 33 2.65 -10.77 -5.74
N LYS A 34 2.38 -12.07 -5.81
CA LYS A 34 1.23 -12.63 -5.13
C LYS A 34 1.41 -12.47 -3.61
N ILE A 35 0.34 -12.01 -2.98
CA ILE A 35 0.37 -11.82 -1.53
C ILE A 35 -0.77 -12.60 -0.89
N ASN A 36 -0.39 -13.71 -0.27
CA ASN A 36 -1.37 -14.56 0.39
C ASN A 36 -1.58 -14.08 1.83
N GLU A 37 -2.82 -14.23 2.29
CA GLU A 37 -3.16 -13.81 3.64
C GLU A 37 -2.09 -14.28 4.63
N GLY A 38 -1.51 -13.32 5.32
CA GLY A 38 -0.48 -13.61 6.30
C GLY A 38 0.91 -13.28 5.76
N ASP A 39 1.04 -13.41 4.44
CA ASP A 39 2.31 -13.12 3.78
C ASP A 39 2.72 -11.69 4.10
N LEU A 40 3.94 -11.56 4.60
CA LEU A 40 4.47 -10.25 4.95
C LEU A 40 4.41 -9.34 3.72
N ILE A 41 3.80 -8.18 3.91
CA ILE A 41 3.66 -7.22 2.83
C ILE A 41 4.86 -6.26 2.87
N ALA A 42 5.19 -5.82 4.07
CA ALA A 42 6.31 -4.91 4.25
C ALA A 42 6.55 -4.69 5.74
N GLU A 43 7.71 -4.15 6.06
CA GLU A 43 8.08 -3.89 7.44
C GLU A 43 8.11 -2.38 7.71
N VAL A 44 7.63 -2.02 8.89
CA VAL A 44 7.59 -0.62 9.28
C VAL A 44 8.42 -0.43 10.55
N GLU A 45 9.19 0.66 10.56
CA GLU A 45 10.03 0.96 11.71
C GLU A 45 9.34 1.99 12.61
N THR A 46 8.96 1.52 13.80
CA THR A 46 8.29 2.38 14.76
C THR A 46 9.18 2.60 15.99
N ASP A 47 8.81 3.59 16.78
CA ASP A 47 9.55 3.90 17.99
C ASP A 47 9.76 2.62 18.80
N LYS A 48 8.87 1.67 18.58
CA LYS A 48 8.95 0.40 19.28
C LYS A 48 10.02 -0.48 18.62
N ALA A 49 9.86 -0.67 17.32
CA ALA A 49 10.80 -1.48 16.56
C ALA A 49 10.23 -1.72 15.16
N THR A 50 10.96 -2.53 14.40
CA THR A 50 10.55 -2.86 13.05
C THR A 50 9.42 -3.88 13.07
N VAL A 51 8.23 -3.42 12.70
CA VAL A 51 7.06 -4.27 12.68
C VAL A 51 6.92 -4.88 11.28
N GLY A 52 6.16 -5.97 11.22
CA GLY A 52 5.94 -6.65 9.96
C GLY A 52 4.45 -6.66 9.60
N PHE A 53 4.13 -5.94 8.52
CA PHE A 53 2.75 -5.86 8.07
C PHE A 53 2.37 -7.10 7.24
N GLU A 54 1.47 -7.89 7.79
CA GLU A 54 1.01 -9.09 7.12
C GLU A 54 -0.24 -8.80 6.30
N SER A 55 -0.44 -9.61 5.26
CA SER A 55 -1.58 -9.45 4.39
C SER A 55 -2.83 -10.05 5.05
N LEU A 56 -3.92 -9.30 4.97
CA LEU A 56 -5.18 -9.76 5.55
C LEU A 56 -6.16 -10.11 4.43
N GLU A 57 -5.60 -10.38 3.26
CA GLU A 57 -6.40 -10.73 2.10
C GLU A 57 -5.52 -11.32 1.00
N GLU A 58 -6.19 -11.88 0.00
CA GLU A 58 -5.48 -12.48 -1.11
C GLU A 58 -5.56 -11.57 -2.35
N CYS A 59 -4.41 -10.99 -2.68
CA CYS A 59 -4.34 -10.10 -3.83
C CYS A 59 -2.87 -9.93 -4.21
N TYR A 60 -2.63 -9.04 -5.16
CA TYR A 60 -1.29 -8.76 -5.61
C TYR A 60 -0.95 -7.28 -5.48
N MET A 61 0.35 -7.01 -5.41
CA MET A 61 0.82 -5.64 -5.28
C MET A 61 0.48 -4.82 -6.53
N ALA A 62 -0.45 -3.89 -6.35
CA ALA A 62 -0.87 -3.04 -7.46
C ALA A 62 0.20 -1.98 -7.71
N LYS A 63 0.49 -1.19 -6.68
CA LYS A 63 1.49 -0.14 -6.79
C LYS A 63 2.07 0.14 -5.41
N ILE A 64 3.34 0.54 -5.41
CA ILE A 64 4.02 0.84 -4.17
C ILE A 64 4.32 2.34 -4.10
N LEU A 65 3.29 3.10 -3.78
CA LEU A 65 3.42 4.54 -3.69
C LEU A 65 4.68 4.88 -2.89
N VAL A 66 4.71 4.41 -1.65
CA VAL A 66 5.85 4.65 -0.78
C VAL A 66 6.81 3.46 -0.85
N ALA A 67 8.04 3.76 -1.24
CA ALA A 67 9.06 2.72 -1.36
C ALA A 67 9.63 2.43 0.02
N GLU A 68 10.67 1.60 0.03
CA GLU A 68 11.33 1.23 1.28
C GLU A 68 12.43 2.23 1.61
N GLY A 69 12.43 2.67 2.86
CA GLY A 69 13.42 3.62 3.33
C GLY A 69 12.79 5.00 3.56
N THR A 70 11.65 5.20 2.93
CA THR A 70 10.93 6.47 3.05
C THR A 70 10.57 6.72 4.51
N ARG A 71 11.32 7.64 5.11
CA ARG A 71 11.09 7.99 6.51
C ARG A 71 10.15 9.19 6.61
N ASP A 72 9.47 9.29 7.74
CA ASP A 72 8.54 10.38 7.97
C ASP A 72 7.19 10.03 7.35
N VAL A 73 6.90 8.73 7.35
CA VAL A 73 5.64 8.25 6.79
C VAL A 73 4.54 8.39 7.84
N PRO A 74 3.56 9.27 7.53
CA PRO A 74 2.45 9.52 8.43
C PRO A 74 1.46 8.35 8.39
N ILE A 75 0.61 8.29 9.41
CA ILE A 75 -0.39 7.25 9.50
C ILE A 75 -1.57 7.59 8.59
N GLY A 76 -1.97 6.61 7.79
CA GLY A 76 -3.08 6.80 6.87
C GLY A 76 -2.58 7.09 5.46
N ALA A 77 -1.31 7.45 5.38
CA ALA A 77 -0.70 7.76 4.09
C ALA A 77 -0.54 6.46 3.29
N ILE A 78 -1.26 6.40 2.18
CA ILE A 78 -1.22 5.24 1.31
C ILE A 78 0.25 4.84 1.09
N ILE A 79 0.55 3.59 1.39
CA ILE A 79 1.89 3.07 1.23
C ILE A 79 1.98 2.31 -0.09
N CYS A 80 0.90 1.60 -0.40
CA CYS A 80 0.85 0.82 -1.63
C CYS A 80 -0.63 0.56 -1.96
N ILE A 81 -0.84 0.01 -3.15
CA ILE A 81 -2.19 -0.29 -3.61
C ILE A 81 -2.29 -1.77 -3.94
N THR A 82 -3.52 -2.28 -3.91
CA THR A 82 -3.76 -3.68 -4.22
C THR A 82 -4.92 -3.81 -5.21
N VAL A 83 -4.85 -4.86 -6.01
CA VAL A 83 -5.88 -5.12 -6.99
C VAL A 83 -6.41 -6.55 -6.82
N GLY A 84 -7.18 -6.98 -7.81
CA GLY A 84 -7.76 -8.31 -7.78
C GLY A 84 -7.14 -9.20 -8.85
N LYS A 85 -6.42 -8.56 -9.77
CA LYS A 85 -5.77 -9.28 -10.85
C LYS A 85 -4.45 -8.60 -11.19
N PRO A 86 -3.51 -9.41 -11.73
CA PRO A 86 -2.19 -8.90 -12.10
C PRO A 86 -2.28 -8.07 -13.39
N GLU A 87 -3.41 -8.20 -14.07
CA GLU A 87 -3.62 -7.48 -15.31
C GLU A 87 -3.91 -6.00 -15.03
N ASP A 88 -4.68 -5.79 -13.96
CA ASP A 88 -5.04 -4.44 -13.57
C ASP A 88 -3.81 -3.73 -12.98
N ILE A 89 -2.83 -4.53 -12.63
CA ILE A 89 -1.60 -4.00 -12.06
C ILE A 89 -0.88 -3.15 -13.10
N GLU A 90 -0.71 -3.74 -14.28
CA GLU A 90 -0.04 -3.04 -15.37
C GLU A 90 -0.59 -1.62 -15.50
N ALA A 91 -1.91 -1.51 -15.38
CA ALA A 91 -2.56 -0.22 -15.49
C ALA A 91 -2.13 0.66 -14.32
N PHE A 92 -1.94 0.03 -13.17
CA PHE A 92 -1.54 0.74 -11.98
C PHE A 92 -0.03 1.00 -11.98
N LYS A 93 0.67 0.20 -12.77
CA LYS A 93 2.11 0.32 -12.87
C LYS A 93 2.49 1.80 -12.96
N ASN A 94 1.66 2.54 -13.68
CA ASN A 94 1.89 3.97 -13.85
C ASN A 94 0.74 4.75 -13.20
N TYR A 95 0.70 4.69 -11.88
CA TYR A 95 -0.33 5.38 -11.12
C TYR A 95 0.26 6.53 -10.31
N THR A 96 -0.46 7.64 -10.28
CA THR A 96 -0.02 8.81 -9.55
C THR A 96 -1.19 9.48 -8.85
N LEU A 97 -0.94 9.96 -7.64
CA LEU A 97 -1.97 10.62 -6.86
C LEU A 97 -2.18 12.03 -7.41
N ASP A 98 -3.45 12.43 -7.46
CA ASP A 98 -3.80 13.75 -7.97
C ASP A 98 -5.21 14.11 -7.50
N SER A 99 -6.14 13.21 -7.79
CA SER A 99 -7.54 13.42 -7.41
C SER A 99 -8.18 12.08 -7.06
N SER A 100 -9.39 12.16 -6.53
CA SER A 100 -10.13 10.97 -6.15
C SER A 100 -9.33 10.17 -5.12
N ALA A 101 -9.42 10.61 -3.87
CA ALA A 101 -8.72 9.94 -2.80
C ALA A 101 -9.72 9.12 -1.96
N ALA A 102 -10.31 8.13 -2.62
CA ALA A 102 -11.27 7.27 -1.96
C ALA A 102 -11.45 6.00 -2.78
N SER A 103 -10.98 4.89 -2.22
CA SER A 103 -11.09 3.61 -2.90
C SER A 103 -12.07 2.71 -2.14
N GLY A 104 -13.22 2.48 -2.75
CA GLY A 104 -14.24 1.64 -2.16
C GLY A 104 -14.95 0.81 -3.21
N PRO A 105 -16.11 0.23 -2.81
CA PRO A 105 -16.91 -0.59 -3.71
C PRO A 105 -17.66 0.27 -4.72
N SER A 106 -18.41 -0.39 -5.58
CA SER A 106 -19.18 0.30 -6.59
C SER A 106 -20.48 0.86 -5.99
N SER A 107 -20.51 2.18 -5.86
CA SER A 107 -21.67 2.85 -5.30
C SER A 107 -21.89 2.38 -3.86
N GLY A 108 -22.62 3.19 -3.12
CA GLY A 108 -22.92 2.89 -1.73
C GLY A 108 -24.39 2.46 -1.56
N GLY A 1 -17.98 10.14 -6.17
CA GLY A 1 -17.34 8.86 -5.90
C GLY A 1 -16.96 8.14 -7.21
N SER A 2 -15.87 8.59 -7.80
CA SER A 2 -15.40 8.01 -9.04
C SER A 2 -13.95 7.55 -8.89
N SER A 3 -13.75 6.26 -9.05
CA SER A 3 -12.42 5.69 -8.94
C SER A 3 -12.00 5.05 -10.27
N GLY A 4 -12.88 4.17 -10.76
CA GLY A 4 -12.62 3.49 -12.02
C GLY A 4 -11.61 2.35 -11.83
N SER A 5 -10.37 2.73 -11.55
CA SER A 5 -9.31 1.77 -11.34
C SER A 5 -9.67 0.83 -10.19
N SER A 6 -9.98 -0.41 -10.56
CA SER A 6 -10.34 -1.41 -9.57
C SER A 6 -9.12 -1.79 -8.72
N GLY A 7 -8.83 -0.92 -7.75
CA GLY A 7 -7.71 -1.15 -6.87
C GLY A 7 -8.08 -0.84 -5.41
N GLN A 8 -7.13 -1.11 -4.52
CA GLN A 8 -7.35 -0.85 -3.10
C GLN A 8 -6.13 -0.14 -2.50
N LYS A 9 -6.40 1.00 -1.89
CA LYS A 9 -5.35 1.79 -1.28
C LYS A 9 -5.04 1.21 0.11
N VAL A 10 -3.75 1.20 0.44
CA VAL A 10 -3.31 0.69 1.72
C VAL A 10 -2.76 1.84 2.56
N PRO A 11 -3.65 2.37 3.45
CA PRO A 11 -3.27 3.47 4.32
C PRO A 11 -2.36 2.99 5.45
N LEU A 12 -1.17 3.58 5.52
CA LEU A 12 -0.21 3.22 6.55
C LEU A 12 -0.95 3.01 7.87
N PRO A 13 -1.18 1.71 8.21
CA PRO A 13 -1.88 1.37 9.44
C PRO A 13 -0.95 1.55 10.65
N SER A 14 -1.48 2.22 11.66
CA SER A 14 -0.71 2.47 12.87
C SER A 14 -0.41 1.14 13.57
N LEU A 15 0.85 0.76 13.51
CA LEU A 15 1.29 -0.48 14.14
C LEU A 15 1.75 -0.19 15.57
N SER A 16 1.23 0.90 16.12
CA SER A 16 1.59 1.30 17.47
C SER A 16 0.46 2.14 18.07
N PRO A 17 0.59 2.41 19.40
CA PRO A 17 -0.40 3.20 20.10
C PRO A 17 -0.27 4.69 19.76
N THR A 18 0.89 5.23 20.08
CA THR A 18 1.16 6.64 19.81
C THR A 18 1.93 6.79 18.50
N MET A 19 1.57 5.95 17.54
CA MET A 19 2.22 5.98 16.24
C MET A 19 1.69 7.15 15.39
N GLN A 20 2.55 8.12 15.19
CA GLN A 20 2.19 9.30 14.41
C GLN A 20 2.79 9.20 13.01
N ALA A 21 3.88 8.46 12.91
CA ALA A 21 4.56 8.27 11.64
C ALA A 21 5.55 7.11 11.75
N GLY A 22 5.75 6.44 10.64
CA GLY A 22 6.67 5.31 10.59
C GLY A 22 7.59 5.39 9.37
N THR A 23 8.33 4.32 9.16
CA THR A 23 9.25 4.26 8.03
C THR A 23 9.21 2.88 7.39
N ILE A 24 9.09 2.88 6.07
CA ILE A 24 9.04 1.63 5.32
C ILE A 24 10.40 0.95 5.39
N ALA A 25 10.54 0.07 6.37
CA ALA A 25 11.78 -0.66 6.55
C ALA A 25 12.15 -1.36 5.25
N ARG A 26 11.30 -2.28 4.84
CA ARG A 26 11.53 -3.03 3.62
C ARG A 26 10.19 -3.45 2.99
N TRP A 27 10.26 -3.80 1.71
CA TRP A 27 9.06 -4.23 0.99
C TRP A 27 9.19 -5.72 0.71
N GLU A 28 8.84 -6.50 1.73
CA GLU A 28 8.91 -7.96 1.60
C GLU A 28 8.36 -8.40 0.24
N LYS A 29 7.44 -7.60 -0.27
CA LYS A 29 6.83 -7.89 -1.56
C LYS A 29 7.15 -6.76 -2.55
N LYS A 30 7.13 -7.12 -3.82
CA LYS A 30 7.43 -6.16 -4.87
C LYS A 30 6.20 -6.00 -5.76
N GLU A 31 6.31 -5.07 -6.70
CA GLU A 31 5.21 -4.81 -7.63
C GLU A 31 5.00 -6.01 -8.55
N GLY A 32 3.75 -6.44 -8.63
CA GLY A 32 3.40 -7.57 -9.47
C GLY A 32 3.71 -8.90 -8.76
N ASP A 33 3.62 -8.86 -7.44
CA ASP A 33 3.89 -10.04 -6.64
C ASP A 33 2.59 -10.52 -5.99
N LYS A 34 2.43 -11.82 -5.95
CA LYS A 34 1.23 -12.41 -5.35
C LYS A 34 1.37 -12.40 -3.83
N ILE A 35 0.30 -11.98 -3.17
CA ILE A 35 0.29 -11.91 -1.72
C ILE A 35 -0.86 -12.77 -1.19
N ASN A 36 -0.56 -13.49 -0.11
CA ASN A 36 -1.55 -14.35 0.51
C ASN A 36 -1.81 -13.88 1.94
N GLU A 37 -3.07 -13.97 2.34
CA GLU A 37 -3.46 -13.56 3.67
C GLU A 37 -2.41 -14.01 4.70
N GLY A 38 -1.84 -13.03 5.38
CA GLY A 38 -0.82 -13.30 6.38
C GLY A 38 0.58 -13.02 5.83
N ASP A 39 0.79 -13.45 4.60
CA ASP A 39 2.08 -13.26 3.94
C ASP A 39 2.53 -11.81 4.15
N LEU A 40 3.69 -11.67 4.76
CA LEU A 40 4.25 -10.36 5.03
C LEU A 40 4.23 -9.53 3.73
N ILE A 41 3.80 -8.29 3.87
CA ILE A 41 3.73 -7.39 2.73
C ILE A 41 4.89 -6.40 2.79
N ALA A 42 5.19 -5.96 4.01
CA ALA A 42 6.27 -5.02 4.22
C ALA A 42 6.44 -4.77 5.72
N GLU A 43 7.58 -4.22 6.07
CA GLU A 43 7.88 -3.93 7.46
C GLU A 43 7.83 -2.42 7.71
N VAL A 44 7.78 -2.07 8.98
CA VAL A 44 7.73 -0.66 9.37
C VAL A 44 8.54 -0.46 10.65
N GLU A 45 9.33 0.60 10.66
CA GLU A 45 10.15 0.92 11.81
C GLU A 45 9.43 1.91 12.73
N THR A 46 9.19 1.46 13.95
CA THR A 46 8.51 2.29 14.93
C THR A 46 9.40 2.52 16.15
N ASP A 47 8.96 3.43 17.00
CA ASP A 47 9.72 3.75 18.21
C ASP A 47 9.93 2.46 19.02
N LYS A 48 9.11 1.47 18.73
CA LYS A 48 9.20 0.20 19.42
C LYS A 48 10.23 -0.69 18.72
N ALA A 49 10.08 -0.80 17.41
CA ALA A 49 10.99 -1.61 16.62
C ALA A 49 10.39 -1.83 15.23
N THR A 50 11.08 -2.64 14.43
CA THR A 50 10.63 -2.94 13.09
C THR A 50 9.48 -3.94 13.13
N VAL A 51 8.31 -3.49 12.70
CA VAL A 51 7.14 -4.33 12.68
C VAL A 51 6.99 -4.97 11.29
N GLY A 52 6.14 -5.98 11.22
CA GLY A 52 5.91 -6.68 9.97
C GLY A 52 4.43 -6.64 9.59
N PHE A 53 4.15 -5.92 8.51
CA PHE A 53 2.79 -5.79 8.03
C PHE A 53 2.40 -6.99 7.18
N GLU A 54 1.40 -7.73 7.67
CA GLU A 54 0.92 -8.90 6.96
C GLU A 54 -0.24 -8.53 6.04
N SER A 55 -0.59 -9.46 5.16
CA SER A 55 -1.68 -9.24 4.23
C SER A 55 -3.01 -9.54 4.91
N LEU A 56 -4.06 -8.90 4.40
CA LEU A 56 -5.39 -9.08 4.95
C LEU A 56 -6.14 -10.14 4.13
N GLU A 57 -5.70 -10.28 2.88
CA GLU A 57 -6.31 -11.25 1.99
C GLU A 57 -5.37 -11.58 0.83
N GLU A 58 -5.89 -12.34 -0.12
CA GLU A 58 -5.10 -12.73 -1.28
C GLU A 58 -5.24 -11.69 -2.39
N CYS A 59 -4.11 -11.31 -2.96
CA CYS A 59 -4.10 -10.33 -4.03
C CYS A 59 -2.64 -10.10 -4.45
N TYR A 60 -2.46 -9.11 -5.31
CA TYR A 60 -1.13 -8.77 -5.80
C TYR A 60 -0.84 -7.28 -5.59
N MET A 61 0.45 -6.96 -5.61
CA MET A 61 0.88 -5.59 -5.42
C MET A 61 0.49 -4.72 -6.63
N ALA A 62 -0.45 -3.82 -6.38
CA ALA A 62 -0.93 -2.94 -7.43
C ALA A 62 0.12 -1.85 -7.69
N LYS A 63 0.43 -1.11 -6.64
CA LYS A 63 1.42 -0.04 -6.74
C LYS A 63 2.01 0.22 -5.36
N ILE A 64 3.30 0.55 -5.36
CA ILE A 64 4.00 0.83 -4.11
C ILE A 64 4.32 2.32 -4.05
N LEU A 65 3.31 3.11 -3.74
CA LEU A 65 3.47 4.54 -3.64
C LEU A 65 4.73 4.86 -2.82
N VAL A 66 4.72 4.37 -1.58
CA VAL A 66 5.84 4.59 -0.70
C VAL A 66 6.79 3.39 -0.78
N ALA A 67 8.03 3.69 -1.16
CA ALA A 67 9.04 2.65 -1.28
C ALA A 67 9.66 2.38 0.10
N GLU A 68 10.67 1.51 0.09
CA GLU A 68 11.35 1.17 1.33
C GLU A 68 12.44 2.19 1.65
N GLY A 69 12.44 2.64 2.89
CA GLY A 69 13.43 3.62 3.34
C GLY A 69 12.78 4.98 3.55
N THR A 70 11.65 5.18 2.89
CA THR A 70 10.92 6.44 3.00
C THR A 70 10.63 6.75 4.46
N ARG A 71 11.40 7.67 5.01
CA ARG A 71 11.24 8.07 6.39
C ARG A 71 10.23 9.21 6.49
N ASP A 72 9.62 9.32 7.67
CA ASP A 72 8.64 10.37 7.91
C ASP A 72 7.31 9.99 7.23
N VAL A 73 6.93 8.73 7.42
CA VAL A 73 5.70 8.23 6.83
C VAL A 73 4.56 8.39 7.84
N PRO A 74 3.59 9.27 7.46
CA PRO A 74 2.45 9.54 8.32
C PRO A 74 1.46 8.37 8.28
N ILE A 75 0.59 8.34 9.29
CA ILE A 75 -0.40 7.30 9.38
C ILE A 75 -1.57 7.62 8.45
N GLY A 76 -1.94 6.63 7.65
CA GLY A 76 -3.04 6.79 6.71
C GLY A 76 -2.51 7.07 5.30
N ALA A 77 -1.23 7.44 5.23
CA ALA A 77 -0.60 7.72 3.96
C ALA A 77 -0.44 6.43 3.16
N ILE A 78 -1.26 6.31 2.13
CA ILE A 78 -1.22 5.12 1.27
C ILE A 78 0.24 4.72 1.05
N ILE A 79 0.53 3.48 1.43
CA ILE A 79 1.88 2.95 1.28
C ILE A 79 1.97 2.20 -0.06
N CYS A 80 0.88 1.53 -0.40
CA CYS A 80 0.82 0.76 -1.64
C CYS A 80 -0.64 0.53 -1.99
N ILE A 81 -0.86 -0.09 -3.14
CA ILE A 81 -2.20 -0.38 -3.60
C ILE A 81 -2.29 -1.86 -4.00
N THR A 82 -3.51 -2.37 -3.94
CA THR A 82 -3.75 -3.77 -4.29
C THR A 82 -4.87 -3.87 -5.33
N VAL A 83 -4.87 -4.99 -6.04
CA VAL A 83 -5.88 -5.23 -7.06
C VAL A 83 -6.44 -6.64 -6.90
N GLY A 84 -7.27 -7.02 -7.85
CA GLY A 84 -7.88 -8.35 -7.83
C GLY A 84 -7.24 -9.27 -8.86
N LYS A 85 -6.53 -8.65 -9.80
CA LYS A 85 -5.86 -9.40 -10.84
C LYS A 85 -4.58 -8.68 -11.24
N PRO A 86 -3.63 -9.46 -11.85
CA PRO A 86 -2.37 -8.90 -12.28
C PRO A 86 -2.54 -8.07 -13.56
N GLU A 87 -3.62 -8.36 -14.27
CA GLU A 87 -3.91 -7.65 -15.51
C GLU A 87 -4.13 -6.16 -15.23
N ASP A 88 -4.54 -5.88 -14.00
CA ASP A 88 -4.79 -4.51 -13.59
C ASP A 88 -3.49 -3.89 -13.08
N ILE A 89 -2.68 -4.72 -12.45
CA ILE A 89 -1.40 -4.26 -11.92
C ILE A 89 -0.71 -3.37 -12.96
N GLU A 90 -0.66 -3.87 -14.18
CA GLU A 90 -0.03 -3.12 -15.26
C GLU A 90 -0.62 -1.72 -15.34
N ALA A 91 -1.94 -1.65 -15.28
CA ALA A 91 -2.64 -0.38 -15.34
C ALA A 91 -2.27 0.46 -14.11
N PHE A 92 -2.05 -0.23 -13.01
CA PHE A 92 -1.70 0.43 -11.76
C PHE A 92 -0.19 0.66 -11.67
N LYS A 93 0.52 0.10 -12.65
CA LYS A 93 1.97 0.24 -12.69
C LYS A 93 2.33 1.71 -12.91
N ASN A 94 1.32 2.49 -13.27
CA ASN A 94 1.51 3.90 -13.52
C ASN A 94 0.38 4.69 -12.87
N TYR A 95 0.40 4.73 -11.55
CA TYR A 95 -0.62 5.45 -10.80
C TYR A 95 0.01 6.55 -9.94
N THR A 96 -0.42 7.78 -10.21
CA THR A 96 0.08 8.93 -9.47
C THR A 96 -1.04 9.58 -8.66
N LEU A 97 -0.64 10.29 -7.63
CA LEU A 97 -1.60 10.96 -6.77
C LEU A 97 -1.77 12.42 -7.25
N ASP A 98 -2.96 12.69 -7.75
CA ASP A 98 -3.27 14.03 -8.25
C ASP A 98 -4.67 14.04 -8.84
N SER A 99 -4.83 13.28 -9.91
CA SER A 99 -6.12 13.21 -10.59
C SER A 99 -6.21 11.89 -11.38
N SER A 100 -7.07 11.01 -10.91
CA SER A 100 -7.26 9.72 -11.56
C SER A 100 -7.55 9.93 -13.05
N ALA A 101 -7.74 8.83 -13.74
CA ALA A 101 -8.02 8.88 -15.17
C ALA A 101 -8.69 7.57 -15.60
N ALA A 102 -10.02 7.62 -15.67
CA ALA A 102 -10.79 6.45 -16.05
C ALA A 102 -11.69 6.82 -17.24
N SER A 103 -11.39 6.21 -18.38
CA SER A 103 -12.15 6.46 -19.58
C SER A 103 -12.58 5.14 -20.21
N GLY A 104 -13.89 4.96 -20.31
CA GLY A 104 -14.44 3.74 -20.88
C GLY A 104 -14.15 2.53 -19.99
N PRO A 105 -15.15 2.17 -19.15
CA PRO A 105 -15.02 1.05 -18.25
C PRO A 105 -15.14 -0.29 -19.01
N SER A 106 -16.11 -0.32 -19.91
CA SER A 106 -16.34 -1.51 -20.71
C SER A 106 -16.60 -1.13 -22.17
N SER A 107 -17.66 -0.36 -22.37
CA SER A 107 -18.02 0.07 -23.70
C SER A 107 -19.26 0.98 -23.63
N GLY A 108 -20.33 0.43 -23.08
CA GLY A 108 -21.57 1.17 -22.95
C GLY A 108 -22.26 1.31 -24.31
N GLY A 1 -17.98 -0.32 -22.12
CA GLY A 1 -17.02 0.77 -22.20
C GLY A 1 -15.60 0.28 -21.92
N SER A 2 -15.36 -0.03 -20.65
CA SER A 2 -14.05 -0.51 -20.24
C SER A 2 -14.15 -1.95 -19.75
N SER A 3 -13.03 -2.65 -19.82
CA SER A 3 -12.97 -4.03 -19.37
C SER A 3 -13.22 -4.12 -17.87
N GLY A 4 -12.42 -3.38 -17.12
CA GLY A 4 -12.54 -3.35 -15.67
C GLY A 4 -11.18 -3.10 -15.02
N SER A 5 -11.15 -2.08 -14.18
CA SER A 5 -9.93 -1.73 -13.48
C SER A 5 -10.26 -1.09 -12.13
N SER A 6 -9.73 -1.68 -11.08
CA SER A 6 -9.97 -1.17 -9.73
C SER A 6 -8.90 -1.72 -8.78
N GLY A 7 -8.46 -0.85 -7.88
CA GLY A 7 -7.44 -1.23 -6.92
C GLY A 7 -7.84 -0.80 -5.50
N GLN A 8 -7.08 -1.27 -4.53
CA GLN A 8 -7.35 -0.94 -3.14
C GLN A 8 -6.15 -0.22 -2.52
N LYS A 9 -6.42 0.93 -1.92
CA LYS A 9 -5.38 1.71 -1.29
C LYS A 9 -5.09 1.15 0.10
N VAL A 10 -3.81 1.10 0.43
CA VAL A 10 -3.40 0.59 1.73
C VAL A 10 -2.83 1.74 2.57
N PRO A 11 -3.70 2.27 3.47
CA PRO A 11 -3.30 3.37 4.33
C PRO A 11 -2.38 2.88 5.46
N LEU A 12 -1.23 3.53 5.54
CA LEU A 12 -0.25 3.17 6.56
C LEU A 12 -0.97 2.94 7.89
N PRO A 13 -1.15 1.63 8.22
CA PRO A 13 -1.82 1.26 9.47
C PRO A 13 -0.90 1.48 10.67
N SER A 14 -1.46 2.12 11.69
CA SER A 14 -0.71 2.40 12.90
C SER A 14 -0.36 1.09 13.61
N LEU A 15 0.92 0.75 13.58
CA LEU A 15 1.39 -0.47 14.21
C LEU A 15 1.84 -0.15 15.63
N SER A 16 1.29 0.92 16.17
CA SER A 16 1.63 1.35 17.51
C SER A 16 0.50 2.19 18.10
N PRO A 17 0.59 2.45 19.43
CA PRO A 17 -0.41 3.25 20.12
C PRO A 17 -0.25 4.73 19.79
N THR A 18 0.93 5.24 20.10
CA THR A 18 1.22 6.65 19.84
C THR A 18 1.97 6.81 18.52
N MET A 19 1.59 5.97 17.57
CA MET A 19 2.21 6.00 16.25
C MET A 19 1.66 7.16 15.41
N GLN A 20 2.55 8.09 15.10
CA GLN A 20 2.17 9.25 14.32
C GLN A 20 2.76 9.15 12.91
N ALA A 21 3.84 8.38 12.80
CA ALA A 21 4.50 8.19 11.53
C ALA A 21 5.47 7.01 11.63
N GLY A 22 5.67 6.34 10.50
CA GLY A 22 6.56 5.20 10.45
C GLY A 22 7.48 5.27 9.23
N THR A 23 8.32 4.26 9.09
CA THR A 23 9.25 4.20 7.98
C THR A 23 9.20 2.82 7.32
N ILE A 24 9.07 2.85 6.00
CA ILE A 24 9.01 1.61 5.24
C ILE A 24 10.37 0.93 5.26
N ALA A 25 10.56 0.09 6.26
CA ALA A 25 11.81 -0.64 6.41
C ALA A 25 12.17 -1.31 5.08
N ARG A 26 11.32 -2.27 4.70
CA ARG A 26 11.53 -2.99 3.46
C ARG A 26 10.20 -3.53 2.93
N TRP A 27 10.16 -3.71 1.62
CA TRP A 27 8.96 -4.21 0.97
C TRP A 27 9.13 -5.71 0.74
N GLU A 28 8.91 -6.47 1.79
CA GLU A 28 9.04 -7.92 1.72
C GLU A 28 8.51 -8.42 0.37
N LYS A 29 7.50 -7.73 -0.12
CA LYS A 29 6.89 -8.11 -1.40
C LYS A 29 7.24 -7.04 -2.45
N LYS A 30 6.98 -7.39 -3.70
CA LYS A 30 7.26 -6.49 -4.80
C LYS A 30 6.02 -6.39 -5.70
N GLU A 31 6.13 -5.53 -6.70
CA GLU A 31 5.03 -5.33 -7.64
C GLU A 31 4.80 -6.60 -8.46
N GLY A 32 3.53 -6.93 -8.62
CA GLY A 32 3.15 -8.11 -9.39
C GLY A 32 3.59 -9.39 -8.66
N ASP A 33 3.41 -9.38 -7.35
CA ASP A 33 3.77 -10.52 -6.53
C ASP A 33 2.54 -11.00 -5.75
N LYS A 34 2.18 -12.25 -5.98
CA LYS A 34 1.03 -12.84 -5.32
C LYS A 34 1.23 -12.77 -3.80
N ILE A 35 0.15 -12.42 -3.12
CA ILE A 35 0.19 -12.30 -1.67
C ILE A 35 -0.89 -13.19 -1.06
N ASN A 36 -0.50 -13.90 -0.01
CA ASN A 36 -1.42 -14.79 0.67
C ASN A 36 -1.70 -14.25 2.08
N GLU A 37 -2.98 -14.20 2.42
CA GLU A 37 -3.38 -13.72 3.73
C GLU A 37 -2.42 -14.22 4.80
N GLY A 38 -1.83 -13.27 5.50
CA GLY A 38 -0.89 -13.60 6.57
C GLY A 38 0.55 -13.27 6.14
N ASP A 39 0.82 -13.45 4.86
CA ASP A 39 2.13 -13.18 4.32
C ASP A 39 2.59 -11.79 4.77
N LEU A 40 3.89 -11.56 4.66
CA LEU A 40 4.46 -10.28 5.07
C LEU A 40 4.48 -9.34 3.85
N ILE A 41 3.69 -8.28 3.95
CA ILE A 41 3.61 -7.31 2.87
C ILE A 41 4.85 -6.42 2.91
N ALA A 42 5.18 -5.95 4.11
CA ALA A 42 6.34 -5.11 4.29
C ALA A 42 6.54 -4.83 5.78
N GLU A 43 7.72 -4.33 6.10
CA GLU A 43 8.05 -4.02 7.49
C GLU A 43 8.05 -2.50 7.71
N VAL A 44 7.80 -2.12 8.96
CA VAL A 44 7.77 -0.71 9.31
C VAL A 44 8.54 -0.50 10.62
N GLU A 45 9.37 0.53 10.62
CA GLU A 45 10.17 0.85 11.79
C GLU A 45 9.47 1.92 12.63
N THR A 46 9.18 1.56 13.86
CA THR A 46 8.51 2.48 14.78
C THR A 46 9.37 2.69 16.03
N ASP A 47 9.01 3.73 16.78
CA ASP A 47 9.73 4.05 18.00
C ASP A 47 10.02 2.77 18.77
N LYS A 48 9.16 1.79 18.57
CA LYS A 48 9.30 0.51 19.25
C LYS A 48 10.39 -0.30 18.55
N ALA A 49 10.07 -0.76 17.35
CA ALA A 49 11.00 -1.55 16.57
C ALA A 49 10.41 -1.81 15.17
N THR A 50 11.12 -2.62 14.40
CA THR A 50 10.68 -2.94 13.06
C THR A 50 9.55 -3.98 13.11
N VAL A 51 8.37 -3.53 12.69
CA VAL A 51 7.20 -4.39 12.68
C VAL A 51 7.06 -5.03 11.29
N GLY A 52 6.22 -6.06 11.23
CA GLY A 52 5.99 -6.76 9.98
C GLY A 52 4.52 -6.68 9.59
N PHE A 53 4.26 -5.88 8.57
CA PHE A 53 2.89 -5.71 8.08
C PHE A 53 2.47 -6.91 7.23
N GLU A 54 1.48 -7.63 7.74
CA GLU A 54 0.97 -8.79 7.04
C GLU A 54 -0.23 -8.41 6.16
N SER A 55 -0.54 -9.29 5.22
CA SER A 55 -1.64 -9.06 4.31
C SER A 55 -2.97 -9.29 5.03
N LEU A 56 -4.03 -8.73 4.46
CA LEU A 56 -5.36 -8.87 5.03
C LEU A 56 -6.17 -9.83 4.17
N GLU A 57 -5.72 -10.02 2.95
CA GLU A 57 -6.40 -10.92 2.02
C GLU A 57 -5.47 -11.30 0.87
N GLU A 58 -5.93 -12.25 0.06
CA GLU A 58 -5.15 -12.71 -1.07
C GLU A 58 -5.34 -11.77 -2.26
N CYS A 59 -4.26 -11.08 -2.61
CA CYS A 59 -4.31 -10.15 -3.73
C CYS A 59 -2.88 -9.98 -4.26
N TYR A 60 -2.74 -9.07 -5.21
CA TYR A 60 -1.44 -8.81 -5.80
C TYR A 60 -1.07 -7.33 -5.66
N MET A 61 0.23 -7.09 -5.55
CA MET A 61 0.73 -5.73 -5.42
C MET A 61 0.37 -4.88 -6.64
N ALA A 62 -0.46 -3.88 -6.40
CA ALA A 62 -0.89 -3.00 -7.46
C ALA A 62 0.19 -1.94 -7.71
N LYS A 63 0.41 -1.12 -6.69
CA LYS A 63 1.40 -0.06 -6.78
C LYS A 63 1.99 0.20 -5.39
N ILE A 64 3.27 0.55 -5.37
CA ILE A 64 3.95 0.83 -4.13
C ILE A 64 4.25 2.33 -4.04
N LEU A 65 3.22 3.08 -3.67
CA LEU A 65 3.36 4.52 -3.54
C LEU A 65 4.62 4.85 -2.73
N VAL A 66 4.63 4.34 -1.51
CA VAL A 66 5.77 4.56 -0.63
C VAL A 66 6.73 3.38 -0.73
N ALA A 67 7.97 3.70 -1.10
CA ALA A 67 8.99 2.68 -1.24
C ALA A 67 9.63 2.41 0.12
N GLU A 68 10.66 1.58 0.11
CA GLU A 68 11.37 1.24 1.32
C GLU A 68 12.44 2.27 1.63
N GLY A 69 12.44 2.73 2.87
CA GLY A 69 13.42 3.72 3.30
C GLY A 69 12.75 5.09 3.52
N THR A 70 11.61 5.26 2.87
CA THR A 70 10.87 6.50 3.00
C THR A 70 10.52 6.78 4.46
N ARG A 71 11.27 7.72 5.03
CA ARG A 71 11.05 8.10 6.42
C ARG A 71 10.13 9.31 6.50
N ASP A 72 9.41 9.38 7.62
CA ASP A 72 8.48 10.47 7.84
C ASP A 72 7.13 10.12 7.23
N VAL A 73 6.83 8.82 7.24
CA VAL A 73 5.57 8.34 6.69
C VAL A 73 4.48 8.45 7.76
N PRO A 74 3.48 9.32 7.47
CA PRO A 74 2.37 9.53 8.39
C PRO A 74 1.40 8.34 8.36
N ILE A 75 0.56 8.28 9.38
CA ILE A 75 -0.41 7.21 9.48
C ILE A 75 -1.59 7.50 8.55
N GLY A 76 -2.00 6.47 7.83
CA GLY A 76 -3.11 6.60 6.90
C GLY A 76 -2.61 6.88 5.48
N ALA A 77 -1.37 7.36 5.42
CA ALA A 77 -0.77 7.67 4.13
C ALA A 77 -0.58 6.38 3.33
N ILE A 78 -1.36 6.25 2.28
CA ILE A 78 -1.28 5.07 1.42
C ILE A 78 0.18 4.67 1.25
N ILE A 79 0.44 3.40 1.47
CA ILE A 79 1.80 2.87 1.35
C ILE A 79 1.91 2.12 0.02
N CYS A 80 0.81 1.50 -0.38
CA CYS A 80 0.78 0.74 -1.62
C CYS A 80 -0.68 0.47 -1.98
N ILE A 81 -0.87 -0.12 -3.15
CA ILE A 81 -2.20 -0.45 -3.62
C ILE A 81 -2.25 -1.91 -4.03
N THR A 82 -3.46 -2.47 -3.99
CA THR A 82 -3.65 -3.86 -4.35
C THR A 82 -4.80 -3.99 -5.35
N VAL A 83 -4.75 -5.08 -6.11
CA VAL A 83 -5.78 -5.34 -7.11
C VAL A 83 -6.24 -6.80 -6.99
N GLY A 84 -7.05 -7.21 -7.97
CA GLY A 84 -7.56 -8.57 -7.98
C GLY A 84 -6.99 -9.34 -9.18
N LYS A 85 -6.32 -8.61 -10.06
CA LYS A 85 -5.72 -9.22 -11.23
C LYS A 85 -4.44 -8.46 -11.60
N PRO A 86 -3.53 -9.18 -12.29
CA PRO A 86 -2.27 -8.59 -12.70
C PRO A 86 -2.47 -7.65 -13.88
N GLU A 87 -3.58 -7.85 -14.58
CA GLU A 87 -3.90 -7.03 -15.74
C GLU A 87 -4.06 -5.56 -15.32
N ASP A 88 -4.57 -5.37 -14.10
CA ASP A 88 -4.77 -4.04 -13.58
C ASP A 88 -3.43 -3.48 -13.10
N ILE A 89 -2.62 -4.36 -12.54
CA ILE A 89 -1.31 -3.97 -12.04
C ILE A 89 -0.63 -3.06 -13.06
N GLU A 90 -0.55 -3.55 -14.29
CA GLU A 90 0.07 -2.80 -15.36
C GLU A 90 -0.61 -1.43 -15.51
N ALA A 91 -1.92 -1.42 -15.25
CA ALA A 91 -2.68 -0.19 -15.36
C ALA A 91 -2.38 0.70 -14.15
N PHE A 92 -1.85 0.07 -13.11
CA PHE A 92 -1.51 0.79 -11.89
C PHE A 92 0.00 1.05 -11.81
N LYS A 93 0.73 0.36 -12.68
CA LYS A 93 2.18 0.52 -12.72
C LYS A 93 2.53 1.98 -12.93
N ASN A 94 1.57 2.73 -13.45
CA ASN A 94 1.76 4.14 -13.71
C ASN A 94 0.65 4.94 -13.02
N TYR A 95 0.69 4.93 -11.69
CA TYR A 95 -0.30 5.65 -10.92
C TYR A 95 0.37 6.69 -10.01
N THR A 96 -0.37 7.76 -9.75
CA THR A 96 0.13 8.83 -8.91
C THR A 96 -0.99 9.37 -8.02
N LEU A 97 -0.59 10.18 -7.04
CA LEU A 97 -1.54 10.77 -6.12
C LEU A 97 -1.98 12.14 -6.65
N ASP A 98 -3.26 12.23 -6.97
CA ASP A 98 -3.82 13.47 -7.49
C ASP A 98 -5.34 13.45 -7.32
N SER A 99 -5.93 12.36 -7.78
CA SER A 99 -7.38 12.21 -7.70
C SER A 99 -7.73 10.89 -7.01
N SER A 100 -8.08 10.99 -5.74
CA SER A 100 -8.43 9.82 -4.96
C SER A 100 -9.96 9.67 -4.90
N ALA A 101 -10.61 10.72 -4.43
CA ALA A 101 -12.06 10.72 -4.31
C ALA A 101 -12.66 10.09 -5.57
N ALA A 102 -13.87 9.57 -5.41
CA ALA A 102 -14.56 8.93 -6.52
C ALA A 102 -13.77 7.71 -6.98
N SER A 103 -14.16 6.56 -6.47
CA SER A 103 -13.51 5.31 -6.82
C SER A 103 -14.47 4.41 -7.59
N GLY A 104 -15.58 4.09 -6.94
CA GLY A 104 -16.59 3.24 -7.55
C GLY A 104 -17.22 2.31 -6.51
N PRO A 105 -18.37 1.71 -6.91
CA PRO A 105 -19.08 0.81 -6.02
C PRO A 105 -18.37 -0.54 -5.93
N SER A 106 -17.49 -0.64 -4.95
CA SER A 106 -16.74 -1.87 -4.75
C SER A 106 -17.23 -2.57 -3.48
N SER A 107 -17.43 -3.88 -3.60
CA SER A 107 -17.89 -4.68 -2.47
C SER A 107 -19.23 -4.14 -1.98
N GLY A 108 -20.30 -4.75 -2.46
CA GLY A 108 -21.64 -4.34 -2.06
C GLY A 108 -22.40 -5.50 -1.43
N GLY A 1 -3.67 6.99 -18.58
CA GLY A 1 -4.78 6.34 -19.27
C GLY A 1 -6.10 7.06 -18.97
N SER A 2 -7.19 6.35 -19.24
CA SER A 2 -8.51 6.91 -19.00
C SER A 2 -9.53 5.78 -18.86
N SER A 3 -10.19 5.73 -17.72
CA SER A 3 -11.19 4.71 -17.46
C SER A 3 -10.52 3.34 -17.41
N GLY A 4 -10.93 2.55 -16.42
CA GLY A 4 -10.39 1.22 -16.24
C GLY A 4 -9.39 1.18 -15.10
N SER A 5 -9.91 1.28 -13.88
CA SER A 5 -9.08 1.26 -12.69
C SER A 5 -9.89 0.79 -11.49
N SER A 6 -9.43 -0.29 -10.88
CA SER A 6 -10.11 -0.84 -9.71
C SER A 6 -9.10 -1.54 -8.81
N GLY A 7 -8.59 -0.80 -7.84
CA GLY A 7 -7.62 -1.34 -6.91
C GLY A 7 -8.00 -1.01 -5.46
N GLN A 8 -7.06 -1.24 -4.56
CA GLN A 8 -7.29 -0.97 -3.15
C GLN A 8 -6.08 -0.26 -2.55
N LYS A 9 -6.34 0.91 -1.98
CA LYS A 9 -5.29 1.70 -1.36
C LYS A 9 -4.97 1.11 0.01
N VAL A 10 -3.68 1.13 0.34
CA VAL A 10 -3.22 0.61 1.62
C VAL A 10 -2.69 1.75 2.47
N PRO A 11 -3.58 2.27 3.36
CA PRO A 11 -3.22 3.37 4.23
C PRO A 11 -2.31 2.89 5.37
N LEU A 12 -1.14 3.49 5.46
CA LEU A 12 -0.19 3.14 6.49
C LEU A 12 -0.93 2.89 7.80
N PRO A 13 -1.15 1.58 8.09
CA PRO A 13 -1.84 1.19 9.31
C PRO A 13 -0.93 1.35 10.54
N SER A 14 -1.48 2.00 11.57
CA SER A 14 -0.73 2.22 12.79
C SER A 14 -0.44 0.88 13.48
N LEU A 15 0.83 0.49 13.42
CA LEU A 15 1.25 -0.76 14.02
C LEU A 15 1.72 -0.48 15.46
N SER A 16 1.22 0.61 16.01
CA SER A 16 1.58 0.99 17.37
C SER A 16 0.46 1.83 17.99
N PRO A 17 0.60 2.07 19.32
CA PRO A 17 -0.39 2.86 20.04
C PRO A 17 -0.25 4.34 19.72
N THR A 18 0.89 4.90 20.09
CA THR A 18 1.15 6.31 19.84
C THR A 18 1.90 6.48 18.51
N MET A 19 1.55 5.64 17.55
CA MET A 19 2.16 5.69 16.24
C MET A 19 1.66 6.90 15.45
N GLN A 20 2.59 7.80 15.17
CA GLN A 20 2.25 9.01 14.42
C GLN A 20 2.84 8.94 13.01
N ALA A 21 3.89 8.14 12.88
CA ALA A 21 4.55 7.97 11.60
C ALA A 21 5.48 6.76 11.66
N GLY A 22 5.76 6.21 10.49
CA GLY A 22 6.63 5.05 10.39
C GLY A 22 7.57 5.16 9.19
N THR A 23 8.38 4.13 9.01
CA THR A 23 9.32 4.09 7.91
C THR A 23 9.30 2.74 7.22
N ILE A 24 9.03 2.77 5.93
CA ILE A 24 8.97 1.54 5.14
C ILE A 24 10.35 0.88 5.14
N ALA A 25 10.53 -0.04 6.08
CA ALA A 25 11.78 -0.75 6.20
C ALA A 25 12.10 -1.43 4.87
N ARG A 26 11.24 -2.37 4.49
CA ARG A 26 11.43 -3.10 3.25
C ARG A 26 10.10 -3.70 2.79
N TRP A 27 9.95 -3.80 1.48
CA TRP A 27 8.75 -4.36 0.89
C TRP A 27 8.99 -5.84 0.62
N GLU A 28 8.69 -6.66 1.62
CA GLU A 28 8.88 -8.09 1.50
C GLU A 28 8.49 -8.56 0.10
N LYS A 29 7.35 -8.05 -0.37
CA LYS A 29 6.86 -8.40 -1.68
C LYS A 29 7.28 -7.33 -2.69
N LYS A 30 6.89 -7.55 -3.94
CA LYS A 30 7.23 -6.62 -5.01
C LYS A 30 5.99 -6.38 -5.87
N GLU A 31 6.19 -5.60 -6.93
CA GLU A 31 5.11 -5.29 -7.84
C GLU A 31 4.79 -6.50 -8.73
N GLY A 32 3.52 -6.89 -8.71
CA GLY A 32 3.07 -8.02 -9.50
C GLY A 32 3.31 -9.34 -8.76
N ASP A 33 3.64 -9.21 -7.47
CA ASP A 33 3.90 -10.37 -6.65
C ASP A 33 2.61 -10.80 -5.94
N LYS A 34 2.36 -12.10 -5.97
CA LYS A 34 1.18 -12.65 -5.35
C LYS A 34 1.29 -12.50 -3.83
N ILE A 35 0.18 -12.10 -3.21
CA ILE A 35 0.15 -11.92 -1.77
C ILE A 35 -0.96 -12.80 -1.18
N ASN A 36 -0.60 -13.50 -0.11
CA ASN A 36 -1.54 -14.37 0.56
C ASN A 36 -1.78 -13.87 1.99
N GLU A 37 -3.05 -13.94 2.40
CA GLU A 37 -3.42 -13.49 3.73
C GLU A 37 -2.40 -13.97 4.76
N GLY A 38 -1.76 -13.01 5.40
CA GLY A 38 -0.76 -13.33 6.41
C GLY A 38 0.65 -12.96 5.93
N ASP A 39 0.92 -13.32 4.68
CA ASP A 39 2.21 -13.02 4.09
C ASP A 39 2.62 -11.60 4.43
N LEU A 40 3.87 -11.45 4.84
CA LEU A 40 4.40 -10.14 5.19
C LEU A 40 4.41 -9.24 3.96
N ILE A 41 3.71 -8.13 4.07
CA ILE A 41 3.64 -7.18 2.97
C ILE A 41 4.90 -6.31 2.96
N ALA A 42 5.24 -5.81 4.14
CA ALA A 42 6.42 -4.98 4.29
C ALA A 42 6.63 -4.65 5.77
N GLU A 43 7.88 -4.33 6.10
CA GLU A 43 8.22 -4.00 7.47
C GLU A 43 8.27 -2.48 7.65
N VAL A 44 7.80 -2.04 8.81
CA VAL A 44 7.79 -0.62 9.12
C VAL A 44 8.51 -0.38 10.45
N GLU A 45 9.32 0.66 10.46
CA GLU A 45 10.07 1.00 11.66
C GLU A 45 9.33 2.07 12.47
N THR A 46 8.96 1.69 13.69
CA THR A 46 8.24 2.59 14.57
C THR A 46 9.15 3.06 15.71
N ASP A 47 8.59 3.90 16.56
CA ASP A 47 9.34 4.44 17.69
C ASP A 47 9.58 3.31 18.70
N LYS A 48 8.95 2.18 18.44
CA LYS A 48 9.09 1.01 19.31
C LYS A 48 10.13 0.06 18.72
N ALA A 49 9.94 -0.23 17.44
CA ALA A 49 10.85 -1.13 16.74
C ALA A 49 10.30 -1.43 15.34
N THR A 50 10.97 -2.35 14.66
CA THR A 50 10.56 -2.72 13.32
C THR A 50 9.35 -3.66 13.39
N VAL A 51 8.26 -3.21 12.78
CA VAL A 51 7.04 -3.99 12.75
C VAL A 51 6.90 -4.70 11.40
N GLY A 52 6.00 -5.66 11.35
CA GLY A 52 5.76 -6.41 10.13
C GLY A 52 4.30 -6.32 9.71
N PHE A 53 4.08 -5.73 8.55
CA PHE A 53 2.73 -5.58 8.03
C PHE A 53 2.30 -6.82 7.25
N GLU A 54 1.32 -7.50 7.80
CA GLU A 54 0.81 -8.72 7.17
C GLU A 54 -0.41 -8.39 6.29
N SER A 55 -0.60 -9.22 5.27
CA SER A 55 -1.72 -9.03 4.36
C SER A 55 -3.03 -9.38 5.05
N LEU A 56 -4.09 -8.72 4.62
CA LEU A 56 -5.40 -8.96 5.18
C LEU A 56 -6.19 -9.90 4.27
N GLU A 57 -5.75 -9.96 3.02
CA GLU A 57 -6.40 -10.82 2.05
C GLU A 57 -5.43 -11.19 0.93
N GLU A 58 -5.83 -12.17 0.12
CA GLU A 58 -5.00 -12.61 -0.98
C GLU A 58 -5.20 -11.71 -2.20
N CYS A 59 -4.18 -10.90 -2.48
CA CYS A 59 -4.23 -9.99 -3.60
C CYS A 59 -2.82 -9.86 -4.19
N TYR A 60 -2.68 -8.98 -5.17
CA TYR A 60 -1.41 -8.76 -5.81
C TYR A 60 -0.93 -7.31 -5.62
N MET A 61 0.37 -7.16 -5.54
CA MET A 61 0.96 -5.85 -5.37
C MET A 61 0.65 -4.93 -6.56
N ALA A 62 -0.35 -4.08 -6.37
CA ALA A 62 -0.76 -3.17 -7.41
C ALA A 62 0.35 -2.14 -7.64
N LYS A 63 0.51 -1.27 -6.65
CA LYS A 63 1.53 -0.23 -6.73
C LYS A 63 2.07 0.05 -5.33
N ILE A 64 3.35 0.40 -5.28
CA ILE A 64 4.00 0.69 -4.02
C ILE A 64 4.34 2.19 -3.96
N LEU A 65 3.30 2.98 -3.71
CA LEU A 65 3.48 4.42 -3.63
C LEU A 65 4.72 4.74 -2.80
N VAL A 66 4.68 4.30 -1.55
CA VAL A 66 5.80 4.52 -0.65
C VAL A 66 6.78 3.34 -0.75
N ALA A 67 8.00 3.66 -1.16
CA ALA A 67 9.02 2.64 -1.29
C ALA A 67 9.65 2.37 0.08
N GLU A 68 10.68 1.52 0.07
CA GLU A 68 11.36 1.18 1.30
C GLU A 68 12.46 2.20 1.59
N GLY A 69 12.42 2.73 2.80
CA GLY A 69 13.39 3.73 3.22
C GLY A 69 12.73 5.07 3.50
N THR A 70 11.58 5.28 2.85
CA THR A 70 10.84 6.51 3.02
C THR A 70 10.59 6.79 4.50
N ARG A 71 11.35 7.73 5.04
CA ARG A 71 11.22 8.09 6.44
C ARG A 71 10.27 9.27 6.59
N ASP A 72 9.55 9.27 7.71
CA ASP A 72 8.60 10.34 7.99
C ASP A 72 7.26 10.00 7.34
N VAL A 73 6.93 8.72 7.36
CA VAL A 73 5.67 8.25 6.79
C VAL A 73 4.57 8.37 7.83
N PRO A 74 3.57 9.24 7.52
CA PRO A 74 2.45 9.44 8.41
C PRO A 74 1.48 8.27 8.36
N ILE A 75 0.65 8.17 9.40
CA ILE A 75 -0.32 7.10 9.48
C ILE A 75 -1.48 7.39 8.53
N GLY A 76 -1.89 6.35 7.81
CA GLY A 76 -2.98 6.48 6.86
C GLY A 76 -2.45 6.78 5.46
N ALA A 77 -1.23 7.27 5.42
CA ALA A 77 -0.61 7.60 4.15
C ALA A 77 -0.43 6.33 3.33
N ILE A 78 -1.19 6.25 2.25
CA ILE A 78 -1.13 5.08 1.37
C ILE A 78 0.32 4.66 1.19
N ILE A 79 0.57 3.39 1.46
CA ILE A 79 1.92 2.84 1.33
C ILE A 79 2.02 2.05 0.04
N CYS A 80 0.90 1.49 -0.37
CA CYS A 80 0.85 0.70 -1.60
C CYS A 80 -0.62 0.42 -1.93
N ILE A 81 -0.82 -0.15 -3.11
CA ILE A 81 -2.16 -0.48 -3.55
C ILE A 81 -2.25 -1.98 -3.84
N THR A 82 -3.47 -2.49 -3.75
CA THR A 82 -3.70 -3.90 -4.00
C THR A 82 -4.82 -4.10 -5.02
N VAL A 83 -4.65 -5.09 -5.87
CA VAL A 83 -5.63 -5.39 -6.91
C VAL A 83 -6.07 -6.84 -6.78
N GLY A 84 -6.86 -7.27 -7.76
CA GLY A 84 -7.36 -8.64 -7.77
C GLY A 84 -6.82 -9.40 -8.98
N LYS A 85 -6.30 -8.64 -9.93
CA LYS A 85 -5.75 -9.23 -11.15
C LYS A 85 -4.47 -8.48 -11.54
N PRO A 86 -3.60 -9.20 -12.30
CA PRO A 86 -2.34 -8.62 -12.74
C PRO A 86 -2.58 -7.63 -13.89
N GLU A 87 -3.72 -7.80 -14.56
CA GLU A 87 -4.06 -6.94 -15.67
C GLU A 87 -4.28 -5.51 -15.19
N ASP A 88 -4.57 -5.39 -13.90
CA ASP A 88 -4.80 -4.09 -13.29
C ASP A 88 -3.48 -3.55 -12.73
N ILE A 89 -2.57 -4.47 -12.45
CA ILE A 89 -1.27 -4.11 -11.91
C ILE A 89 -0.55 -3.19 -12.90
N GLU A 90 -0.69 -3.54 -14.17
CA GLU A 90 -0.05 -2.75 -15.22
C GLU A 90 -0.71 -1.37 -15.32
N ALA A 91 -2.01 -1.34 -15.05
CA ALA A 91 -2.75 -0.10 -15.11
C ALA A 91 -2.38 0.77 -13.90
N PHE A 92 -1.89 0.11 -12.87
CA PHE A 92 -1.49 0.81 -11.66
C PHE A 92 0.01 1.08 -11.65
N LYS A 93 0.73 0.29 -12.42
CA LYS A 93 2.17 0.43 -12.52
C LYS A 93 2.53 1.91 -12.63
N ASN A 94 1.61 2.66 -13.23
CA ASN A 94 1.81 4.09 -13.40
C ASN A 94 0.60 4.85 -12.85
N TYR A 95 0.56 4.92 -11.52
CA TYR A 95 -0.54 5.61 -10.85
C TYR A 95 -0.02 6.82 -10.06
N THR A 96 -0.91 7.79 -9.89
CA THR A 96 -0.55 8.99 -9.16
C THR A 96 -1.80 9.60 -8.50
N LEU A 97 -1.65 9.92 -7.22
CA LEU A 97 -2.75 10.50 -6.46
C LEU A 97 -2.92 11.97 -6.86
N ASP A 98 -4.13 12.30 -7.30
CA ASP A 98 -4.42 13.65 -7.71
C ASP A 98 -5.87 13.99 -7.34
N SER A 99 -6.02 15.06 -6.57
CA SER A 99 -7.34 15.50 -6.14
C SER A 99 -7.24 16.88 -5.50
N SER A 100 -8.32 17.64 -5.65
CA SER A 100 -8.38 18.99 -5.10
C SER A 100 -8.01 18.96 -3.62
N ALA A 101 -8.79 18.19 -2.86
CA ALA A 101 -8.56 18.06 -1.44
C ALA A 101 -8.98 16.66 -0.98
N ALA A 102 -10.27 16.38 -1.13
CA ALA A 102 -10.82 15.10 -0.75
C ALA A 102 -11.99 14.74 -1.67
N SER A 103 -12.22 13.45 -1.81
CA SER A 103 -13.30 12.96 -2.64
C SER A 103 -14.43 12.43 -1.77
N GLY A 104 -14.09 11.45 -0.94
CA GLY A 104 -15.06 10.84 -0.05
C GLY A 104 -14.40 10.36 1.24
N PRO A 105 -14.94 9.23 1.77
CA PRO A 105 -14.40 8.65 2.99
C PRO A 105 -13.07 7.95 2.74
N SER A 106 -13.06 7.12 1.70
CA SER A 106 -11.87 6.38 1.33
C SER A 106 -11.37 5.58 2.53
N SER A 107 -11.89 4.37 2.65
CA SER A 107 -11.50 3.49 3.75
C SER A 107 -11.88 2.05 3.41
N GLY A 108 -13.17 1.84 3.18
CA GLY A 108 -13.67 0.52 2.86
C GLY A 108 -14.65 0.58 1.69
N GLY A 1 -20.49 7.56 -17.27
CA GLY A 1 -19.13 7.10 -17.44
C GLY A 1 -18.36 7.13 -16.11
N SER A 2 -18.79 6.28 -15.20
CA SER A 2 -18.16 6.20 -13.89
C SER A 2 -17.51 4.83 -13.70
N SER A 3 -16.29 4.71 -14.23
CA SER A 3 -15.55 3.46 -14.13
C SER A 3 -14.16 3.64 -14.72
N GLY A 4 -13.16 3.45 -13.87
CA GLY A 4 -11.78 3.59 -14.29
C GLY A 4 -10.81 3.30 -13.14
N SER A 5 -9.95 2.32 -13.36
CA SER A 5 -8.98 1.94 -12.35
C SER A 5 -9.69 1.29 -11.16
N SER A 6 -9.42 0.01 -10.97
CA SER A 6 -10.02 -0.74 -9.88
C SER A 6 -8.94 -1.39 -9.02
N GLY A 7 -8.68 -0.78 -7.87
CA GLY A 7 -7.68 -1.29 -6.96
C GLY A 7 -8.07 -1.02 -5.50
N GLN A 8 -7.09 -1.11 -4.64
CA GLN A 8 -7.31 -0.89 -3.21
C GLN A 8 -6.11 -0.17 -2.59
N LYS A 9 -6.39 1.00 -2.02
CA LYS A 9 -5.35 1.79 -1.40
C LYS A 9 -5.07 1.25 0.01
N VAL A 10 -3.79 1.19 0.34
CA VAL A 10 -3.38 0.70 1.64
C VAL A 10 -2.82 1.84 2.48
N PRO A 11 -3.70 2.39 3.37
CA PRO A 11 -3.30 3.50 4.22
C PRO A 11 -2.39 3.01 5.36
N LEU A 12 -1.22 3.64 5.44
CA LEU A 12 -0.27 3.28 6.48
C LEU A 12 -1.00 3.04 7.79
N PRO A 13 -1.20 1.73 8.10
CA PRO A 13 -1.89 1.35 9.32
C PRO A 13 -0.98 1.53 10.54
N SER A 14 -1.53 2.18 11.56
CA SER A 14 -0.78 2.44 12.78
C SER A 14 -0.47 1.12 13.49
N LEU A 15 0.81 0.75 13.44
CA LEU A 15 1.25 -0.48 14.06
C LEU A 15 1.71 -0.19 15.49
N SER A 16 1.18 0.88 16.04
CA SER A 16 1.51 1.29 17.39
C SER A 16 0.39 2.13 17.99
N PRO A 17 0.50 2.38 19.33
CA PRO A 17 -0.50 3.16 20.03
C PRO A 17 -0.37 4.65 19.70
N THR A 18 0.80 5.19 20.03
CA THR A 18 1.07 6.60 19.78
C THR A 18 1.83 6.77 18.46
N MET A 19 1.48 5.93 17.50
CA MET A 19 2.11 5.97 16.19
C MET A 19 1.61 7.17 15.39
N GLN A 20 2.54 8.06 15.07
CA GLN A 20 2.21 9.24 14.30
C GLN A 20 2.78 9.13 12.88
N ALA A 21 3.87 8.38 12.77
CA ALA A 21 4.51 8.18 11.49
C ALA A 21 5.50 7.01 11.59
N GLY A 22 5.64 6.30 10.48
CA GLY A 22 6.53 5.16 10.43
C GLY A 22 7.45 5.24 9.20
N THR A 23 8.32 4.25 9.09
CA THR A 23 9.26 4.20 7.98
C THR A 23 9.19 2.82 7.30
N ILE A 24 9.01 2.87 5.98
CA ILE A 24 8.93 1.65 5.21
C ILE A 24 10.29 0.94 5.21
N ALA A 25 10.47 0.08 6.19
CA ALA A 25 11.71 -0.66 6.33
C ALA A 25 12.04 -1.34 5.00
N ARG A 26 11.18 -2.27 4.61
CA ARG A 26 11.37 -3.00 3.37
C ARG A 26 10.03 -3.48 2.82
N TRP A 27 10.05 -3.92 1.58
CA TRP A 27 8.84 -4.40 0.93
C TRP A 27 9.01 -5.90 0.65
N GLU A 28 8.63 -6.70 1.64
CA GLU A 28 8.75 -8.13 1.53
C GLU A 28 8.23 -8.60 0.16
N LYS A 29 7.25 -7.86 -0.35
CA LYS A 29 6.67 -8.19 -1.65
C LYS A 29 6.90 -7.01 -2.60
N LYS A 30 6.92 -7.35 -3.89
CA LYS A 30 7.13 -6.34 -4.92
C LYS A 30 5.83 -6.17 -5.73
N GLU A 31 5.94 -5.39 -6.80
CA GLU A 31 4.80 -5.14 -7.66
C GLU A 31 4.57 -6.33 -8.58
N GLY A 32 3.38 -6.92 -8.47
CA GLY A 32 3.02 -8.06 -9.29
C GLY A 32 3.30 -9.37 -8.55
N ASP A 33 3.72 -9.22 -7.30
CA ASP A 33 4.03 -10.39 -6.48
C ASP A 33 2.75 -10.85 -5.77
N LYS A 34 2.50 -12.15 -5.87
CA LYS A 34 1.32 -12.73 -5.24
C LYS A 34 1.45 -12.62 -3.72
N ILE A 35 0.34 -12.27 -3.09
CA ILE A 35 0.32 -12.13 -1.64
C ILE A 35 -0.77 -13.04 -1.06
N ASN A 36 -0.39 -13.78 -0.04
CA ASN A 36 -1.32 -14.69 0.62
C ASN A 36 -1.60 -14.18 2.03
N GLU A 37 -2.88 -14.17 2.37
CA GLU A 37 -3.31 -13.72 3.68
C GLU A 37 -2.33 -14.19 4.75
N GLY A 38 -1.79 -13.23 5.48
CA GLY A 38 -0.83 -13.54 6.53
C GLY A 38 0.59 -13.17 6.10
N ASP A 39 0.91 -13.53 4.87
CA ASP A 39 2.22 -13.26 4.31
C ASP A 39 2.61 -11.80 4.62
N LEU A 40 3.90 -11.58 4.72
CA LEU A 40 4.41 -10.25 4.99
C LEU A 40 4.39 -9.41 3.71
N ILE A 41 3.95 -8.17 3.85
CA ILE A 41 3.87 -7.27 2.72
C ILE A 41 5.04 -6.28 2.77
N ALA A 42 5.27 -5.76 3.97
CA ALA A 42 6.35 -4.80 4.17
C ALA A 42 6.57 -4.61 5.67
N GLU A 43 7.75 -4.07 6.00
CA GLU A 43 8.09 -3.82 7.39
C GLU A 43 8.09 -2.32 7.68
N VAL A 44 7.76 -1.99 8.92
CA VAL A 44 7.72 -0.60 9.33
C VAL A 44 8.53 -0.43 10.61
N GLU A 45 9.42 0.56 10.59
CA GLU A 45 10.25 0.84 11.75
C GLU A 45 9.56 1.83 12.68
N THR A 46 9.26 1.34 13.88
CA THR A 46 8.60 2.18 14.88
C THR A 46 9.49 2.34 16.11
N ASP A 47 9.22 3.40 16.87
CA ASP A 47 9.98 3.69 18.06
C ASP A 47 10.16 2.39 18.87
N LYS A 48 9.22 1.49 18.69
CA LYS A 48 9.25 0.22 19.39
C LYS A 48 10.27 -0.70 18.72
N ALA A 49 10.18 -0.78 17.41
CA ALA A 49 11.09 -1.62 16.64
C ALA A 49 10.51 -1.84 15.24
N THR A 50 11.20 -2.69 14.49
CA THR A 50 10.77 -3.00 13.13
C THR A 50 9.59 -3.97 13.15
N VAL A 51 8.46 -3.48 12.68
CA VAL A 51 7.25 -4.29 12.64
C VAL A 51 7.11 -4.91 11.26
N GLY A 52 6.22 -5.89 11.16
CA GLY A 52 5.98 -6.57 9.91
C GLY A 52 4.49 -6.51 9.53
N PHE A 53 4.22 -5.78 8.45
CA PHE A 53 2.85 -5.64 7.98
C PHE A 53 2.43 -6.86 7.14
N GLU A 54 1.49 -7.61 7.69
CA GLU A 54 0.99 -8.79 7.02
C GLU A 54 -0.23 -8.44 6.17
N SER A 55 -0.59 -9.37 5.30
CA SER A 55 -1.74 -9.17 4.42
C SER A 55 -3.03 -9.53 5.16
N LEU A 56 -4.12 -8.94 4.69
CA LEU A 56 -5.42 -9.18 5.30
C LEU A 56 -6.26 -10.05 4.37
N GLU A 57 -5.87 -10.05 3.10
CA GLU A 57 -6.58 -10.83 2.10
C GLU A 57 -5.64 -11.19 0.95
N GLU A 58 -6.05 -12.20 0.19
CA GLU A 58 -5.26 -12.66 -0.94
C GLU A 58 -5.41 -11.69 -2.11
N CYS A 59 -4.27 -11.19 -2.59
CA CYS A 59 -4.28 -10.26 -3.70
C CYS A 59 -2.82 -10.04 -4.13
N TYR A 60 -2.66 -9.12 -5.08
CA TYR A 60 -1.33 -8.80 -5.59
C TYR A 60 -1.04 -7.31 -5.46
N MET A 61 0.24 -6.99 -5.41
CA MET A 61 0.67 -5.61 -5.30
C MET A 61 0.37 -4.82 -6.58
N ALA A 62 -0.43 -3.79 -6.43
CA ALA A 62 -0.81 -2.96 -7.56
C ALA A 62 0.27 -1.89 -7.77
N LYS A 63 0.56 -1.16 -6.71
CA LYS A 63 1.56 -0.11 -6.76
C LYS A 63 2.08 0.16 -5.34
N ILE A 64 3.37 0.48 -5.28
CA ILE A 64 4.00 0.77 -4.00
C ILE A 64 4.34 2.26 -3.93
N LEU A 65 3.31 3.05 -3.71
CA LEU A 65 3.47 4.49 -3.62
C LEU A 65 4.71 4.80 -2.77
N VAL A 66 4.66 4.34 -1.53
CA VAL A 66 5.77 4.56 -0.60
C VAL A 66 6.72 3.36 -0.67
N ALA A 67 7.95 3.65 -1.07
CA ALA A 67 8.97 2.61 -1.18
C ALA A 67 9.64 2.43 0.17
N GLU A 68 10.61 1.52 0.20
CA GLU A 68 11.34 1.23 1.43
C GLU A 68 12.39 2.31 1.68
N GLY A 69 12.50 2.69 2.95
CA GLY A 69 13.46 3.72 3.33
C GLY A 69 12.78 5.07 3.51
N THR A 70 11.60 5.18 2.91
CA THR A 70 10.84 6.42 2.99
C THR A 70 10.48 6.73 4.45
N ARG A 71 11.23 7.66 5.03
CA ARG A 71 11.01 8.05 6.40
C ARG A 71 10.08 9.27 6.46
N ASP A 72 9.38 9.39 7.59
CA ASP A 72 8.46 10.49 7.78
C ASP A 72 7.11 10.14 7.16
N VAL A 73 6.79 8.85 7.20
CA VAL A 73 5.53 8.37 6.64
C VAL A 73 4.44 8.48 7.71
N PRO A 74 3.45 9.36 7.43
CA PRO A 74 2.34 9.57 8.35
C PRO A 74 1.36 8.40 8.30
N ILE A 75 0.52 8.34 9.32
CA ILE A 75 -0.48 7.28 9.41
C ILE A 75 -1.64 7.59 8.47
N GLY A 76 -2.01 6.59 7.68
CA GLY A 76 -3.10 6.74 6.74
C GLY A 76 -2.57 6.99 5.32
N ALA A 77 -1.34 7.49 5.26
CA ALA A 77 -0.72 7.78 3.98
C ALA A 77 -0.54 6.48 3.21
N ILE A 78 -1.30 6.34 2.15
CA ILE A 78 -1.23 5.14 1.32
C ILE A 78 0.23 4.72 1.16
N ILE A 79 0.47 3.45 1.43
CA ILE A 79 1.82 2.90 1.32
C ILE A 79 1.95 2.13 0.01
N CYS A 80 0.83 1.53 -0.40
CA CYS A 80 0.82 0.76 -1.64
C CYS A 80 -0.64 0.47 -1.99
N ILE A 81 -0.82 -0.16 -3.15
CA ILE A 81 -2.16 -0.49 -3.62
C ILE A 81 -2.22 -1.99 -3.93
N THR A 82 -3.43 -2.53 -3.86
CA THR A 82 -3.63 -3.95 -4.13
C THR A 82 -4.78 -4.14 -5.13
N VAL A 83 -4.65 -5.18 -5.94
CA VAL A 83 -5.67 -5.48 -6.93
C VAL A 83 -6.06 -6.96 -6.83
N GLY A 84 -6.86 -7.39 -7.79
CA GLY A 84 -7.30 -8.77 -7.81
C GLY A 84 -6.73 -9.52 -9.02
N LYS A 85 -6.14 -8.74 -9.93
CA LYS A 85 -5.54 -9.31 -11.13
C LYS A 85 -4.33 -8.46 -11.53
N PRO A 86 -3.42 -9.11 -12.31
CA PRO A 86 -2.22 -8.43 -12.77
C PRO A 86 -2.54 -7.45 -13.91
N GLU A 87 -3.62 -7.76 -14.62
CA GLU A 87 -4.05 -6.93 -15.72
C GLU A 87 -4.22 -5.48 -15.26
N ASP A 88 -4.54 -5.33 -13.99
CA ASP A 88 -4.73 -4.01 -13.41
C ASP A 88 -3.40 -3.50 -12.87
N ILE A 89 -2.56 -4.44 -12.46
CA ILE A 89 -1.25 -4.09 -11.93
C ILE A 89 -0.52 -3.19 -12.92
N GLU A 90 -0.64 -3.54 -14.19
CA GLU A 90 0.00 -2.78 -15.24
C GLU A 90 -0.62 -1.39 -15.35
N ALA A 91 -1.91 -1.33 -15.10
CA ALA A 91 -2.64 -0.07 -15.15
C ALA A 91 -2.25 0.79 -13.94
N PHE A 92 -1.94 0.11 -12.85
CA PHE A 92 -1.55 0.79 -11.63
C PHE A 92 -0.05 1.04 -11.59
N LYS A 93 0.67 0.23 -12.35
CA LYS A 93 2.12 0.34 -12.42
C LYS A 93 2.50 1.80 -12.68
N ASN A 94 1.56 2.53 -13.28
CA ASN A 94 1.78 3.93 -13.59
C ASN A 94 0.64 4.76 -13.00
N TYR A 95 0.65 4.86 -11.68
CA TYR A 95 -0.37 5.63 -10.99
C TYR A 95 0.25 6.75 -10.17
N THR A 96 -0.47 7.87 -10.12
CA THR A 96 -0.01 9.03 -9.38
C THR A 96 -1.17 9.71 -8.67
N LEU A 97 -0.87 10.27 -7.50
CA LEU A 97 -1.89 10.97 -6.72
C LEU A 97 -2.07 12.38 -7.28
N ASP A 98 -3.04 13.08 -6.70
CA ASP A 98 -3.32 14.44 -7.12
C ASP A 98 -4.57 14.94 -6.39
N SER A 99 -4.34 15.85 -5.45
CA SER A 99 -5.44 16.41 -4.67
C SER A 99 -6.14 17.50 -5.48
N SER A 100 -7.28 17.14 -6.03
CA SER A 100 -8.07 18.07 -6.83
C SER A 100 -9.25 18.60 -6.01
N ALA A 101 -9.72 19.78 -6.39
CA ALA A 101 -10.83 20.40 -5.71
C ALA A 101 -12.01 20.54 -6.67
N ALA A 102 -13.21 20.54 -6.11
CA ALA A 102 -14.41 20.66 -6.90
C ALA A 102 -14.38 19.62 -8.02
N SER A 103 -15.00 18.48 -7.74
CA SER A 103 -15.06 17.39 -8.70
C SER A 103 -16.30 16.53 -8.46
N GLY A 104 -16.36 15.97 -7.25
CA GLY A 104 -17.48 15.13 -6.87
C GLY A 104 -17.05 14.09 -5.84
N PRO A 105 -17.34 14.41 -4.55
CA PRO A 105 -17.00 13.52 -3.46
C PRO A 105 -17.95 12.32 -3.41
N SER A 106 -19.22 12.59 -3.71
CA SER A 106 -20.23 11.55 -3.71
C SER A 106 -20.37 10.96 -2.30
N SER A 107 -21.61 10.76 -1.90
CA SER A 107 -21.89 10.20 -0.59
C SER A 107 -21.24 11.06 0.49
N GLY A 108 -22.04 11.94 1.07
CA GLY A 108 -21.55 12.81 2.12
C GLY A 108 -21.84 12.24 3.51
#